data_8ZFM
#
_entry.id   8ZFM
#
_cell.length_a   1.00
_cell.length_b   1.00
_cell.length_c   1.00
_cell.angle_alpha   90.00
_cell.angle_beta   90.00
_cell.angle_gamma   90.00
#
_symmetry.space_group_name_H-M   'P 1'
#
loop_
_entity.id
_entity.type
_entity.pdbx_description
1 polymer 'Betaine receptor acr-23,Soluble cytochrome b562'
2 branched 2-acetamido-2-deoxy-beta-D-glucopyranose-(1-4)-2-acetamido-2-deoxy-beta-D-glucopyranose
3 non-polymer 2-acetamido-2-deoxy-beta-D-glucopyranose
4 non-polymer 'TRIMETHYL GLYCINE'
5 water water
#
_entity_poly.entity_id   1
_entity_poly.type   'polypeptide(L)'
_entity_poly.pdbx_seq_one_letter_code
;MHRIYTFLIFISQLALGLSNNPDIPIQYELANNIMENYQKGLIPKVRKGSPINVTLSLQLYQIIQVNEPQQYLLLNAWAV
ERWVDQMLGWDPSEFDNETEIMARHDDIWLPDTTLYNSLEMDDSASKKLTHVKLTTLGKNQGAMVELLYPTIYKISCLLN
LKYFPFDTQTCRMTFGSWSFDNSLIDYFPRTFTNGPIGLANFLENDAWSVLGTKVNREEKKYTCCPVNYTLLHYDVVIQR
KPLYYVLNLIAPTAVITFISIIGFFTSSSVHDLRQEKITLGITTLLSMSIMIFMVSDKMPSTSTCVPLIALFYTLMITII
SVGTLAASSVIFVQKLGSIGNPPASKTMKWTHRIAPFVLIQMPLVMKQAYAKRAKEEKHRKRMSRKMAEAGAMADLEDNW
ETLNDNLKVIEKADNAAQVKDALTKMRAAALDAQKATPPKLEDKSPDSPEMKDFRHGFDILVGQIDDALKLANEGKVKEA
QAAAEQLKTTRNAYIQKYLSQTSETFAAPMDTSFTESLHIPELNRVASSNSIQSVLKPTEIQLTPYCTRNIVELEWDWVA
AVLERVFLIFFTICFLFSAIGINLYGWYIWYTENHFLFLEGTKLVPRGSSSGWSHPQFEK
;
_entity_poly.pdbx_strand_id   D,A,B,C,E
#
# COMPACT_ATOMS: atom_id res chain seq x y z
N PRO A 22 13.20 -52.53 37.27
CA PRO A 22 12.82 -51.74 38.44
C PRO A 22 11.86 -50.61 38.10
N ASP A 23 12.22 -49.38 38.45
CA ASP A 23 11.38 -48.22 38.18
C ASP A 23 11.63 -47.61 36.81
N ILE A 24 12.67 -48.04 36.09
CA ILE A 24 12.99 -47.50 34.77
C ILE A 24 12.00 -48.07 33.74
N PRO A 25 11.45 -47.23 32.87
CA PRO A 25 10.52 -47.74 31.86
C PRO A 25 11.24 -48.60 30.84
N ILE A 26 10.47 -49.50 30.20
CA ILE A 26 11.06 -50.38 29.20
C ILE A 26 11.42 -49.62 27.93
N GLN A 27 10.74 -48.51 27.65
CA GLN A 27 11.09 -47.72 26.47
C GLN A 27 12.44 -47.05 26.63
N TYR A 28 12.85 -46.74 27.86
CA TYR A 28 14.19 -46.23 28.09
C TYR A 28 15.24 -47.25 27.67
N GLU A 29 15.06 -48.51 28.08
CA GLU A 29 15.98 -49.56 27.68
C GLU A 29 15.94 -49.79 26.18
N LEU A 30 14.74 -49.74 25.59
CA LEU A 30 14.61 -49.90 24.14
C LEU A 30 15.39 -48.84 23.39
N ALA A 31 15.21 -47.58 23.76
CA ALA A 31 15.90 -46.50 23.07
C ALA A 31 17.40 -46.52 23.34
N ASN A 32 17.82 -46.96 24.53
CA ASN A 32 19.25 -47.09 24.79
C ASN A 32 19.85 -48.23 23.99
N ASN A 33 19.08 -49.28 23.71
CA ASN A 33 19.61 -50.43 22.98
C ASN A 33 19.67 -50.16 21.49
N ILE A 34 18.57 -49.71 20.88
CA ILE A 34 18.55 -49.53 19.44
C ILE A 34 19.46 -48.37 19.03
N MET A 35 19.46 -47.29 19.80
CA MET A 35 20.31 -46.14 19.51
C MET A 35 21.64 -46.21 20.26
N GLU A 36 22.31 -47.36 20.17
CA GLU A 36 23.60 -47.57 20.82
C GLU A 36 24.76 -47.30 19.87
N ASN A 37 24.83 -48.06 18.77
CA ASN A 37 25.84 -47.86 17.75
C ASN A 37 25.33 -47.09 16.55
N TYR A 38 24.12 -46.55 16.65
CA TYR A 38 23.52 -45.82 15.54
C TYR A 38 24.24 -44.51 15.30
N GLN A 39 24.45 -44.19 14.03
CA GLN A 39 25.03 -42.91 13.61
C GLN A 39 24.03 -42.22 12.70
N LYS A 40 23.49 -41.09 13.17
CA LYS A 40 22.45 -40.36 12.45
C LYS A 40 22.97 -39.53 11.30
N GLY A 41 24.29 -39.35 11.19
CA GLY A 41 24.87 -38.61 10.10
C GLY A 41 25.14 -39.42 8.85
N LEU A 42 24.79 -40.69 8.83
CA LEU A 42 25.03 -41.56 7.69
C LEU A 42 23.75 -42.30 7.33
N ILE A 43 23.60 -42.60 6.04
CA ILE A 43 22.39 -43.26 5.57
C ILE A 43 22.34 -44.68 6.14
N PRO A 44 21.22 -45.08 6.76
CA PRO A 44 21.09 -46.43 7.33
C PRO A 44 20.77 -47.48 6.26
N LYS A 45 21.80 -47.85 5.49
CA LYS A 45 21.65 -48.81 4.39
C LYS A 45 22.63 -49.94 4.62
N VAL A 46 22.21 -50.94 5.40
CA VAL A 46 23.05 -52.11 5.64
C VAL A 46 23.22 -52.91 4.36
N ARG A 47 22.12 -53.16 3.65
CA ARG A 47 22.19 -53.87 2.39
C ARG A 47 22.81 -52.98 1.31
N LYS A 48 23.61 -53.59 0.44
CA LYS A 48 24.44 -52.81 -0.47
C LYS A 48 23.71 -52.43 -1.75
N GLY A 49 23.01 -53.37 -2.37
CA GLY A 49 22.53 -53.16 -3.73
C GLY A 49 21.07 -52.76 -3.87
N SER A 50 20.59 -51.86 -3.02
CA SER A 50 19.21 -51.38 -3.14
C SER A 50 19.07 -50.03 -2.47
N PRO A 51 18.33 -49.11 -3.07
CA PRO A 51 18.14 -47.79 -2.45
C PRO A 51 17.17 -47.86 -1.29
N ILE A 52 17.01 -46.71 -0.63
CA ILE A 52 16.04 -46.56 0.45
C ILE A 52 14.75 -46.01 -0.14
N ASN A 53 13.67 -46.77 -0.04
CA ASN A 53 12.38 -46.35 -0.57
C ASN A 53 11.70 -45.41 0.41
N VAL A 54 11.36 -44.21 -0.05
CA VAL A 54 10.67 -43.22 0.76
C VAL A 54 9.29 -42.97 0.14
N THR A 55 8.25 -43.11 0.94
CA THR A 55 6.87 -43.00 0.48
C THR A 55 6.29 -41.69 1.02
N LEU A 56 6.25 -40.66 0.17
CA LEU A 56 5.73 -39.36 0.56
C LEU A 56 4.25 -39.28 0.22
N SER A 57 3.45 -38.87 1.20
CA SER A 57 2.01 -38.70 1.04
C SER A 57 1.65 -37.29 1.45
N LEU A 58 0.78 -36.64 0.67
CA LEU A 58 0.44 -35.24 0.86
C LEU A 58 -1.06 -35.06 1.05
N GLN A 59 -1.43 -34.22 2.01
CA GLN A 59 -2.80 -33.78 2.21
C GLN A 59 -2.85 -32.27 2.11
N LEU A 60 -3.84 -31.76 1.38
CA LEU A 60 -4.06 -30.32 1.27
C LEU A 60 -5.04 -29.88 2.33
N TYR A 61 -4.64 -28.91 3.14
CA TYR A 61 -5.47 -28.38 4.22
C TYR A 61 -5.99 -26.97 3.95
N GLN A 62 -5.25 -26.15 3.22
CA GLN A 62 -5.65 -24.77 3.00
C GLN A 62 -4.82 -24.18 1.87
N ILE A 63 -5.43 -23.27 1.12
CA ILE A 63 -4.74 -22.45 0.13
C ILE A 63 -4.69 -21.05 0.71
N ILE A 64 -3.54 -20.69 1.28
CA ILE A 64 -3.44 -19.43 2.02
C ILE A 64 -3.47 -18.24 1.07
N GLN A 65 -2.73 -18.31 -0.03
CA GLN A 65 -2.58 -17.15 -0.91
C GLN A 65 -2.13 -17.61 -2.28
N VAL A 66 -2.84 -17.17 -3.31
CA VAL A 66 -2.38 -17.31 -4.69
C VAL A 66 -1.90 -15.93 -5.12
N ASN A 67 -0.59 -15.70 -5.01
CA ASN A 67 0.00 -14.39 -5.24
C ASN A 67 0.37 -14.28 -6.72
N GLU A 68 -0.55 -13.74 -7.51
CA GLU A 68 -0.29 -13.51 -8.92
C GLU A 68 0.90 -12.59 -9.18
N PRO A 69 1.07 -11.44 -8.49
CA PRO A 69 2.18 -10.55 -8.83
C PRO A 69 3.56 -11.16 -8.68
N GLN A 70 3.74 -12.19 -7.85
CA GLN A 70 5.07 -12.73 -7.60
C GLN A 70 5.16 -14.22 -7.93
N GLN A 71 4.18 -14.77 -8.64
CA GLN A 71 4.23 -16.15 -9.15
C GLN A 71 4.43 -17.17 -8.04
N TYR A 72 3.82 -16.93 -6.88
CA TYR A 72 3.97 -17.84 -5.75
C TYR A 72 2.63 -18.17 -5.13
N LEU A 73 2.45 -19.43 -4.79
CA LEU A 73 1.25 -19.94 -4.13
C LEU A 73 1.62 -20.45 -2.75
N LEU A 74 0.84 -20.07 -1.74
CA LEU A 74 1.10 -20.44 -0.35
C LEU A 74 0.13 -21.55 0.04
N LEU A 75 0.66 -22.75 0.25
CA LEU A 75 -0.13 -23.92 0.59
C LEU A 75 0.13 -24.34 2.03
N ASN A 76 -0.87 -24.99 2.63
CA ASN A 76 -0.77 -25.56 3.97
C ASN A 76 -1.05 -27.05 3.83
N ALA A 77 0.00 -27.86 3.80
CA ALA A 77 -0.10 -29.28 3.53
C ALA A 77 0.24 -30.10 4.77
N TRP A 78 -0.19 -31.36 4.74
CA TRP A 78 0.14 -32.34 5.77
C TRP A 78 0.94 -33.46 5.10
N ALA A 79 2.22 -33.55 5.44
CA ALA A 79 3.13 -34.48 4.78
C ALA A 79 3.41 -35.67 5.69
N VAL A 80 3.28 -36.87 5.13
CA VAL A 80 3.61 -38.11 5.82
C VAL A 80 4.72 -38.80 5.04
N GLU A 81 5.76 -39.24 5.74
CA GLU A 81 6.96 -39.78 5.12
C GLU A 81 7.30 -41.10 5.79
N ARG A 82 7.35 -42.17 4.99
CA ARG A 82 7.63 -43.51 5.51
C ARG A 82 8.81 -44.12 4.77
N TRP A 83 9.74 -44.69 5.51
CA TRP A 83 10.83 -45.48 4.96
C TRP A 83 11.20 -46.55 5.98
N VAL A 84 12.23 -47.33 5.67
CA VAL A 84 12.70 -48.40 6.53
C VAL A 84 14.13 -48.08 6.96
N ASP A 85 14.33 -48.00 8.27
CA ASP A 85 15.65 -47.75 8.85
C ASP A 85 16.23 -49.11 9.24
N GLN A 86 17.16 -49.60 8.42
CA GLN A 86 17.68 -50.96 8.58
C GLN A 86 18.57 -51.13 9.81
N MET A 87 18.85 -50.05 10.55
CA MET A 87 19.69 -50.14 11.75
C MET A 87 18.89 -50.11 13.04
N LEU A 88 17.71 -49.50 13.05
CA LEU A 88 16.92 -49.34 14.28
C LEU A 88 15.93 -50.48 14.47
N GLY A 89 16.40 -51.72 14.39
CA GLY A 89 15.55 -52.89 14.52
C GLY A 89 15.81 -53.60 15.84
N TRP A 90 14.72 -53.99 16.51
CA TRP A 90 14.80 -54.68 17.79
C TRP A 90 13.80 -55.84 17.81
N ASP A 91 14.04 -56.76 18.73
CA ASP A 91 13.14 -57.90 18.93
C ASP A 91 12.08 -57.52 19.94
N PRO A 92 10.79 -57.52 19.58
CA PRO A 92 9.76 -57.15 20.55
C PRO A 92 9.73 -58.03 21.79
N SER A 93 10.06 -59.31 21.66
CA SER A 93 9.97 -60.23 22.79
C SER A 93 10.93 -59.82 23.91
N GLU A 94 12.14 -59.37 23.56
CA GLU A 94 13.12 -59.01 24.57
C GLU A 94 12.67 -57.80 25.37
N PHE A 95 12.22 -56.75 24.68
CA PHE A 95 11.88 -55.48 25.33
C PHE A 95 10.39 -55.41 25.67
N ASP A 96 9.95 -56.38 26.46
CA ASP A 96 8.60 -56.42 27.01
C ASP A 96 7.52 -56.23 25.95
N ASN A 97 7.54 -57.07 24.92
CA ASN A 97 6.41 -57.27 24.02
C ASN A 97 6.28 -56.09 23.04
N GLU A 98 7.02 -55.02 23.32
CA GLU A 98 6.79 -53.71 22.72
C GLU A 98 7.19 -53.70 21.25
N THR A 99 6.32 -53.12 20.42
CA THR A 99 6.51 -53.10 18.97
C THR A 99 6.61 -51.69 18.41
N GLU A 100 6.45 -50.66 19.24
CA GLU A 100 6.50 -49.28 18.77
C GLU A 100 7.20 -48.41 19.78
N ILE A 101 7.82 -47.34 19.29
CA ILE A 101 8.46 -46.35 20.15
C ILE A 101 8.48 -45.02 19.40
N MET A 102 8.30 -43.94 20.14
CA MET A 102 8.31 -42.60 19.57
C MET A 102 9.62 -41.91 19.94
N ALA A 103 10.35 -41.47 18.94
CA ALA A 103 11.63 -40.78 19.12
C ALA A 103 11.51 -39.37 18.54
N ARG A 104 12.62 -38.64 18.56
CA ARG A 104 12.69 -37.31 18.00
C ARG A 104 13.37 -37.33 16.64
N HIS A 105 12.97 -36.41 15.77
CA HIS A 105 13.59 -36.30 14.46
C HIS A 105 15.06 -35.95 14.55
N ASP A 106 15.49 -35.37 15.68
CA ASP A 106 16.90 -35.02 15.84
C ASP A 106 17.77 -36.25 16.04
N ASP A 107 17.20 -37.33 16.57
CA ASP A 107 17.98 -38.48 17.01
C ASP A 107 18.20 -39.52 15.91
N ILE A 108 17.54 -39.39 14.76
CA ILE A 108 17.65 -40.39 13.70
C ILE A 108 17.92 -39.70 12.37
N TRP A 109 18.35 -40.51 11.40
CA TRP A 109 18.62 -40.01 10.06
C TRP A 109 17.32 -39.76 9.32
N LEU A 110 17.20 -38.58 8.71
CA LEU A 110 16.02 -38.20 7.96
C LEU A 110 16.37 -37.94 6.50
N PRO A 111 15.58 -38.45 5.56
CA PRO A 111 15.83 -38.13 4.15
C PRO A 111 15.62 -36.65 3.89
N ASP A 112 16.45 -36.11 3.00
CA ASP A 112 16.41 -34.67 2.70
C ASP A 112 15.40 -34.38 1.58
N THR A 113 14.13 -34.64 1.90
CA THR A 113 13.06 -34.35 0.96
C THR A 113 12.95 -32.85 0.75
N THR A 114 13.09 -32.40 -0.49
CA THR A 114 13.13 -30.99 -0.83
C THR A 114 12.05 -30.67 -1.84
N LEU A 115 11.38 -29.54 -1.65
CA LEU A 115 10.50 -28.99 -2.67
C LEU A 115 11.36 -28.16 -3.62
N TYR A 116 11.52 -28.65 -4.85
CA TYR A 116 12.50 -28.05 -5.75
C TYR A 116 12.16 -26.60 -6.08
N ASN A 117 10.88 -26.31 -6.30
CA ASN A 117 10.44 -24.98 -6.67
C ASN A 117 10.00 -24.15 -5.46
N SER A 118 10.55 -24.45 -4.28
CA SER A 118 10.23 -23.67 -3.10
C SER A 118 10.91 -22.31 -3.14
N LEU A 119 10.19 -21.29 -2.67
CA LEU A 119 10.72 -19.93 -2.61
C LEU A 119 11.16 -19.55 -1.20
N GLU A 120 11.23 -20.52 -0.29
CA GLU A 120 11.67 -20.28 1.08
C GLU A 120 12.82 -21.24 1.40
N MET A 121 13.96 -20.68 1.81
CA MET A 121 15.13 -21.49 2.13
C MET A 121 15.23 -21.84 3.61
N ASP A 122 14.45 -21.19 4.47
CA ASP A 122 14.46 -21.49 5.90
C ASP A 122 13.46 -22.60 6.17
N ASP A 123 13.94 -23.73 6.67
CA ASP A 123 13.10 -24.88 6.94
C ASP A 123 12.40 -24.81 8.30
N SER A 124 12.64 -23.74 9.06
CA SER A 124 11.91 -23.50 10.30
C SER A 124 10.66 -22.65 10.08
N ALA A 125 10.45 -22.17 8.86
CA ALA A 125 9.25 -21.44 8.50
C ALA A 125 8.36 -22.20 7.54
N SER A 126 8.75 -23.42 7.15
CA SER A 126 7.95 -24.24 6.25
C SER A 126 7.80 -25.66 6.72
N LYS A 127 8.24 -25.99 7.93
CA LYS A 127 8.24 -27.36 8.42
C LYS A 127 8.22 -27.34 9.94
N LYS A 128 7.58 -28.34 10.53
CA LYS A 128 7.43 -28.43 11.98
C LYS A 128 7.77 -29.83 12.45
N LEU A 129 8.93 -30.33 12.03
CA LEU A 129 9.41 -31.65 12.44
C LEU A 129 9.56 -31.71 13.96
N THR A 130 8.82 -32.61 14.60
CA THR A 130 8.92 -32.78 16.04
C THR A 130 9.34 -34.20 16.44
N HIS A 131 8.63 -35.22 15.99
CA HIS A 131 8.85 -36.58 16.46
C HIS A 131 8.71 -37.56 15.31
N VAL A 132 9.27 -38.75 15.50
CA VAL A 132 9.15 -39.85 14.55
C VAL A 132 8.59 -41.06 15.29
N LYS A 133 7.98 -41.96 14.52
CA LYS A 133 7.40 -43.19 15.06
C LYS A 133 8.16 -44.38 14.48
N LEU A 134 8.64 -45.25 15.36
CA LEU A 134 9.47 -46.39 14.98
C LEU A 134 8.68 -47.67 15.24
N THR A 135 8.36 -48.39 14.17
CA THR A 135 7.71 -49.70 14.26
C THR A 135 8.68 -50.77 13.76
N THR A 136 8.94 -51.76 14.60
CA THR A 136 9.97 -52.75 14.29
C THR A 136 9.45 -53.81 13.34
N LEU A 137 10.34 -54.25 12.44
CA LEU A 137 10.09 -55.38 11.57
C LEU A 137 10.92 -56.60 11.94
N GLY A 138 11.71 -56.51 13.00
CA GLY A 138 12.64 -57.54 13.39
C GLY A 138 13.97 -56.95 13.82
N LYS A 139 14.79 -57.80 14.42
CA LYS A 139 16.07 -57.35 14.97
C LYS A 139 16.99 -56.87 13.84
N ASN A 140 17.20 -57.70 12.83
CA ASN A 140 18.11 -57.38 11.74
C ASN A 140 17.40 -56.94 10.47
N GLN A 141 16.09 -56.75 10.53
CA GLN A 141 15.31 -56.34 9.36
C GLN A 141 14.98 -54.85 9.35
N GLY A 142 15.26 -54.13 10.43
CA GLY A 142 15.05 -52.70 10.46
C GLY A 142 13.77 -52.27 11.13
N ALA A 143 13.31 -51.05 10.83
CA ALA A 143 12.09 -50.55 11.43
C ALA A 143 11.45 -49.53 10.49
N MET A 144 10.12 -49.54 10.44
CA MET A 144 9.40 -48.54 9.68
C MET A 144 9.38 -47.23 10.44
N VAL A 145 9.75 -46.14 9.76
CA VAL A 145 9.77 -44.81 10.35
C VAL A 145 8.68 -43.98 9.70
N GLU A 146 7.74 -43.49 10.50
CA GLU A 146 6.68 -42.61 10.05
C GLU A 146 6.99 -41.20 10.51
N LEU A 147 7.02 -40.25 9.57
CA LEU A 147 7.36 -38.86 9.86
C LEU A 147 6.17 -37.99 9.45
N LEU A 148 5.42 -37.52 10.44
CA LEU A 148 4.27 -36.66 10.23
C LEU A 148 4.63 -35.24 10.63
N TYR A 149 4.34 -34.28 9.76
CA TYR A 149 4.68 -32.89 10.05
C TYR A 149 3.81 -31.98 9.18
N PRO A 150 3.41 -30.83 9.69
CA PRO A 150 2.70 -29.85 8.87
C PRO A 150 3.67 -28.95 8.13
N THR A 151 3.29 -28.57 6.92
CA THR A 151 4.15 -27.77 6.05
C THR A 151 3.39 -26.54 5.57
N ILE A 152 4.16 -25.48 5.26
CA ILE A 152 3.64 -24.30 4.57
C ILE A 152 4.56 -24.09 3.37
N TYR A 153 4.04 -24.33 2.17
CA TYR A 153 4.84 -24.34 0.96
C TYR A 153 4.68 -23.03 0.20
N LYS A 154 5.81 -22.38 -0.09
CA LYS A 154 5.85 -21.22 -0.96
C LYS A 154 6.31 -21.72 -2.33
N ILE A 155 5.35 -21.97 -3.22
CA ILE A 155 5.57 -22.71 -4.46
C ILE A 155 5.70 -21.72 -5.60
N SER A 156 6.73 -21.92 -6.42
CA SER A 156 6.93 -21.11 -7.63
C SER A 156 6.15 -21.74 -8.77
N CYS A 157 5.01 -21.13 -9.10
CA CYS A 157 4.13 -21.65 -10.14
C CYS A 157 3.89 -20.55 -11.18
N LEU A 158 3.84 -20.95 -12.44
CA LEU A 158 3.61 -20.02 -13.54
C LEU A 158 2.11 -19.86 -13.78
N LEU A 159 1.66 -18.62 -13.85
CA LEU A 159 0.25 -18.31 -14.03
C LEU A 159 -0.01 -17.87 -15.46
N ASN A 160 -1.02 -18.45 -16.09
CA ASN A 160 -1.46 -18.07 -17.43
C ASN A 160 -2.78 -17.32 -17.27
N LEU A 161 -2.70 -16.01 -17.05
CA LEU A 161 -3.88 -15.19 -16.83
C LEU A 161 -4.43 -14.64 -18.15
N LYS A 162 -4.65 -15.55 -19.11
CA LYS A 162 -5.22 -15.14 -20.39
C LYS A 162 -6.73 -15.03 -20.31
N TYR A 163 -7.38 -15.87 -19.51
CA TYR A 163 -8.83 -15.87 -19.38
C TYR A 163 -9.29 -15.23 -18.08
N PHE A 164 -8.47 -14.35 -17.50
CA PHE A 164 -8.84 -13.69 -16.25
C PHE A 164 -10.14 -12.90 -16.44
N PRO A 165 -11.07 -12.97 -15.48
CA PRO A 165 -11.02 -13.69 -14.20
C PRO A 165 -11.59 -15.11 -14.27
N PHE A 166 -11.78 -15.67 -15.46
CA PHE A 166 -12.34 -17.02 -15.63
C PHE A 166 -11.23 -18.04 -15.87
N ASP A 167 -10.08 -17.84 -15.22
CA ASP A 167 -8.88 -18.61 -15.50
C ASP A 167 -8.73 -19.77 -14.52
N THR A 168 -8.14 -20.86 -15.02
CA THR A 168 -7.77 -22.02 -14.22
C THR A 168 -6.26 -22.20 -14.28
N GLN A 169 -5.65 -22.44 -13.13
CA GLN A 169 -4.20 -22.52 -13.01
C GLN A 169 -3.80 -23.89 -12.48
N THR A 170 -2.70 -24.41 -13.01
CA THR A 170 -2.11 -25.67 -12.56
C THR A 170 -0.79 -25.37 -11.88
N CYS A 171 -0.64 -25.87 -10.65
CA CYS A 171 0.54 -25.62 -9.84
C CYS A 171 1.29 -26.93 -9.60
N ARG A 172 2.58 -26.93 -9.92
CA ARG A 172 3.40 -28.12 -9.81
C ARG A 172 4.26 -28.06 -8.55
N MET A 173 4.35 -29.18 -7.84
CA MET A 173 5.21 -29.33 -6.67
C MET A 173 6.19 -30.46 -6.95
N THR A 174 7.46 -30.11 -7.14
CA THR A 174 8.50 -31.10 -7.40
C THR A 174 9.17 -31.47 -6.09
N PHE A 175 9.13 -32.76 -5.74
CA PHE A 175 9.69 -33.26 -4.51
C PHE A 175 10.78 -34.28 -4.83
N GLY A 176 11.91 -34.14 -4.15
CA GLY A 176 13.00 -35.09 -4.34
C GLY A 176 14.15 -34.76 -3.41
N SER A 177 15.14 -35.63 -3.42
CA SER A 177 16.35 -35.44 -2.64
C SER A 177 17.31 -34.55 -3.40
N TRP A 178 17.87 -33.54 -2.71
CA TRP A 178 18.78 -32.62 -3.37
C TRP A 178 20.14 -33.26 -3.65
N SER A 179 20.66 -34.00 -2.67
CA SER A 179 22.01 -34.54 -2.78
C SER A 179 22.07 -36.04 -3.03
N PHE A 180 20.99 -36.76 -2.76
CA PHE A 180 20.96 -38.21 -2.94
C PHE A 180 20.29 -38.55 -4.26
N ASP A 181 20.93 -39.39 -5.06
CA ASP A 181 20.42 -39.77 -6.36
C ASP A 181 19.58 -41.05 -6.25
N ASN A 182 19.19 -41.58 -7.40
CA ASN A 182 18.29 -42.73 -7.45
C ASN A 182 18.91 -43.97 -6.82
N SER A 183 20.24 -44.06 -6.78
CA SER A 183 20.89 -45.24 -6.21
C SER A 183 20.91 -45.23 -4.69
N LEU A 184 20.58 -44.11 -4.06
CA LEU A 184 20.58 -44.00 -2.60
C LEU A 184 19.19 -43.85 -2.02
N ILE A 185 18.41 -42.89 -2.50
CA ILE A 185 17.06 -42.64 -1.99
C ILE A 185 16.09 -42.67 -3.18
N ASP A 186 15.04 -43.48 -3.06
CA ASP A 186 14.02 -43.60 -4.09
C ASP A 186 12.69 -43.14 -3.51
N TYR A 187 11.98 -42.31 -4.26
CA TYR A 187 10.73 -41.71 -3.80
C TYR A 187 9.55 -42.32 -4.54
N PHE A 188 8.50 -42.66 -3.80
CA PHE A 188 7.27 -43.21 -4.34
C PHE A 188 6.07 -42.46 -3.77
N PRO A 189 5.00 -42.32 -4.56
CA PRO A 189 3.81 -41.63 -4.07
C PRO A 189 2.86 -42.57 -3.34
N ARG A 190 2.19 -42.02 -2.32
CA ARG A 190 1.10 -42.69 -1.63
C ARG A 190 -0.17 -41.88 -1.87
N THR A 191 -1.10 -42.44 -2.62
CA THR A 191 -2.31 -41.74 -3.03
C THR A 191 -3.47 -42.11 -2.11
N PHE A 192 -4.47 -41.24 -2.07
CA PHE A 192 -5.65 -41.43 -1.25
C PHE A 192 -6.80 -41.98 -2.09
N THR A 193 -7.94 -42.19 -1.43
CA THR A 193 -9.11 -42.71 -2.13
C THR A 193 -9.68 -41.69 -3.12
N ASN A 194 -9.67 -40.41 -2.75
CA ASN A 194 -10.23 -39.37 -3.60
C ASN A 194 -9.25 -38.83 -4.63
N GLY A 195 -7.98 -39.19 -4.54
CA GLY A 195 -6.98 -38.71 -5.48
C GLY A 195 -5.58 -38.73 -4.89
N PRO A 196 -4.61 -38.23 -5.67
CA PRO A 196 -3.23 -38.19 -5.19
C PRO A 196 -3.05 -37.38 -3.92
N ILE A 197 -3.47 -36.12 -3.95
CA ILE A 197 -3.40 -35.26 -2.78
C ILE A 197 -4.74 -35.32 -2.05
N GLY A 198 -4.70 -35.74 -0.78
CA GLY A 198 -5.93 -35.86 -0.01
C GLY A 198 -6.58 -34.50 0.20
N LEU A 199 -7.88 -34.43 -0.07
CA LEU A 199 -8.64 -33.20 0.09
C LEU A 199 -9.82 -33.38 1.05
N ALA A 200 -9.81 -34.45 1.84
CA ALA A 200 -10.88 -34.71 2.79
C ALA A 200 -10.87 -33.75 3.98
N ASN A 201 -9.77 -33.02 4.18
CA ASN A 201 -9.69 -32.03 5.24
C ASN A 201 -9.52 -30.62 4.71
N PHE A 202 -9.53 -30.43 3.40
CA PHE A 202 -9.36 -29.10 2.81
C PHE A 202 -10.49 -28.18 3.22
N LEU A 203 -10.15 -27.00 3.71
CA LEU A 203 -11.13 -25.98 4.06
C LEU A 203 -11.27 -24.99 2.90
N GLU A 204 -12.51 -24.65 2.57
CA GLU A 204 -12.79 -23.95 1.33
C GLU A 204 -12.13 -22.58 1.29
N ASN A 205 -11.60 -22.24 0.11
CA ASN A 205 -11.02 -20.93 -0.13
C ASN A 205 -12.07 -20.01 -0.73
N ASP A 206 -12.00 -18.72 -0.36
CA ASP A 206 -13.03 -17.79 -0.80
C ASP A 206 -12.93 -17.48 -2.29
N ALA A 207 -11.73 -17.52 -2.87
CA ALA A 207 -11.52 -17.09 -4.24
C ALA A 207 -11.11 -18.20 -5.19
N TRP A 208 -10.74 -19.39 -4.70
CA TRP A 208 -10.24 -20.46 -5.55
C TRP A 208 -10.95 -21.77 -5.22
N SER A 209 -11.11 -22.59 -6.24
CA SER A 209 -11.74 -23.90 -6.10
C SER A 209 -10.84 -24.95 -6.73
N VAL A 210 -10.60 -26.04 -5.99
CA VAL A 210 -9.73 -27.12 -6.47
C VAL A 210 -10.56 -28.07 -7.32
N LEU A 211 -10.17 -28.25 -8.58
CA LEU A 211 -10.88 -29.14 -9.48
C LEU A 211 -10.30 -30.54 -9.54
N GLY A 212 -9.08 -30.75 -9.07
CA GLY A 212 -8.48 -32.06 -9.12
C GLY A 212 -7.02 -32.00 -8.75
N THR A 213 -6.42 -33.19 -8.72
CA THR A 213 -5.01 -33.34 -8.35
C THR A 213 -4.39 -34.44 -9.18
N LYS A 214 -3.06 -34.36 -9.34
CA LYS A 214 -2.33 -35.34 -10.12
C LYS A 214 -0.95 -35.53 -9.52
N VAL A 215 -0.43 -36.75 -9.64
CA VAL A 215 0.91 -37.09 -9.19
C VAL A 215 1.63 -37.82 -10.33
N ASN A 216 2.89 -37.47 -10.54
CA ASN A 216 3.69 -38.05 -11.61
C ASN A 216 5.09 -38.33 -11.07
N ARG A 217 5.48 -39.60 -11.06
CA ARG A 217 6.82 -40.01 -10.64
C ARG A 217 7.76 -39.95 -11.83
N GLU A 218 8.88 -39.26 -11.67
CA GLU A 218 9.81 -39.02 -12.76
C GLU A 218 11.19 -39.59 -12.41
N GLU A 219 12.04 -39.65 -13.43
CA GLU A 219 13.44 -40.05 -13.29
C GLU A 219 14.26 -39.14 -14.19
N LYS A 220 14.84 -38.09 -13.61
CA LYS A 220 15.53 -37.06 -14.37
C LYS A 220 17.02 -37.16 -14.17
N LYS A 221 17.77 -37.03 -15.26
CA LYS A 221 19.22 -37.00 -15.22
C LYS A 221 19.68 -35.54 -15.27
N TYR A 222 20.41 -35.11 -14.25
CA TYR A 222 20.91 -33.75 -14.16
C TYR A 222 22.37 -33.69 -14.59
N THR A 223 22.81 -32.48 -14.96
CA THR A 223 24.16 -32.30 -15.46
C THR A 223 25.21 -32.61 -14.39
N CYS A 224 24.93 -32.26 -13.14
CA CYS A 224 25.93 -32.46 -12.08
C CYS A 224 26.17 -33.94 -11.82
N CYS A 225 25.13 -34.66 -11.39
CA CYS A 225 25.31 -36.05 -11.00
C CYS A 225 25.21 -36.98 -12.22
N PRO A 226 26.06 -37.99 -12.28
CA PRO A 226 25.97 -38.98 -13.37
C PRO A 226 24.90 -40.06 -13.14
N VAL A 227 24.03 -39.90 -12.15
CA VAL A 227 22.98 -40.86 -11.86
C VAL A 227 21.65 -40.14 -11.87
N ASN A 228 20.59 -40.91 -12.12
CA ASN A 228 19.25 -40.35 -12.20
C ASN A 228 18.78 -39.84 -10.84
N TYR A 229 17.78 -38.95 -10.88
CA TYR A 229 17.11 -38.46 -9.70
C TYR A 229 15.64 -38.81 -9.80
N THR A 230 15.08 -39.38 -8.73
CA THR A 230 13.66 -39.71 -8.67
C THR A 230 12.90 -38.52 -8.11
N LEU A 231 11.96 -38.01 -8.89
CA LEU A 231 11.19 -36.82 -8.53
C LEU A 231 9.70 -37.15 -8.52
N LEU A 232 8.98 -36.47 -7.64
CA LEU A 232 7.52 -36.57 -7.57
C LEU A 232 6.93 -35.22 -7.95
N HIS A 233 6.08 -35.21 -8.97
CA HIS A 233 5.45 -34.00 -9.46
C HIS A 233 3.98 -34.03 -9.06
N TYR A 234 3.61 -33.15 -8.14
CA TYR A 234 2.24 -33.03 -7.66
C TYR A 234 1.60 -31.82 -8.32
N ASP A 235 0.58 -32.07 -9.14
CA ASP A 235 -0.12 -31.00 -9.85
C ASP A 235 -1.46 -30.75 -9.17
N VAL A 236 -1.72 -29.48 -8.85
CA VAL A 236 -2.98 -29.05 -8.26
C VAL A 236 -3.65 -28.09 -9.24
N VAL A 237 -4.86 -28.44 -9.67
CA VAL A 237 -5.64 -27.63 -10.59
C VAL A 237 -6.64 -26.82 -9.78
N ILE A 238 -6.51 -25.50 -9.81
CA ILE A 238 -7.37 -24.60 -9.06
C ILE A 238 -8.03 -23.62 -10.03
N GLN A 239 -9.34 -23.46 -9.88
CA GLN A 239 -10.10 -22.50 -10.67
C GLN A 239 -10.42 -21.27 -9.85
N ARG A 240 -10.48 -20.13 -10.54
CA ARG A 240 -10.85 -18.88 -9.90
C ARG A 240 -12.38 -18.77 -9.85
N LYS A 241 -12.88 -18.12 -8.80
CA LYS A 241 -14.31 -17.87 -8.68
C LYS A 241 -14.64 -16.49 -9.22
N PRO A 242 -15.16 -16.40 -10.44
CA PRO A 242 -15.34 -15.12 -11.13
C PRO A 242 -16.69 -14.47 -10.87
N LEU A 243 -16.98 -14.18 -9.61
CA LEU A 243 -18.19 -13.47 -9.25
C LEU A 243 -17.88 -12.12 -8.61
N TYR A 244 -16.75 -11.97 -7.94
CA TYR A 244 -16.32 -10.70 -7.37
C TYR A 244 -15.80 -9.75 -8.44
N TYR A 245 -14.94 -10.22 -9.34
CA TYR A 245 -14.40 -9.35 -10.38
C TYR A 245 -15.47 -8.91 -11.36
N VAL A 246 -16.36 -9.82 -11.75
CA VAL A 246 -17.43 -9.47 -12.67
C VAL A 246 -18.34 -8.41 -12.06
N LEU A 247 -18.64 -8.54 -10.77
CA LEU A 247 -19.52 -7.57 -10.11
C LEU A 247 -18.83 -6.23 -9.93
N ASN A 248 -17.59 -6.23 -9.44
CA ASN A 248 -16.97 -4.99 -9.01
C ASN A 248 -16.30 -4.23 -10.15
N LEU A 249 -15.89 -4.92 -11.21
CA LEU A 249 -15.13 -4.30 -12.29
C LEU A 249 -15.91 -4.25 -13.61
N ILE A 250 -16.40 -5.40 -14.07
CA ILE A 250 -17.00 -5.47 -15.40
C ILE A 250 -18.33 -4.71 -15.42
N ALA A 251 -19.20 -4.94 -14.44
CA ALA A 251 -20.55 -4.37 -14.50
C ALA A 251 -20.54 -2.84 -14.44
N PRO A 252 -19.91 -2.17 -13.47
CA PRO A 252 -19.93 -0.71 -13.50
C PRO A 252 -19.29 -0.12 -14.73
N THR A 253 -18.25 -0.76 -15.26
CA THR A 253 -17.61 -0.29 -16.49
C THR A 253 -18.59 -0.33 -17.66
N ALA A 254 -19.32 -1.44 -17.79
CA ALA A 254 -20.30 -1.55 -18.87
C ALA A 254 -21.43 -0.54 -18.70
N VAL A 255 -21.88 -0.33 -17.47
CA VAL A 255 -22.95 0.65 -17.23
C VAL A 255 -22.48 2.05 -17.60
N ILE A 256 -21.27 2.41 -17.18
CA ILE A 256 -20.74 3.74 -17.50
C ILE A 256 -20.58 3.89 -19.00
N THR A 257 -20.11 2.85 -19.69
CA THR A 257 -19.97 2.91 -21.14
C THR A 257 -21.32 3.12 -21.82
N PHE A 258 -22.35 2.40 -21.37
CA PHE A 258 -23.68 2.56 -21.96
C PHE A 258 -24.22 3.96 -21.73
N ILE A 259 -24.06 4.49 -20.51
CA ILE A 259 -24.54 5.83 -20.20
C ILE A 259 -23.82 6.86 -21.06
N SER A 260 -22.50 6.72 -21.21
CA SER A 260 -21.74 7.65 -22.04
C SER A 260 -22.15 7.55 -23.50
N ILE A 261 -22.40 6.34 -23.99
CA ILE A 261 -22.84 6.17 -25.37
C ILE A 261 -24.17 6.88 -25.61
N ILE A 262 -25.10 6.73 -24.68
CA ILE A 262 -26.38 7.44 -24.82
C ILE A 262 -26.17 8.95 -24.75
N GLY A 263 -25.24 9.39 -23.90
CA GLY A 263 -24.97 10.82 -23.80
C GLY A 263 -24.39 11.41 -25.07
N PHE A 264 -23.54 10.64 -25.76
CA PHE A 264 -22.87 11.15 -26.95
C PHE A 264 -23.87 11.47 -28.06
N PHE A 265 -24.87 10.61 -28.25
CA PHE A 265 -25.68 10.62 -29.46
C PHE A 265 -27.15 10.92 -29.16
N THR A 266 -27.42 11.74 -28.15
CA THR A 266 -28.76 12.21 -27.85
C THR A 266 -28.73 13.72 -27.65
N SER A 267 -29.66 14.42 -28.29
CA SER A 267 -29.75 15.86 -28.18
C SER A 267 -31.16 16.27 -27.76
N SER A 268 -31.28 17.48 -27.22
CA SER A 268 -32.55 17.99 -26.75
C SER A 268 -33.47 18.45 -27.89
N SER A 269 -32.94 18.61 -29.10
CA SER A 269 -33.74 19.02 -30.25
C SER A 269 -32.91 18.82 -31.50
N VAL A 270 -33.58 18.91 -32.65
CA VAL A 270 -32.93 18.66 -33.93
C VAL A 270 -32.45 19.92 -34.62
N HIS A 271 -32.98 21.09 -34.27
CA HIS A 271 -32.73 22.31 -35.02
C HIS A 271 -32.02 23.38 -34.20
N ASP A 272 -31.23 22.99 -33.19
CA ASP A 272 -30.36 23.89 -32.47
C ASP A 272 -28.95 23.31 -32.42
N LEU A 273 -27.96 24.20 -32.33
CA LEU A 273 -26.57 23.79 -32.39
C LEU A 273 -26.23 22.87 -31.21
N ARG A 274 -25.55 21.77 -31.52
CA ARG A 274 -25.16 20.81 -30.51
C ARG A 274 -23.97 21.33 -29.72
N GLN A 275 -23.89 20.91 -28.45
CA GLN A 275 -22.77 21.23 -27.59
C GLN A 275 -21.69 20.16 -27.70
N GLU A 276 -20.46 20.55 -27.37
CA GLU A 276 -19.35 19.62 -27.42
C GLU A 276 -19.54 18.51 -26.41
N LYS A 277 -19.22 17.28 -26.82
CA LYS A 277 -19.33 16.10 -25.97
C LYS A 277 -17.97 15.51 -25.66
N ILE A 278 -16.94 16.36 -25.65
CA ILE A 278 -15.58 15.90 -25.37
C ILE A 278 -15.28 15.91 -23.88
N THR A 279 -15.85 16.85 -23.12
CA THR A 279 -15.73 16.81 -21.67
C THR A 279 -16.37 15.54 -21.12
N LEU A 280 -17.53 15.11 -21.81
CA LEU A 280 -18.21 13.88 -21.44
C LEU A 280 -17.34 12.66 -21.73
N GLY A 281 -16.66 12.65 -22.87
CA GLY A 281 -15.76 11.56 -23.18
C GLY A 281 -14.56 11.49 -22.25
N ILE A 282 -13.96 12.65 -21.95
CA ILE A 282 -12.81 12.68 -21.06
C ILE A 282 -13.21 12.25 -19.65
N THR A 283 -14.33 12.63 -19.08
CA THR A 283 -14.76 12.12 -17.77
C THR A 283 -15.05 10.65 -17.76
N THR A 284 -15.57 10.06 -18.82
CA THR A 284 -15.78 8.68 -18.87
C THR A 284 -14.50 8.07 -18.94
N LEU A 285 -13.54 8.55 -19.63
CA LEU A 285 -12.28 7.89 -19.63
C LEU A 285 -11.56 8.02 -18.29
N LEU A 286 -11.65 9.09 -17.54
CA LEU A 286 -11.14 9.13 -16.18
C LEU A 286 -11.76 8.09 -15.33
N SER A 287 -13.03 7.93 -15.32
CA SER A 287 -13.57 6.87 -14.58
C SER A 287 -13.08 5.48 -14.97
N MET A 288 -12.89 5.22 -16.22
CA MET A 288 -12.52 3.91 -16.57
C MET A 288 -11.10 3.74 -16.26
N SER A 289 -10.32 4.78 -16.20
CA SER A 289 -8.98 4.63 -15.74
C SER A 289 -9.07 4.29 -14.33
N ILE A 290 -9.76 5.01 -13.51
CA ILE A 290 -9.88 4.56 -12.13
C ILE A 290 -10.25 3.07 -12.04
N MET A 291 -11.01 2.59 -12.95
CA MET A 291 -11.33 1.19 -12.85
C MET A 291 -10.28 0.26 -13.26
N ILE A 292 -9.66 0.45 -14.37
CA ILE A 292 -8.54 -0.37 -14.66
C ILE A 292 -7.47 -0.20 -13.60
N PHE A 293 -7.39 0.88 -12.87
CA PHE A 293 -6.43 0.99 -11.83
C PHE A 293 -6.77 0.05 -10.77
N MET A 294 -8.01 -0.02 -10.41
CA MET A 294 -8.27 -1.07 -9.45
C MET A 294 -8.28 -2.51 -9.95
N VAL A 295 -8.02 -2.81 -11.23
CA VAL A 295 -7.85 -4.17 -11.73
C VAL A 295 -6.38 -4.55 -11.84
N SER A 296 -5.48 -3.57 -11.87
CA SER A 296 -4.05 -3.84 -11.86
C SER A 296 -3.56 -4.31 -10.50
N ASP A 297 -4.30 -4.01 -9.42
CA ASP A 297 -3.91 -4.47 -8.10
C ASP A 297 -3.94 -6.00 -8.01
N LYS A 298 -5.07 -6.60 -8.38
CA LYS A 298 -5.22 -8.05 -8.34
C LYS A 298 -4.96 -8.62 -9.73
N MET A 299 -3.77 -8.33 -10.27
CA MET A 299 -3.27 -8.90 -11.52
C MET A 299 -1.81 -8.52 -11.68
N PRO A 300 -0.96 -9.39 -12.20
CA PRO A 300 0.45 -9.05 -12.39
C PRO A 300 0.64 -8.28 -13.68
N SER A 301 2.10 -7.89 -13.87
CA SER A 301 2.50 -7.20 -15.09
C SER A 301 2.62 -8.21 -16.24
N THR A 302 1.49 -8.81 -16.59
CA THR A 302 1.45 -9.81 -17.65
C THR A 302 1.72 -9.15 -18.99
N SER A 303 2.92 -9.36 -19.53
CA SER A 303 3.31 -8.82 -20.82
C SER A 303 3.39 -9.88 -21.90
N THR A 304 2.99 -11.12 -21.59
CA THR A 304 3.02 -12.20 -22.57
C THR A 304 1.71 -12.29 -23.34
N CYS A 305 0.58 -12.23 -22.65
CA CYS A 305 -0.74 -12.31 -23.26
C CYS A 305 -1.57 -11.10 -22.85
N VAL A 306 -2.72 -10.98 -23.48
CA VAL A 306 -3.70 -9.93 -23.18
C VAL A 306 -4.85 -10.59 -22.43
N PRO A 307 -5.05 -10.31 -21.14
CA PRO A 307 -6.15 -10.93 -20.41
C PRO A 307 -7.50 -10.52 -20.99
N LEU A 308 -8.51 -11.34 -20.70
CA LEU A 308 -9.86 -11.08 -21.22
C LEU A 308 -10.39 -9.75 -20.72
N ILE A 309 -10.15 -9.44 -19.44
CA ILE A 309 -10.60 -8.16 -18.90
C ILE A 309 -9.82 -7.01 -19.55
N ALA A 310 -8.56 -7.23 -19.93
CA ALA A 310 -7.81 -6.21 -20.63
C ALA A 310 -8.43 -5.92 -21.99
N LEU A 311 -8.83 -6.97 -22.72
CA LEU A 311 -9.52 -6.76 -23.99
C LEU A 311 -10.86 -6.06 -23.78
N PHE A 312 -11.57 -6.41 -22.71
CA PHE A 312 -12.82 -5.75 -22.39
C PHE A 312 -12.63 -4.25 -22.20
N TYR A 313 -11.66 -3.87 -21.37
CA TYR A 313 -11.42 -2.45 -21.12
C TYR A 313 -10.91 -1.74 -22.37
N THR A 314 -10.07 -2.41 -23.16
CA THR A 314 -9.60 -1.81 -24.41
C THR A 314 -10.77 -1.54 -25.35
N LEU A 315 -11.69 -2.49 -25.48
CA LEU A 315 -12.85 -2.30 -26.34
C LEU A 315 -13.74 -1.16 -25.82
N MET A 316 -13.94 -1.09 -24.51
CA MET A 316 -14.75 -0.01 -23.96
C MET A 316 -14.12 1.35 -24.22
N ILE A 317 -12.81 1.46 -24.02
CA ILE A 317 -12.13 2.73 -24.24
C ILE A 317 -12.16 3.12 -25.72
N THR A 318 -11.96 2.14 -26.61
CA THR A 318 -12.05 2.41 -28.04
C THR A 318 -13.44 2.88 -28.42
N ILE A 319 -14.47 2.24 -27.87
CA ILE A 319 -15.84 2.64 -28.16
C ILE A 319 -16.08 4.08 -27.70
N ILE A 320 -15.62 4.43 -26.50
CA ILE A 320 -15.82 5.79 -26.00
C ILE A 320 -15.10 6.80 -26.89
N SER A 321 -13.86 6.50 -27.29
CA SER A 321 -13.10 7.44 -28.11
C SER A 321 -13.75 7.63 -29.48
N VAL A 322 -14.16 6.54 -30.12
CA VAL A 322 -14.79 6.67 -31.43
C VAL A 322 -16.15 7.33 -31.30
N GLY A 323 -16.85 7.15 -30.17
CA GLY A 323 -18.08 7.87 -29.96
C GLY A 323 -17.86 9.37 -29.83
N THR A 324 -16.80 9.77 -29.13
CA THR A 324 -16.45 11.19 -29.06
C THR A 324 -16.14 11.75 -30.45
N LEU A 325 -15.37 10.99 -31.24
CA LEU A 325 -15.05 11.45 -32.59
C LEU A 325 -16.31 11.53 -33.45
N ALA A 326 -17.25 10.59 -33.27
CA ALA A 326 -18.49 10.63 -34.04
C ALA A 326 -19.36 11.81 -33.64
N ALA A 327 -19.39 12.16 -32.36
CA ALA A 327 -20.11 13.36 -31.94
C ALA A 327 -19.50 14.60 -32.57
N SER A 328 -18.16 14.68 -32.58
CA SER A 328 -17.51 15.79 -33.26
C SER A 328 -17.86 15.82 -34.75
N SER A 329 -17.95 14.64 -35.37
CA SER A 329 -18.36 14.56 -36.77
C SER A 329 -19.78 15.06 -36.99
N VAL A 330 -20.70 14.73 -36.08
CA VAL A 330 -22.06 15.27 -36.18
C VAL A 330 -22.06 16.79 -36.07
N ILE A 331 -21.26 17.34 -35.15
CA ILE A 331 -21.16 18.80 -35.04
C ILE A 331 -20.62 19.39 -36.33
N PHE A 332 -19.64 18.73 -36.96
CA PHE A 332 -19.11 19.20 -38.22
C PHE A 332 -20.17 19.19 -39.32
N VAL A 333 -20.93 18.10 -39.43
CA VAL A 333 -21.97 18.02 -40.45
C VAL A 333 -23.02 19.11 -40.23
N GLN A 334 -23.33 19.40 -38.97
CA GLN A 334 -24.22 20.53 -38.70
C GLN A 334 -23.60 21.86 -39.13
N LYS A 335 -22.29 22.04 -38.88
CA LYS A 335 -21.62 23.26 -39.31
C LYS A 335 -21.62 23.42 -40.81
N LEU A 336 -21.74 22.33 -41.56
CA LEU A 336 -21.81 22.43 -43.02
C LEU A 336 -22.99 23.28 -43.47
N GLY A 337 -24.01 23.40 -42.62
CA GLY A 337 -25.20 24.15 -42.99
C GLY A 337 -25.00 25.64 -43.09
N SER A 338 -23.99 26.17 -42.38
CA SER A 338 -23.76 27.61 -42.31
C SER A 338 -22.92 28.11 -43.47
N ILE A 339 -22.48 27.23 -44.37
CA ILE A 339 -21.65 27.61 -45.50
C ILE A 339 -22.50 27.89 -46.73
N GLY A 340 -23.82 27.78 -46.61
CA GLY A 340 -24.72 28.19 -47.67
C GLY A 340 -25.14 27.10 -48.64
N ASN A 341 -24.19 26.35 -49.18
CA ASN A 341 -24.49 25.34 -50.19
C ASN A 341 -25.39 24.25 -49.63
N PRO A 342 -26.42 23.86 -50.36
CA PRO A 342 -27.35 22.83 -49.87
C PRO A 342 -26.72 21.46 -49.96
N PRO A 343 -27.27 20.47 -49.25
CA PRO A 343 -26.80 19.10 -49.44
C PRO A 343 -27.25 18.56 -50.79
N ALA A 344 -26.49 17.60 -51.29
CA ALA A 344 -26.67 17.06 -52.63
C ALA A 344 -28.00 16.31 -52.73
N SER A 345 -28.34 15.89 -53.95
CA SER A 345 -29.60 15.18 -54.16
C SER A 345 -29.58 13.83 -53.46
N LYS A 346 -28.52 13.05 -53.67
CA LYS A 346 -28.43 11.73 -53.06
C LYS A 346 -28.38 11.80 -51.54
N THR A 347 -27.74 12.85 -50.99
CA THR A 347 -27.65 12.99 -49.55
C THR A 347 -29.04 13.07 -48.92
N MET A 348 -29.92 13.88 -49.51
CA MET A 348 -31.25 14.03 -48.94
C MET A 348 -32.13 12.81 -49.20
N LYS A 349 -31.96 12.15 -50.35
CA LYS A 349 -32.73 10.94 -50.63
C LYS A 349 -32.43 9.85 -49.61
N TRP A 350 -31.14 9.55 -49.39
CA TRP A 350 -30.76 8.58 -48.37
C TRP A 350 -31.13 9.05 -46.97
N THR A 351 -30.93 10.34 -46.67
CA THR A 351 -31.32 10.85 -45.36
C THR A 351 -32.81 10.70 -45.10
N HIS A 352 -33.64 10.75 -46.13
CA HIS A 352 -35.08 10.57 -46.00
C HIS A 352 -35.50 9.11 -45.99
N ARG A 353 -34.77 8.23 -46.66
CA ARG A 353 -35.21 6.84 -46.73
C ARG A 353 -34.60 5.96 -45.64
N ILE A 354 -33.49 6.38 -45.02
CA ILE A 354 -33.04 5.74 -43.78
C ILE A 354 -33.66 6.39 -42.56
N ALA A 355 -34.41 7.47 -42.73
CA ALA A 355 -35.10 8.16 -41.65
C ALA A 355 -36.24 7.34 -41.04
N PRO A 356 -37.00 6.55 -41.82
CA PRO A 356 -38.01 5.70 -41.18
C PRO A 356 -37.46 4.43 -40.55
N PHE A 357 -36.33 3.91 -41.02
CA PHE A 357 -35.77 2.69 -40.44
C PHE A 357 -35.29 2.93 -39.01
N VAL A 358 -34.33 3.84 -38.83
CA VAL A 358 -34.03 4.35 -37.50
C VAL A 358 -35.20 5.20 -37.04
N LEU A 359 -35.56 5.10 -35.76
CA LEU A 359 -36.79 5.70 -35.27
C LEU A 359 -36.58 7.21 -35.09
N ILE A 360 -36.65 7.92 -36.20
CA ILE A 360 -36.58 9.38 -36.22
C ILE A 360 -37.67 9.91 -37.15
N GLN A 361 -38.13 11.13 -36.87
CA GLN A 361 -39.20 11.73 -37.65
C GLN A 361 -38.88 13.20 -37.91
N MET A 362 -39.31 13.68 -39.07
CA MET A 362 -38.96 15.03 -39.50
C MET A 362 -39.73 16.06 -38.68
N PRO A 363 -39.07 17.12 -38.21
CA PRO A 363 -39.78 18.13 -37.40
C PRO A 363 -40.79 18.91 -38.22
N LEU A 364 -41.72 19.55 -37.51
CA LEU A 364 -42.78 20.30 -38.17
C LEU A 364 -42.24 21.50 -38.93
N VAL A 365 -41.22 22.17 -38.40
CA VAL A 365 -40.67 23.35 -39.07
C VAL A 365 -40.07 22.97 -40.41
N MET A 366 -39.43 21.80 -40.50
CA MET A 366 -38.88 21.35 -41.77
C MET A 366 -39.98 21.10 -42.79
N LYS A 367 -41.08 20.48 -42.36
CA LYS A 367 -42.21 20.25 -43.26
C LYS A 367 -42.81 21.57 -43.72
N GLN A 368 -42.94 22.53 -42.81
CA GLN A 368 -43.47 23.84 -43.18
C GLN A 368 -42.56 24.54 -44.19
N ALA A 369 -41.25 24.47 -43.97
CA ALA A 369 -40.32 25.07 -44.92
C ALA A 369 -40.39 24.38 -46.28
N TYR A 370 -40.50 23.06 -46.29
CA TYR A 370 -40.62 22.33 -47.55
C TYR A 370 -41.87 22.75 -48.31
N ALA A 371 -43.01 22.79 -47.61
CA ALA A 371 -44.26 23.16 -48.26
C ALA A 371 -44.22 24.60 -48.76
N LYS A 372 -43.68 25.52 -47.95
CA LYS A 372 -43.59 26.91 -48.37
C LYS A 372 -42.71 27.06 -49.60
N ARG A 373 -41.54 26.40 -49.59
CA ARG A 373 -40.65 26.48 -50.74
C ARG A 373 -41.31 25.92 -51.99
N ALA A 374 -41.95 24.76 -51.88
CA ALA A 374 -42.57 24.14 -53.04
C ALA A 374 -43.68 25.02 -53.61
N LYS A 375 -44.60 25.49 -52.75
CA LYS A 375 -45.71 26.29 -53.22
C LYS A 375 -45.24 27.62 -53.80
N GLU A 376 -44.30 28.29 -53.12
CA GLU A 376 -43.81 29.57 -53.62
C GLU A 376 -43.08 29.40 -54.96
N GLU A 377 -42.26 28.36 -55.08
CA GLU A 377 -41.56 28.12 -56.34
C GLU A 377 -42.55 27.83 -57.46
N LYS A 378 -43.56 26.99 -57.19
CA LYS A 378 -44.55 26.68 -58.21
C LYS A 378 -45.28 27.94 -58.67
N HIS A 379 -45.77 28.74 -57.71
CA HIS A 379 -46.53 29.94 -58.06
C HIS A 379 -45.68 30.93 -58.83
N ARG A 380 -44.45 31.18 -58.36
CA ARG A 380 -43.61 32.18 -59.00
C ARG A 380 -43.14 31.72 -60.37
N LYS A 381 -42.82 30.43 -60.52
CA LYS A 381 -42.41 29.91 -61.82
C LYS A 381 -43.56 29.99 -62.82
N ARG A 382 -44.79 29.65 -62.38
CA ARG A 382 -45.92 29.72 -63.29
C ARG A 382 -46.25 31.16 -63.66
N MET A 383 -46.14 32.09 -62.71
CA MET A 383 -46.46 33.49 -63.00
C MET A 383 -45.41 34.13 -63.90
N SER A 384 -44.14 33.83 -63.65
CA SER A 384 -43.03 34.42 -64.40
C SER A 384 -42.63 33.59 -65.62
N ARG A 385 -43.56 32.84 -66.19
CA ARG A 385 -43.29 32.03 -67.38
C ARG A 385 -42.76 32.87 -68.53
N ASN A 550 -32.40 29.69 -44.64
CA ASN A 550 -32.63 28.94 -43.41
C ASN A 550 -33.25 27.58 -43.72
N ILE A 551 -33.22 27.19 -45.00
CA ILE A 551 -33.62 25.86 -45.39
C ILE A 551 -32.42 24.94 -45.61
N VAL A 552 -31.29 25.47 -46.07
CA VAL A 552 -30.06 24.69 -46.11
C VAL A 552 -29.63 24.29 -44.71
N GLU A 553 -29.75 25.21 -43.76
CA GLU A 553 -29.46 24.89 -42.37
C GLU A 553 -30.39 23.82 -41.85
N LEU A 554 -31.67 23.89 -42.20
CA LEU A 554 -32.62 22.87 -41.78
C LEU A 554 -32.27 21.51 -42.36
N GLU A 555 -31.91 21.46 -43.64
CA GLU A 555 -31.57 20.18 -44.28
C GLU A 555 -30.31 19.59 -43.65
N TRP A 556 -29.30 20.42 -43.37
CA TRP A 556 -28.10 19.89 -42.73
C TRP A 556 -28.36 19.50 -41.29
N ASP A 557 -29.29 20.18 -40.60
CA ASP A 557 -29.72 19.74 -39.29
C ASP A 557 -30.35 18.35 -39.36
N TRP A 558 -31.20 18.12 -40.37
CA TRP A 558 -31.80 16.81 -40.55
C TRP A 558 -30.74 15.74 -40.82
N VAL A 559 -29.77 16.06 -41.68
CA VAL A 559 -28.72 15.09 -41.99
C VAL A 559 -27.92 14.77 -40.73
N ALA A 560 -27.58 15.78 -39.94
CA ALA A 560 -26.86 15.55 -38.69
C ALA A 560 -27.67 14.72 -37.72
N ALA A 561 -28.98 14.97 -37.63
CA ALA A 561 -29.81 14.20 -36.71
C ALA A 561 -29.90 12.73 -37.12
N VAL A 562 -30.06 12.47 -38.42
CA VAL A 562 -30.11 11.08 -38.88
C VAL A 562 -28.76 10.40 -38.65
N LEU A 563 -27.66 11.13 -38.91
CA LEU A 563 -26.34 10.57 -38.64
C LEU A 563 -26.15 10.25 -37.16
N GLU A 564 -26.65 11.13 -36.29
CA GLU A 564 -26.56 10.88 -34.86
C GLU A 564 -27.35 9.63 -34.47
N ARG A 565 -28.54 9.45 -35.04
CA ARG A 565 -29.32 8.26 -34.72
C ARG A 565 -28.62 7.00 -35.21
N VAL A 566 -28.05 7.04 -36.42
CA VAL A 566 -27.32 5.89 -36.94
C VAL A 566 -26.12 5.57 -36.03
N PHE A 567 -25.40 6.60 -35.60
CA PHE A 567 -24.28 6.38 -34.69
C PHE A 567 -24.74 5.77 -33.37
N LEU A 568 -25.87 6.27 -32.84
CA LEU A 568 -26.38 5.72 -31.59
C LEU A 568 -26.69 4.25 -31.72
N ILE A 569 -27.40 3.87 -32.78
CA ILE A 569 -27.76 2.46 -32.97
C ILE A 569 -26.50 1.61 -33.15
N PHE A 570 -25.58 2.08 -34.00
CA PHE A 570 -24.37 1.31 -34.28
C PHE A 570 -23.53 1.11 -33.03
N PHE A 571 -23.33 2.17 -32.24
CA PHE A 571 -22.50 2.05 -31.05
C PHE A 571 -23.19 1.24 -29.96
N THR A 572 -24.51 1.33 -29.83
CA THR A 572 -25.21 0.48 -28.88
C THR A 572 -25.05 -0.99 -29.24
N ILE A 573 -25.21 -1.31 -30.53
CA ILE A 573 -25.05 -2.70 -30.96
C ILE A 573 -23.62 -3.17 -30.74
N CYS A 574 -22.64 -2.32 -31.05
CA CYS A 574 -21.24 -2.69 -30.87
C CYS A 574 -20.91 -2.93 -29.41
N PHE A 575 -21.37 -2.05 -28.52
CA PHE A 575 -21.11 -2.22 -27.09
C PHE A 575 -21.77 -3.49 -26.56
N LEU A 576 -23.02 -3.73 -26.94
CA LEU A 576 -23.70 -4.95 -26.50
C LEU A 576 -22.94 -6.18 -26.96
N PHE A 577 -22.60 -6.23 -28.25
CA PHE A 577 -21.88 -7.39 -28.77
C PHE A 577 -20.55 -7.58 -28.05
N SER A 578 -19.76 -6.51 -27.92
CA SER A 578 -18.46 -6.61 -27.26
C SER A 578 -18.60 -7.17 -25.85
N ALA A 579 -19.39 -6.49 -25.01
CA ALA A 579 -19.46 -6.87 -23.60
C ALA A 579 -20.04 -8.27 -23.44
N ILE A 580 -21.20 -8.54 -24.04
CA ILE A 580 -21.86 -9.83 -23.85
C ILE A 580 -21.02 -10.95 -24.44
N GLY A 581 -20.47 -10.77 -25.64
CA GLY A 581 -19.67 -11.81 -26.24
C GLY A 581 -18.42 -12.13 -25.44
N ILE A 582 -17.71 -11.12 -24.97
CA ILE A 582 -16.49 -11.36 -24.20
C ILE A 582 -16.83 -12.07 -22.89
N ASN A 583 -17.84 -11.58 -22.17
CA ASN A 583 -18.18 -12.19 -20.90
C ASN A 583 -18.70 -13.61 -21.08
N LEU A 584 -19.49 -13.85 -22.13
CA LEU A 584 -20.02 -15.20 -22.36
C LEU A 584 -18.95 -16.15 -22.84
N TYR A 585 -17.96 -15.68 -23.60
CA TYR A 585 -16.84 -16.54 -23.96
C TYR A 585 -16.04 -16.93 -22.72
N GLY A 586 -15.76 -15.96 -21.84
CA GLY A 586 -15.07 -16.29 -20.60
C GLY A 586 -15.85 -17.27 -19.76
N TRP A 587 -17.17 -17.05 -19.64
CA TRP A 587 -18.00 -17.96 -18.86
C TRP A 587 -18.09 -19.34 -19.51
N TYR A 588 -18.09 -19.40 -20.84
CA TYR A 588 -18.13 -20.70 -21.51
C TYR A 588 -16.86 -21.49 -21.24
N ILE A 589 -15.70 -20.81 -21.33
CA ILE A 589 -14.43 -21.48 -21.01
C ILE A 589 -14.45 -21.96 -19.57
N TRP A 590 -14.89 -21.09 -18.65
CA TRP A 590 -14.98 -21.44 -17.24
C TRP A 590 -15.86 -22.67 -17.04
N TYR A 591 -17.05 -22.66 -17.61
CA TYR A 591 -18.00 -23.76 -17.42
C TYR A 591 -17.47 -25.06 -18.01
N THR A 592 -16.92 -25.00 -19.22
CA THR A 592 -16.43 -26.22 -19.87
C THR A 592 -15.28 -26.83 -19.08
N GLU A 593 -14.27 -26.03 -18.73
CA GLU A 593 -13.14 -26.56 -17.99
C GLU A 593 -13.45 -26.80 -16.52
N ASN A 594 -14.62 -26.38 -16.04
CA ASN A 594 -15.06 -26.75 -14.69
C ASN A 594 -15.78 -28.10 -14.70
N HIS A 595 -16.77 -28.25 -15.58
CA HIS A 595 -17.64 -29.42 -15.56
C HIS A 595 -17.19 -30.53 -16.50
N PHE A 596 -16.06 -30.37 -17.19
CA PHE A 596 -15.57 -31.41 -18.08
C PHE A 596 -14.11 -31.79 -17.85
N LEU A 597 -13.51 -31.34 -16.77
CA LEU A 597 -12.14 -31.74 -16.43
C LEU A 597 -12.12 -32.49 -15.10
N PRO B 22 26.23 -28.29 53.23
CA PRO B 22 27.15 -27.15 53.33
C PRO B 22 26.60 -25.89 52.68
N ASP B 23 27.33 -25.32 51.75
CA ASP B 23 26.91 -24.10 51.05
C ASP B 23 26.06 -24.38 49.83
N ILE B 24 25.94 -25.64 49.41
CA ILE B 24 25.15 -26.00 48.24
C ILE B 24 23.67 -25.95 48.59
N PRO B 25 22.82 -25.36 47.76
CA PRO B 25 21.39 -25.33 48.06
C PRO B 25 20.78 -26.72 47.97
N ILE B 26 19.62 -26.87 48.64
CA ILE B 26 18.94 -28.14 48.62
C ILE B 26 18.26 -28.39 47.28
N GLN B 27 17.96 -27.33 46.52
CA GLN B 27 17.38 -27.53 45.20
C GLN B 27 18.41 -28.05 44.21
N TYR B 28 19.70 -27.77 44.44
CA TYR B 28 20.74 -28.36 43.61
C TYR B 28 20.78 -29.87 43.79
N GLU B 29 20.67 -30.33 45.04
CA GLU B 29 20.62 -31.77 45.29
C GLU B 29 19.32 -32.38 44.79
N LEU B 30 18.23 -31.61 44.84
CA LEU B 30 16.94 -32.10 44.36
C LEU B 30 16.98 -32.32 42.85
N ALA B 31 17.42 -31.31 42.10
CA ALA B 31 17.44 -31.42 40.64
C ALA B 31 18.47 -32.43 40.16
N ASN B 32 19.53 -32.65 40.93
CA ASN B 32 20.52 -33.66 40.54
C ASN B 32 19.99 -35.06 40.78
N ASN B 33 19.06 -35.23 41.72
CA ASN B 33 18.56 -36.56 42.05
C ASN B 33 17.45 -36.99 41.11
N ILE B 34 16.44 -36.14 40.91
CA ILE B 34 15.33 -36.51 40.04
C ILE B 34 15.77 -36.57 38.58
N MET B 35 16.64 -35.65 38.16
CA MET B 35 17.16 -35.65 36.80
C MET B 35 18.47 -36.43 36.70
N GLU B 36 18.47 -37.66 37.23
CA GLU B 36 19.66 -38.50 37.20
C GLU B 36 19.57 -39.55 36.09
N ASN B 37 18.53 -40.38 36.12
CA ASN B 37 18.29 -41.35 35.06
C ASN B 37 17.19 -40.92 34.11
N TYR B 38 16.74 -39.67 34.22
CA TYR B 38 15.67 -39.18 33.37
C TYR B 38 16.14 -39.02 31.93
N GLN B 39 15.28 -39.38 30.99
CA GLN B 39 15.54 -39.20 29.57
C GLN B 39 14.41 -38.36 28.99
N LYS B 40 14.73 -37.14 28.57
CA LYS B 40 13.74 -36.18 28.10
C LYS B 40 13.27 -36.46 26.68
N GLY B 41 13.93 -37.35 25.95
CA GLY B 41 13.53 -37.70 24.61
C GLY B 41 12.49 -38.80 24.53
N LEU B 42 12.00 -39.31 25.66
CA LEU B 42 11.05 -40.40 25.70
C LEU B 42 9.89 -40.02 26.61
N ILE B 43 8.71 -40.54 26.30
CA ILE B 43 7.52 -40.21 27.08
C ILE B 43 7.65 -40.79 28.49
N PRO B 44 7.45 -39.99 29.53
CA PRO B 44 7.55 -40.48 30.92
C PRO B 44 6.29 -41.23 31.37
N LYS B 45 6.15 -42.47 30.87
CA LYS B 45 4.99 -43.30 31.14
C LYS B 45 5.48 -44.62 31.72
N VAL B 46 5.67 -44.66 33.04
CA VAL B 46 6.08 -45.89 33.69
C VAL B 46 4.96 -46.93 33.64
N ARG B 47 3.73 -46.50 33.96
CA ARG B 47 2.59 -47.40 33.87
C ARG B 47 2.25 -47.68 32.41
N LYS B 48 1.82 -48.91 32.14
CA LYS B 48 1.70 -49.38 30.76
C LYS B 48 0.35 -49.02 30.15
N GLY B 49 -0.74 -49.33 30.84
CA GLY B 49 -2.05 -49.31 30.22
C GLY B 49 -2.89 -48.05 30.43
N SER B 50 -2.26 -46.88 30.34
CA SER B 50 -3.01 -45.64 30.48
C SER B 50 -2.26 -44.50 29.81
N PRO B 51 -2.94 -43.61 29.10
CA PRO B 51 -2.26 -42.48 28.47
C PRO B 51 -1.88 -41.42 29.48
N ILE B 52 -1.18 -40.40 28.99
CA ILE B 52 -0.82 -39.24 29.80
C ILE B 52 -1.89 -38.18 29.60
N ASN B 53 -2.53 -37.77 30.69
CA ASN B 53 -3.58 -36.76 30.63
C ASN B 53 -2.95 -35.38 30.65
N VAL B 54 -3.27 -34.56 29.66
CA VAL B 54 -2.77 -33.19 29.56
C VAL B 54 -3.96 -32.26 29.65
N THR B 55 -3.91 -31.31 30.59
CA THR B 55 -5.00 -30.38 30.84
C THR B 55 -4.59 -29.01 30.31
N LEU B 56 -5.13 -28.64 29.15
CA LEU B 56 -4.82 -27.37 28.54
C LEU B 56 -5.87 -26.33 28.90
N SER B 57 -5.42 -25.22 29.47
CA SER B 57 -6.29 -24.10 29.84
C SER B 57 -5.86 -22.88 29.04
N LEU B 58 -6.83 -22.10 28.56
CA LEU B 58 -6.57 -20.98 27.67
C LEU B 58 -7.20 -19.71 28.20
N GLN B 59 -6.45 -18.61 28.09
CA GLN B 59 -6.93 -17.28 28.42
C GLN B 59 -6.70 -16.35 27.24
N LEU B 60 -7.74 -15.61 26.87
CA LEU B 60 -7.63 -14.62 25.80
C LEU B 60 -7.19 -13.30 26.40
N TYR B 61 -6.12 -12.73 25.84
CA TYR B 61 -5.60 -11.45 26.29
C TYR B 61 -5.81 -10.32 25.30
N GLN B 62 -5.80 -10.62 24.00
CA GLN B 62 -5.94 -9.58 22.99
C GLN B 62 -6.31 -10.21 21.66
N ILE B 63 -7.02 -9.45 20.84
CA ILE B 63 -7.29 -9.81 19.45
C ILE B 63 -6.48 -8.82 18.60
N ILE B 64 -5.31 -9.27 18.14
CA ILE B 64 -4.40 -8.35 17.46
C ILE B 64 -4.93 -7.94 16.10
N GLN B 65 -5.42 -8.90 15.31
CA GLN B 65 -5.80 -8.62 13.94
C GLN B 65 -6.76 -9.69 13.45
N VAL B 66 -7.88 -9.27 12.90
CA VAL B 66 -8.80 -10.15 12.18
C VAL B 66 -8.60 -9.82 10.70
N ASN B 67 -7.72 -10.56 10.04
CA ASN B 67 -7.32 -10.28 8.67
C ASN B 67 -8.28 -10.99 7.72
N GLU B 68 -9.29 -10.26 7.26
CA GLU B 68 -10.24 -10.81 6.30
C GLU B 68 -9.61 -11.24 4.98
N PRO B 69 -8.73 -10.46 4.33
CA PRO B 69 -8.22 -10.88 3.01
C PRO B 69 -7.46 -12.19 3.01
N GLN B 70 -6.85 -12.60 4.13
CA GLN B 70 -6.06 -13.81 4.15
C GLN B 70 -6.62 -14.86 5.12
N GLN B 71 -7.84 -14.66 5.61
CA GLN B 71 -8.55 -15.66 6.41
C GLN B 71 -7.77 -16.07 7.66
N TYR B 72 -7.09 -15.10 8.28
CA TYR B 72 -6.31 -15.40 9.47
C TYR B 72 -6.60 -14.39 10.57
N LEU B 73 -6.72 -14.92 11.79
CA LEU B 73 -6.94 -14.12 13.00
C LEU B 73 -5.71 -14.24 13.90
N LEU B 74 -5.24 -13.10 14.41
CA LEU B 74 -4.05 -13.06 15.25
C LEU B 74 -4.48 -12.87 16.69
N LEU B 75 -4.29 -13.90 17.52
CA LEU B 75 -4.68 -13.89 18.92
C LEU B 75 -3.46 -13.87 19.82
N ASN B 76 -3.63 -13.27 20.99
CA ASN B 76 -2.61 -13.25 22.04
C ASN B 76 -3.21 -13.97 23.24
N ALA B 77 -2.81 -15.23 23.44
CA ALA B 77 -3.40 -16.07 24.45
C ALA B 77 -2.39 -16.42 25.54
N TRP B 78 -2.91 -16.87 26.68
CA TRP B 78 -2.12 -17.36 27.79
C TRP B 78 -2.47 -18.82 28.00
N ALA B 79 -1.53 -19.71 27.70
CA ALA B 79 -1.76 -21.14 27.75
C ALA B 79 -1.13 -21.74 29.00
N VAL B 80 -1.90 -22.55 29.71
CA VAL B 80 -1.42 -23.28 30.88
C VAL B 80 -1.61 -24.76 30.62
N GLU B 81 -0.55 -25.54 30.84
CA GLU B 81 -0.54 -26.95 30.49
C GLU B 81 -0.10 -27.76 31.71
N ARG B 82 -0.93 -28.72 32.11
CA ARG B 82 -0.64 -29.56 33.27
C ARG B 82 -0.73 -31.02 32.90
N TRP B 83 0.29 -31.79 33.27
CA TRP B 83 0.28 -33.24 33.17
C TRP B 83 1.08 -33.79 34.34
N VAL B 84 1.21 -35.11 34.40
CA VAL B 84 1.94 -35.78 35.47
C VAL B 84 3.13 -36.50 34.85
N ASP B 85 4.32 -36.17 35.34
CA ASP B 85 5.56 -36.80 34.90
C ASP B 85 5.90 -37.88 35.90
N GLN B 86 5.65 -39.14 35.52
CA GLN B 86 5.77 -40.26 36.44
C GLN B 86 7.22 -40.59 36.81
N MET B 87 8.20 -39.96 36.16
CA MET B 87 9.60 -40.21 36.47
C MET B 87 10.22 -39.18 37.40
N LEU B 88 9.71 -37.96 37.42
CA LEU B 88 10.32 -36.88 38.20
C LEU B 88 9.68 -36.75 39.58
N GLY B 89 9.60 -37.86 40.31
CA GLY B 89 9.00 -37.88 41.64
C GLY B 89 10.06 -38.04 42.71
N TRP B 90 9.95 -37.25 43.77
CA TRP B 90 10.88 -37.29 44.88
C TRP B 90 10.11 -37.27 46.19
N ASP B 91 10.74 -37.80 47.24
CA ASP B 91 10.19 -37.74 48.58
C ASP B 91 10.55 -36.40 49.22
N PRO B 92 9.58 -35.56 49.56
CA PRO B 92 9.93 -34.25 50.14
C PRO B 92 10.77 -34.36 51.40
N SER B 93 10.48 -35.32 52.27
CA SER B 93 11.15 -35.39 53.57
C SER B 93 12.66 -35.53 53.41
N GLU B 94 13.11 -36.24 52.38
CA GLU B 94 14.54 -36.42 52.18
C GLU B 94 15.23 -35.12 51.82
N PHE B 95 14.64 -34.34 50.91
CA PHE B 95 15.27 -33.13 50.40
C PHE B 95 14.80 -31.89 51.16
N ASP B 96 15.02 -31.94 52.48
CA ASP B 96 14.73 -30.83 53.37
C ASP B 96 13.29 -30.35 53.26
N ASN B 97 12.37 -31.28 53.00
CA ASN B 97 10.94 -31.01 53.09
C ASN B 97 10.52 -29.88 52.14
N GLU B 98 11.01 -29.97 50.90
CA GLU B 98 10.62 -29.07 49.82
C GLU B 98 9.65 -29.80 48.89
N THR B 99 8.56 -29.13 48.52
CA THR B 99 7.51 -29.76 47.73
C THR B 99 7.44 -29.22 46.31
N GLU B 100 8.33 -28.29 45.94
CA GLU B 100 8.29 -27.70 44.61
C GLU B 100 9.70 -27.40 44.14
N ILE B 101 9.89 -27.41 42.83
CA ILE B 101 11.14 -27.01 42.20
C ILE B 101 10.82 -26.46 40.83
N MET B 102 11.57 -25.46 40.40
CA MET B 102 11.33 -24.76 39.15
C MET B 102 12.45 -25.07 38.18
N ALA B 103 12.11 -25.73 37.07
CA ALA B 103 13.09 -26.18 36.10
C ALA B 103 12.86 -25.49 34.75
N ARG B 104 13.63 -25.89 33.75
CA ARG B 104 13.52 -25.35 32.42
C ARG B 104 12.81 -26.32 31.50
N HIS B 105 12.10 -25.77 30.50
CA HIS B 105 11.40 -26.60 29.53
C HIS B 105 12.36 -27.45 28.70
N ASP B 106 13.63 -27.04 28.60
CA ASP B 106 14.59 -27.82 27.83
C ASP B 106 14.97 -29.11 28.53
N ASP B 107 14.87 -29.15 29.87
CA ASP B 107 15.38 -30.27 30.65
C ASP B 107 14.40 -31.42 30.81
N ILE B 108 13.13 -31.24 30.45
CA ILE B 108 12.12 -32.27 30.68
C ILE B 108 11.33 -32.50 29.39
N TRP B 109 10.61 -33.62 29.38
CA TRP B 109 9.79 -33.97 28.23
C TRP B 109 8.54 -33.12 28.22
N LEU B 110 8.23 -32.53 27.05
CA LEU B 110 7.08 -31.67 26.89
C LEU B 110 6.14 -32.26 25.84
N PRO B 111 4.84 -32.33 26.13
CA PRO B 111 3.89 -32.80 25.11
C PRO B 111 3.87 -31.87 23.90
N ASP B 112 3.71 -32.46 22.72
CA ASP B 112 3.74 -31.69 21.47
C ASP B 112 2.34 -31.15 21.15
N THR B 113 1.88 -30.24 22.01
CA THR B 113 0.59 -29.60 21.79
C THR B 113 0.68 -28.68 20.58
N THR B 114 -0.12 -28.96 19.57
CA THR B 114 -0.07 -28.28 18.29
C THR B 114 -1.42 -27.64 17.99
N LEU B 115 -1.38 -26.41 17.48
CA LEU B 115 -2.58 -25.78 16.92
C LEU B 115 -2.70 -26.24 15.48
N TYR B 116 -3.72 -27.06 15.19
CA TYR B 116 -3.79 -27.73 13.90
C TYR B 116 -3.92 -26.74 12.76
N ASN B 117 -4.74 -25.70 12.93
CA ASN B 117 -4.98 -24.71 11.89
C ASN B 117 -4.07 -23.50 12.02
N SER B 118 -2.88 -23.67 12.60
CA SER B 118 -1.93 -22.57 12.70
C SER B 118 -1.33 -22.27 11.33
N LEU B 119 -1.13 -20.98 11.05
CA LEU B 119 -0.49 -20.53 9.82
C LEU B 119 0.97 -20.17 10.03
N GLU B 120 1.53 -20.48 11.19
CA GLU B 120 2.93 -20.21 11.50
C GLU B 120 3.59 -21.51 11.94
N MET B 121 4.67 -21.88 11.25
CA MET B 121 5.40 -23.10 11.57
C MET B 121 6.58 -22.88 12.50
N ASP B 122 7.05 -21.64 12.64
CA ASP B 122 8.13 -21.33 13.56
C ASP B 122 7.57 -21.16 14.95
N ASP B 123 8.01 -22.02 15.88
CA ASP B 123 7.51 -21.99 17.25
C ASP B 123 8.23 -20.99 18.13
N SER B 124 9.20 -20.27 17.59
CA SER B 124 9.85 -19.18 18.30
C SER B 124 9.16 -17.85 18.06
N ALA B 125 8.16 -17.81 17.18
CA ALA B 125 7.37 -16.61 16.95
C ALA B 125 5.95 -16.74 17.45
N SER B 126 5.57 -17.89 17.98
CA SER B 126 4.23 -18.10 18.51
C SER B 126 4.22 -18.68 19.92
N LYS B 127 5.38 -18.79 20.57
CA LYS B 127 5.48 -19.43 21.87
C LYS B 127 6.70 -18.90 22.59
N LYS B 128 6.63 -18.85 23.91
CA LYS B 128 7.70 -18.32 24.73
C LYS B 128 7.97 -19.25 25.91
N LEU B 129 8.15 -20.53 25.60
CA LEU B 129 8.47 -21.53 26.61
C LEU B 129 9.77 -21.17 27.31
N THR B 130 9.70 -20.92 28.62
CA THR B 130 10.88 -20.50 29.38
C THR B 130 11.18 -21.43 30.55
N HIS B 131 10.20 -21.76 31.39
CA HIS B 131 10.41 -22.60 32.57
C HIS B 131 9.19 -23.47 32.81
N VAL B 132 9.39 -24.49 33.65
CA VAL B 132 8.31 -25.37 34.10
C VAL B 132 8.35 -25.43 35.62
N LYS B 133 7.22 -25.82 36.21
CA LYS B 133 7.08 -25.96 37.65
C LYS B 133 6.77 -27.41 37.98
N LEU B 134 7.50 -27.97 38.95
CA LEU B 134 7.39 -29.39 39.31
C LEU B 134 6.91 -29.48 40.76
N THR B 135 5.72 -30.04 40.95
CA THR B 135 5.18 -30.32 42.27
C THR B 135 5.09 -31.84 42.46
N THR B 136 5.68 -32.34 43.53
CA THR B 136 5.80 -33.78 43.72
C THR B 136 4.53 -34.36 44.32
N LEU B 137 4.15 -35.54 43.82
CA LEU B 137 3.07 -36.33 44.39
C LEU B 137 3.56 -37.53 45.17
N GLY B 138 4.88 -37.69 45.31
CA GLY B 138 5.48 -38.87 45.90
C GLY B 138 6.66 -39.35 45.10
N LYS B 139 7.44 -40.23 45.72
CA LYS B 139 8.67 -40.71 45.11
C LYS B 139 8.39 -41.49 43.83
N ASN B 140 7.51 -42.49 43.90
CA ASN B 140 7.20 -43.34 42.76
C ASN B 140 5.88 -42.98 42.10
N GLN B 141 5.22 -41.90 42.54
CA GLN B 141 3.95 -41.50 41.97
C GLN B 141 4.07 -40.38 40.95
N GLY B 142 5.26 -39.79 40.80
CA GLY B 142 5.46 -38.78 39.76
C GLY B 142 5.41 -37.36 40.28
N ALA B 143 5.17 -36.41 39.39
CA ALA B 143 5.11 -35.00 39.78
C ALA B 143 4.20 -34.26 38.82
N MET B 144 3.46 -33.29 39.35
CA MET B 144 2.63 -32.43 38.52
C MET B 144 3.49 -31.35 37.87
N VAL B 145 3.41 -31.27 36.54
CA VAL B 145 4.17 -30.30 35.76
C VAL B 145 3.22 -29.23 35.26
N GLU B 146 3.50 -27.98 35.59
CA GLU B 146 2.74 -26.84 35.12
C GLU B 146 3.58 -26.06 34.11
N LEU B 147 3.02 -25.82 32.93
CA LEU B 147 3.72 -25.14 31.84
C LEU B 147 2.94 -23.89 31.47
N LEU B 148 3.41 -22.74 31.94
CA LEU B 148 2.81 -21.45 31.65
C LEU B 148 3.64 -20.74 30.57
N TYR B 149 2.98 -20.22 29.55
CA TYR B 149 3.68 -19.54 28.47
C TYR B 149 2.71 -18.67 27.70
N PRO B 150 3.15 -17.52 27.19
CA PRO B 150 2.29 -16.72 26.32
C PRO B 150 2.42 -17.15 24.87
N THR B 151 1.32 -17.02 24.13
CA THR B 151 1.26 -17.47 22.75
C THR B 151 0.73 -16.36 21.87
N ILE B 152 1.10 -16.41 20.58
CA ILE B 152 0.51 -15.58 19.54
C ILE B 152 0.08 -16.52 18.43
N TYR B 153 -1.23 -16.67 18.26
CA TYR B 153 -1.79 -17.67 17.35
C TYR B 153 -2.19 -17.03 16.03
N LYS B 154 -1.68 -17.57 14.93
CA LYS B 154 -2.12 -17.21 13.58
C LYS B 154 -3.07 -18.31 13.14
N ILE B 155 -4.37 -18.02 13.18
CA ILE B 155 -5.42 -19.01 13.13
C ILE B 155 -6.04 -19.01 11.74
N SER B 156 -6.21 -20.21 11.16
CA SER B 156 -6.91 -20.36 9.89
C SER B 156 -8.40 -20.46 10.17
N CYS B 157 -9.12 -19.36 9.99
CA CYS B 157 -10.54 -19.31 10.25
C CYS B 157 -11.28 -18.81 9.02
N LEU B 158 -12.44 -19.40 8.76
CA LEU B 158 -13.27 -19.04 7.61
C LEU B 158 -14.24 -17.94 8.01
N LEU B 159 -14.32 -16.90 7.18
CA LEU B 159 -15.18 -15.75 7.43
C LEU B 159 -16.39 -15.79 6.50
N ASN B 160 -17.57 -15.61 7.06
CA ASN B 160 -18.81 -15.51 6.29
C ASN B 160 -19.23 -14.04 6.33
N LEU B 161 -18.70 -13.26 5.38
CA LEU B 161 -18.99 -11.83 5.31
C LEU B 161 -20.24 -11.54 4.48
N LYS B 162 -21.33 -12.24 4.81
CA LYS B 162 -22.59 -12.01 4.13
C LYS B 162 -23.33 -10.80 4.69
N TYR B 163 -23.22 -10.56 6.00
CA TYR B 163 -23.91 -9.46 6.65
C TYR B 163 -22.96 -8.30 6.97
N PHE B 164 -21.86 -8.18 6.23
CA PHE B 164 -20.91 -7.12 6.46
C PHE B 164 -21.60 -5.76 6.31
N PRO B 165 -21.34 -4.79 7.21
CA PRO B 165 -20.44 -4.85 8.37
C PRO B 165 -21.11 -5.30 9.67
N PHE B 166 -22.30 -5.90 9.60
CA PHE B 166 -23.03 -6.36 10.78
C PHE B 166 -22.83 -7.85 11.01
N ASP B 167 -21.64 -8.36 10.69
CA ASP B 167 -21.37 -9.79 10.66
C ASP B 167 -20.74 -10.26 11.96
N THR B 168 -21.05 -11.51 12.32
CA THR B 168 -20.44 -12.20 13.44
C THR B 168 -19.70 -13.43 12.93
N GLN B 169 -18.46 -13.60 13.38
CA GLN B 169 -17.60 -14.67 12.92
C GLN B 169 -17.23 -15.60 14.07
N THR B 170 -17.19 -16.90 13.79
CA THR B 170 -16.77 -17.91 14.76
C THR B 170 -15.43 -18.47 14.32
N CYS B 171 -14.46 -18.44 15.23
CA CYS B 171 -13.10 -18.89 14.94
C CYS B 171 -12.79 -20.13 15.76
N ARG B 172 -12.34 -21.18 15.09
CA ARG B 172 -12.06 -22.46 15.73
C ARG B 172 -10.57 -22.62 15.96
N MET B 173 -10.22 -23.24 17.09
CA MET B 173 -8.84 -23.52 17.47
C MET B 173 -8.75 -25.00 17.82
N THR B 174 -8.09 -25.77 16.96
CA THR B 174 -7.95 -27.20 17.16
C THR B 174 -6.58 -27.48 17.79
N PHE B 175 -6.59 -28.14 18.94
CA PHE B 175 -5.37 -28.43 19.70
C PHE B 175 -5.23 -29.94 19.88
N GLY B 176 -4.00 -30.43 19.73
CA GLY B 176 -3.74 -31.83 19.94
C GLY B 176 -2.30 -32.15 19.59
N SER B 177 -1.92 -33.39 19.87
CA SER B 177 -0.60 -33.90 19.52
C SER B 177 -0.58 -34.26 18.04
N TRP B 178 0.50 -33.87 17.35
CA TRP B 178 0.62 -34.22 15.94
C TRP B 178 0.98 -35.69 15.75
N SER B 179 1.88 -36.21 16.59
CA SER B 179 2.39 -37.56 16.42
C SER B 179 1.90 -38.56 17.46
N PHE B 180 1.41 -38.09 18.59
CA PHE B 180 0.94 -38.98 19.66
C PHE B 180 -0.57 -39.13 19.57
N ASP B 181 -1.04 -40.38 19.55
CA ASP B 181 -2.45 -40.68 19.44
C ASP B 181 -3.08 -40.78 20.83
N ASN B 182 -4.34 -41.21 20.86
CA ASN B 182 -5.10 -41.24 22.10
C ASN B 182 -4.51 -42.19 23.13
N SER B 183 -3.85 -43.26 22.69
CA SER B 183 -3.28 -44.23 23.62
C SER B 183 -2.06 -43.69 24.36
N LEU B 184 -1.44 -42.61 23.86
CA LEU B 184 -0.25 -42.04 24.46
C LEU B 184 -0.52 -40.75 25.22
N ILE B 185 -1.12 -39.76 24.56
CA ILE B 185 -1.41 -38.46 25.17
C ILE B 185 -2.90 -38.18 25.01
N ASP B 186 -3.56 -37.85 26.13
CA ASP B 186 -4.98 -37.51 26.14
C ASP B 186 -5.12 -36.07 26.61
N TYR B 187 -5.95 -35.30 25.89
CA TYR B 187 -6.12 -33.88 26.15
C TYR B 187 -7.48 -33.62 26.78
N PHE B 188 -7.51 -32.78 27.80
CA PHE B 188 -8.73 -32.40 28.48
C PHE B 188 -8.76 -30.89 28.67
N PRO B 189 -9.95 -30.28 28.60
CA PRO B 189 -10.06 -28.83 28.80
C PRO B 189 -10.19 -28.46 30.27
N ARG B 190 -9.64 -27.29 30.61
CA ARG B 190 -9.82 -26.67 31.91
C ARG B 190 -10.53 -25.34 31.70
N THR B 191 -11.78 -25.25 32.15
CA THR B 191 -12.61 -24.08 31.91
C THR B 191 -12.58 -23.15 33.12
N PHE B 192 -12.89 -21.89 32.87
CA PHE B 192 -12.91 -20.86 33.90
C PHE B 192 -14.34 -20.63 34.38
N THR B 193 -14.50 -19.70 35.31
CA THR B 193 -15.82 -19.39 35.84
C THR B 193 -16.69 -18.69 34.81
N ASN B 194 -16.12 -17.78 34.02
CA ASN B 194 -16.87 -17.04 33.02
C ASN B 194 -17.07 -17.80 31.72
N GLY B 195 -16.34 -18.90 31.51
CA GLY B 195 -16.46 -19.68 30.30
C GLY B 195 -15.24 -20.51 30.02
N PRO B 196 -15.24 -21.20 28.88
CA PRO B 196 -14.09 -22.04 28.51
C PRO B 196 -12.78 -21.26 28.41
N ILE B 197 -12.76 -20.23 27.57
CA ILE B 197 -11.59 -19.37 27.43
C ILE B 197 -11.76 -18.19 28.37
N GLY B 198 -10.81 -18.03 29.29
CA GLY B 198 -10.88 -16.94 30.24
C GLY B 198 -10.79 -15.59 29.55
N LEU B 199 -11.68 -14.68 29.93
CA LEU B 199 -11.69 -13.33 29.36
C LEU B 199 -11.60 -12.26 30.45
N ALA B 200 -11.19 -12.64 31.65
CA ALA B 200 -11.04 -11.68 32.75
C ALA B 200 -9.88 -10.73 32.55
N ASN B 201 -8.96 -11.04 31.63
CA ASN B 201 -7.84 -10.17 31.34
C ASN B 201 -7.88 -9.64 29.91
N PHE B 202 -8.92 -9.95 29.14
CA PHE B 202 -9.02 -9.48 27.76
C PHE B 202 -9.14 -7.97 27.73
N LEU B 203 -8.32 -7.34 26.90
CA LEU B 203 -8.37 -5.89 26.69
C LEU B 203 -9.16 -5.60 25.43
N GLU B 204 -10.04 -4.59 25.51
CA GLU B 204 -11.04 -4.38 24.48
C GLU B 204 -10.41 -4.09 23.12
N ASN B 205 -10.98 -4.70 22.09
CA ASN B 205 -10.60 -4.43 20.71
C ASN B 205 -11.46 -3.31 20.15
N ASP B 206 -10.85 -2.49 19.29
CA ASP B 206 -11.56 -1.31 18.78
C ASP B 206 -12.64 -1.68 17.78
N ALA B 207 -12.51 -2.83 17.10
CA ALA B 207 -13.40 -3.18 16.01
C ALA B 207 -14.20 -4.47 16.23
N TRP B 208 -13.86 -5.27 17.24
CA TRP B 208 -14.50 -6.57 17.44
C TRP B 208 -14.92 -6.73 18.90
N SER B 209 -16.06 -7.38 19.08
CA SER B 209 -16.61 -7.67 20.40
C SER B 209 -16.74 -9.17 20.57
N VAL B 210 -16.17 -9.70 21.65
CA VAL B 210 -16.27 -11.13 21.94
C VAL B 210 -17.60 -11.39 22.63
N LEU B 211 -18.46 -12.18 21.99
CA LEU B 211 -19.77 -12.48 22.54
C LEU B 211 -19.80 -13.76 23.38
N GLY B 212 -18.86 -14.67 23.17
CA GLY B 212 -18.84 -15.90 23.93
C GLY B 212 -17.72 -16.81 23.49
N THR B 213 -17.61 -17.92 24.19
CA THR B 213 -16.57 -18.91 23.92
C THR B 213 -17.13 -20.30 24.12
N LYS B 214 -16.53 -21.27 23.44
CA LYS B 214 -16.98 -22.65 23.53
C LYS B 214 -15.78 -23.57 23.42
N VAL B 215 -15.89 -24.74 24.06
CA VAL B 215 -14.86 -25.78 23.99
C VAL B 215 -15.55 -27.11 23.72
N ASN B 216 -14.93 -27.93 22.90
CA ASN B 216 -15.50 -29.22 22.49
C ASN B 216 -14.39 -30.23 22.36
N ARG B 217 -14.38 -31.23 23.25
CA ARG B 217 -13.41 -32.30 23.19
C ARG B 217 -13.87 -33.34 22.17
N GLU B 218 -12.97 -33.73 21.27
CA GLU B 218 -13.29 -34.63 20.18
C GLU B 218 -12.39 -35.86 20.23
N GLU B 219 -12.74 -36.84 19.40
CA GLU B 219 -11.95 -38.06 19.21
C GLU B 219 -12.06 -38.42 17.74
N LYS B 220 -11.04 -38.04 16.97
CA LYS B 220 -11.06 -38.17 15.51
C LYS B 220 -10.10 -39.27 15.08
N LYS B 221 -10.56 -40.11 14.15
CA LYS B 221 -9.73 -41.14 13.54
C LYS B 221 -9.22 -40.63 12.20
N TYR B 222 -7.90 -40.56 12.07
CA TYR B 222 -7.27 -40.08 10.84
C TYR B 222 -6.80 -41.25 10.00
N THR B 223 -6.60 -40.99 8.70
CA THR B 223 -6.22 -42.04 7.76
C THR B 223 -4.85 -42.62 8.11
N CYS B 224 -3.91 -41.78 8.55
CA CYS B 224 -2.56 -42.25 8.81
C CYS B 224 -2.52 -43.22 9.99
N CYS B 225 -2.91 -42.75 11.17
CA CYS B 225 -2.78 -43.59 12.36
C CYS B 225 -4.02 -44.48 12.53
N PRO B 226 -3.83 -45.73 12.94
CA PRO B 226 -4.96 -46.61 13.21
C PRO B 226 -5.60 -46.41 14.58
N VAL B 227 -5.24 -45.34 15.30
CA VAL B 227 -5.79 -45.05 16.62
C VAL B 227 -6.37 -43.64 16.60
N ASN B 228 -7.29 -43.40 17.52
CA ASN B 228 -7.98 -42.12 17.60
C ASN B 228 -7.02 -41.01 18.05
N TYR B 229 -7.41 -39.77 17.75
CA TYR B 229 -6.72 -38.59 18.22
C TYR B 229 -7.68 -37.76 19.06
N THR B 230 -7.24 -37.33 20.24
CA THR B 230 -8.05 -36.49 21.10
C THR B 230 -7.75 -35.02 20.78
N LEU B 231 -8.78 -34.29 20.37
CA LEU B 231 -8.63 -32.90 19.96
C LEU B 231 -9.52 -32.00 20.81
N LEU B 232 -9.06 -30.77 21.01
CA LEU B 232 -9.82 -29.74 21.70
C LEU B 232 -10.16 -28.64 20.71
N HIS B 233 -11.45 -28.36 20.57
CA HIS B 233 -11.93 -27.34 19.64
C HIS B 233 -12.40 -26.13 20.45
N TYR B 234 -11.65 -25.04 20.37
CA TYR B 234 -11.97 -23.81 21.08
C TYR B 234 -12.60 -22.85 20.07
N ASP B 235 -13.87 -22.50 20.30
CA ASP B 235 -14.59 -21.59 19.42
C ASP B 235 -14.72 -20.23 20.08
N VAL B 236 -14.35 -19.19 19.33
CA VAL B 236 -14.47 -17.81 19.79
C VAL B 236 -15.45 -17.10 18.86
N VAL B 237 -16.52 -16.55 19.44
CA VAL B 237 -17.55 -15.85 18.68
C VAL B 237 -17.31 -14.36 18.85
N ILE B 238 -16.95 -13.69 17.76
CA ILE B 238 -16.62 -12.27 17.77
C ILE B 238 -17.56 -11.54 16.82
N GLN B 239 -18.16 -10.46 17.30
CA GLN B 239 -19.00 -9.60 16.49
C GLN B 239 -18.23 -8.37 16.05
N ARG B 240 -18.62 -7.82 14.90
CA ARG B 240 -18.01 -6.61 14.38
C ARG B 240 -18.77 -5.39 14.89
N LYS B 241 -18.04 -4.30 15.13
CA LYS B 241 -18.65 -3.06 15.57
C LYS B 241 -18.97 -2.20 14.35
N PRO B 242 -20.24 -2.16 13.93
CA PRO B 242 -20.61 -1.50 12.66
C PRO B 242 -20.97 -0.02 12.84
N LEU B 243 -20.02 0.76 13.34
CA LEU B 243 -20.23 2.20 13.46
C LEU B 243 -19.26 2.98 12.59
N TYR B 244 -18.08 2.44 12.29
CA TYR B 244 -17.13 3.07 11.40
C TYR B 244 -17.47 2.87 9.93
N TYR B 245 -17.99 1.70 9.56
CA TYR B 245 -18.33 1.44 8.17
C TYR B 245 -19.61 2.16 7.78
N VAL B 246 -20.60 2.20 8.68
CA VAL B 246 -21.83 2.90 8.39
C VAL B 246 -21.59 4.40 8.22
N LEU B 247 -20.75 4.97 9.09
CA LEU B 247 -20.50 6.41 9.03
C LEU B 247 -19.65 6.79 7.81
N ASN B 248 -18.58 6.03 7.56
CA ASN B 248 -17.60 6.45 6.56
C ASN B 248 -17.97 5.99 5.16
N LEU B 249 -18.74 4.91 5.01
CA LEU B 249 -19.07 4.37 3.70
C LEU B 249 -20.53 4.52 3.35
N ILE B 250 -21.43 4.04 4.20
CA ILE B 250 -22.86 4.02 3.86
C ILE B 250 -23.41 5.43 3.85
N ALA B 251 -23.09 6.23 4.88
CA ALA B 251 -23.71 7.55 5.01
C ALA B 251 -23.39 8.47 3.84
N PRO B 252 -22.13 8.70 3.46
CA PRO B 252 -21.88 9.57 2.30
C PRO B 252 -22.45 9.01 1.00
N THR B 253 -22.46 7.69 0.84
CA THR B 253 -23.02 7.09 -0.37
C THR B 253 -24.51 7.38 -0.50
N ALA B 254 -25.25 7.25 0.61
CA ALA B 254 -26.68 7.53 0.58
C ALA B 254 -26.94 9.00 0.30
N VAL B 255 -26.14 9.90 0.90
CA VAL B 255 -26.34 11.33 0.68
C VAL B 255 -26.08 11.69 -0.77
N ILE B 256 -25.00 11.17 -1.35
CA ILE B 256 -24.67 11.48 -2.75
C ILE B 256 -25.77 10.96 -3.67
N THR B 257 -26.30 9.77 -3.40
CA THR B 257 -27.37 9.23 -4.21
C THR B 257 -28.63 10.09 -4.13
N PHE B 258 -28.96 10.57 -2.92
CA PHE B 258 -30.14 11.42 -2.77
C PHE B 258 -29.97 12.74 -3.50
N ILE B 259 -28.77 13.34 -3.43
CA ILE B 259 -28.54 14.61 -4.10
C ILE B 259 -28.64 14.44 -5.61
N SER B 260 -28.10 13.34 -6.14
CA SER B 260 -28.15 13.09 -7.58
C SER B 260 -29.58 12.89 -8.05
N ILE B 261 -30.41 12.20 -7.25
CA ILE B 261 -31.78 11.92 -7.64
C ILE B 261 -32.56 13.22 -7.85
N ILE B 262 -32.37 14.18 -6.93
CA ILE B 262 -33.04 15.47 -7.08
C ILE B 262 -32.50 16.20 -8.31
N GLY B 263 -31.21 16.08 -8.59
CA GLY B 263 -30.64 16.72 -9.75
C GLY B 263 -31.21 16.19 -11.06
N PHE B 264 -31.49 14.88 -11.10
CA PHE B 264 -32.00 14.28 -12.33
C PHE B 264 -33.39 14.81 -12.66
N PHE B 265 -34.25 14.98 -11.66
CA PHE B 265 -35.68 15.16 -11.87
C PHE B 265 -36.18 16.51 -11.35
N THR B 266 -35.31 17.53 -11.38
CA THR B 266 -35.71 18.89 -11.06
C THR B 266 -35.19 19.83 -12.14
N SER B 267 -36.07 20.69 -12.65
CA SER B 267 -35.71 21.67 -13.66
C SER B 267 -36.04 23.07 -13.16
N SER B 268 -35.44 24.06 -13.81
CA SER B 268 -35.65 25.45 -13.42
C SER B 268 -36.94 26.04 -13.97
N SER B 269 -37.58 25.38 -14.94
CA SER B 269 -38.84 25.85 -15.49
C SER B 269 -39.45 24.74 -16.33
N VAL B 270 -40.76 24.85 -16.56
CA VAL B 270 -41.51 23.81 -17.26
C VAL B 270 -41.44 23.93 -18.78
N HIS B 271 -41.31 25.16 -19.32
CA HIS B 271 -41.48 25.39 -20.75
C HIS B 271 -40.19 25.76 -21.46
N ASP B 272 -39.05 25.34 -20.94
CA ASP B 272 -37.77 25.49 -21.63
C ASP B 272 -37.10 24.12 -21.75
N LEU B 273 -36.33 23.96 -22.82
CA LEU B 273 -35.70 22.68 -23.10
C LEU B 273 -34.76 22.28 -21.97
N ARG B 274 -34.90 21.02 -21.54
CA ARG B 274 -34.07 20.51 -20.46
C ARG B 274 -32.66 20.18 -20.97
N GLN B 275 -31.69 20.33 -20.07
CA GLN B 275 -30.32 19.97 -20.36
C GLN B 275 -30.07 18.50 -20.01
N GLU B 276 -29.15 17.89 -20.75
CA GLU B 276 -28.78 16.51 -20.48
C GLU B 276 -28.20 16.36 -19.07
N LYS B 277 -28.61 15.29 -18.39
CA LYS B 277 -28.17 15.02 -17.02
C LYS B 277 -27.31 13.75 -16.97
N ILE B 278 -26.50 13.54 -18.00
CA ILE B 278 -25.71 12.32 -18.07
C ILE B 278 -24.31 12.48 -17.46
N THR B 279 -23.72 13.66 -17.61
CA THR B 279 -22.49 13.94 -16.87
C THR B 279 -22.75 13.97 -15.37
N LEU B 280 -24.02 14.46 -15.00
CA LEU B 280 -24.36 14.35 -13.59
C LEU B 280 -24.38 12.89 -13.14
N GLY B 281 -24.93 12.00 -13.96
CA GLY B 281 -24.93 10.59 -13.62
C GLY B 281 -23.53 9.99 -13.62
N ILE B 282 -22.72 10.34 -14.62
CA ILE B 282 -21.36 9.82 -14.69
C ILE B 282 -20.53 10.33 -13.51
N THR B 283 -20.60 11.56 -13.08
CA THR B 283 -19.87 12.02 -11.88
C THR B 283 -20.34 11.36 -10.62
N THR B 284 -21.60 11.03 -10.45
CA THR B 284 -22.05 10.36 -9.32
C THR B 284 -21.54 9.03 -9.40
N LEU B 285 -21.48 8.38 -10.49
CA LEU B 285 -20.94 7.06 -10.51
C LEU B 285 -19.43 7.07 -10.25
N LEU B 286 -18.64 8.01 -10.69
CA LEU B 286 -17.25 8.13 -10.28
C LEU B 286 -17.12 8.25 -8.81
N SER B 287 -17.83 9.09 -8.16
CA SER B 287 -17.75 9.10 -6.76
C SER B 287 -18.10 7.79 -6.07
N MET B 288 -19.06 7.08 -6.55
CA MET B 288 -19.43 5.90 -5.85
C MET B 288 -18.44 4.88 -6.13
N SER B 289 -17.74 4.94 -7.25
CA SER B 289 -16.67 4.03 -7.46
C SER B 289 -15.65 4.36 -6.48
N ILE B 290 -15.21 5.57 -6.37
CA ILE B 290 -14.25 5.86 -5.31
C ILE B 290 -14.69 5.27 -3.95
N MET B 291 -15.95 5.25 -3.70
CA MET B 291 -16.33 4.68 -2.44
C MET B 291 -16.30 3.22 -2.34
N ILE B 292 -16.81 2.51 -3.28
CA ILE B 292 -16.62 1.10 -3.24
C ILE B 292 -15.14 0.77 -3.30
N PHE B 293 -14.27 1.61 -3.82
CA PHE B 293 -12.87 1.32 -3.81
C PHE B 293 -12.41 1.36 -2.43
N MET B 294 -12.81 2.35 -1.69
CA MET B 294 -12.39 2.24 -0.30
C MET B 294 -13.10 1.23 0.57
N VAL B 295 -14.07 0.43 0.09
CA VAL B 295 -14.68 -0.67 0.84
C VAL B 295 -14.05 -2.01 0.48
N SER B 296 -13.37 -2.09 -0.67
CA SER B 296 -12.64 -3.30 -1.03
C SER B 296 -11.36 -3.48 -0.23
N ASP B 297 -10.83 -2.39 0.37
CA ASP B 297 -9.64 -2.51 1.19
C ASP B 297 -9.90 -3.36 2.43
N LYS B 298 -10.96 -3.03 3.18
CA LYS B 298 -11.32 -3.75 4.40
C LYS B 298 -12.43 -4.76 4.07
N MET B 299 -12.15 -5.63 3.09
CA MET B 299 -13.01 -6.75 2.74
C MET B 299 -12.26 -7.65 1.76
N PRO B 300 -12.41 -8.97 1.85
CA PRO B 300 -11.72 -9.86 0.91
C PRO B 300 -12.50 -9.98 -0.40
N SER B 301 -11.76 -10.87 -1.36
CA SER B 301 -12.39 -11.16 -2.64
C SER B 301 -13.46 -12.24 -2.47
N THR B 302 -14.50 -11.88 -1.71
CA THR B 302 -15.59 -12.79 -1.42
C THR B 302 -16.39 -13.07 -2.69
N SER B 303 -16.21 -14.25 -3.26
CA SER B 303 -16.91 -14.65 -4.47
C SER B 303 -17.98 -15.70 -4.20
N THR B 304 -18.22 -16.04 -2.94
CA THR B 304 -19.24 -17.04 -2.59
C THR B 304 -20.60 -16.39 -2.35
N CYS B 305 -20.63 -15.30 -1.59
CA CYS B 305 -21.86 -14.60 -1.27
C CYS B 305 -21.73 -13.14 -1.68
N VAL B 306 -22.86 -12.43 -1.62
CA VAL B 306 -22.92 -11.00 -1.87
C VAL B 306 -23.08 -10.29 -0.53
N PRO B 307 -22.08 -9.56 -0.06
CA PRO B 307 -22.20 -8.89 1.24
C PRO B 307 -23.31 -7.85 1.22
N LEU B 308 -23.82 -7.54 2.41
CA LEU B 308 -24.91 -6.57 2.53
C LEU B 308 -24.49 -5.22 1.98
N ILE B 309 -23.25 -4.80 2.23
CA ILE B 309 -22.77 -3.54 1.69
C ILE B 309 -22.64 -3.62 0.17
N ALA B 310 -22.33 -4.80 -0.37
CA ALA B 310 -22.29 -4.95 -1.82
C ALA B 310 -23.69 -4.82 -2.43
N LEU B 311 -24.70 -5.38 -1.77
CA LEU B 311 -26.07 -5.19 -2.23
C LEU B 311 -26.51 -3.73 -2.09
N PHE B 312 -25.95 -3.02 -1.11
CA PHE B 312 -26.26 -1.61 -0.94
C PHE B 312 -25.72 -0.79 -2.10
N TYR B 313 -24.44 -0.98 -2.44
CA TYR B 313 -23.84 -0.21 -3.52
C TYR B 313 -24.42 -0.60 -4.87
N THR B 314 -24.81 -1.87 -5.03
CA THR B 314 -25.45 -2.29 -6.27
C THR B 314 -26.77 -1.56 -6.49
N LEU B 315 -27.58 -1.43 -5.43
CA LEU B 315 -28.86 -0.76 -5.55
C LEU B 315 -28.70 0.73 -5.83
N MET B 316 -27.73 1.38 -5.18
CA MET B 316 -27.50 2.80 -5.43
C MET B 316 -27.02 3.03 -6.87
N ILE B 317 -26.13 2.18 -7.36
CA ILE B 317 -25.65 2.33 -8.73
C ILE B 317 -26.78 2.06 -9.72
N THR B 318 -27.62 1.07 -9.44
CA THR B 318 -28.77 0.80 -10.29
C THR B 318 -29.73 1.99 -10.31
N ILE B 319 -29.97 2.59 -9.15
CA ILE B 319 -30.88 3.73 -9.07
C ILE B 319 -30.34 4.90 -9.89
N ILE B 320 -29.04 5.18 -9.76
CA ILE B 320 -28.43 6.28 -10.50
C ILE B 320 -28.48 5.99 -12.00
N SER B 321 -28.21 4.74 -12.40
CA SER B 321 -28.19 4.39 -13.81
C SER B 321 -29.57 4.50 -14.43
N VAL B 322 -30.59 3.96 -13.77
CA VAL B 322 -31.95 4.09 -14.27
C VAL B 322 -32.42 5.53 -14.17
N GLY B 323 -32.03 6.24 -13.12
CA GLY B 323 -32.35 7.66 -13.03
C GLY B 323 -31.78 8.46 -14.18
N THR B 324 -30.56 8.11 -14.61
CA THR B 324 -29.99 8.75 -15.79
C THR B 324 -30.80 8.43 -17.03
N LEU B 325 -31.25 7.18 -17.17
CA LEU B 325 -32.07 6.82 -18.33
C LEU B 325 -33.46 7.46 -18.24
N ALA B 326 -34.01 7.56 -17.03
CA ALA B 326 -35.31 8.20 -16.87
C ALA B 326 -35.24 9.69 -17.19
N ALA B 327 -34.13 10.34 -16.84
CA ALA B 327 -33.96 11.75 -17.18
C ALA B 327 -33.89 11.94 -18.69
N SER B 328 -33.19 11.05 -19.39
CA SER B 328 -33.15 11.12 -20.85
C SER B 328 -34.50 10.83 -21.46
N SER B 329 -35.34 10.05 -20.77
CA SER B 329 -36.70 9.80 -21.26
C SER B 329 -37.57 11.04 -21.22
N VAL B 330 -37.36 11.92 -20.23
CA VAL B 330 -38.12 13.16 -20.16
C VAL B 330 -37.78 14.07 -21.35
N ILE B 331 -36.51 14.12 -21.74
CA ILE B 331 -36.11 14.93 -22.89
C ILE B 331 -36.73 14.39 -24.17
N PHE B 332 -36.85 13.06 -24.27
CA PHE B 332 -37.47 12.46 -25.45
C PHE B 332 -38.93 12.86 -25.58
N VAL B 333 -39.66 12.91 -24.46
CA VAL B 333 -41.06 13.29 -24.51
C VAL B 333 -41.20 14.76 -24.91
N GLN B 334 -40.28 15.62 -24.46
CA GLN B 334 -40.33 17.02 -24.84
C GLN B 334 -40.04 17.22 -26.32
N LYS B 335 -39.19 16.37 -26.90
CA LYS B 335 -38.91 16.47 -28.34
C LYS B 335 -40.10 16.07 -29.18
N LEU B 336 -41.05 15.31 -28.61
CA LEU B 336 -42.24 14.93 -29.36
C LEU B 336 -43.06 16.15 -29.74
N GLY B 337 -42.96 17.23 -28.96
CA GLY B 337 -43.68 18.44 -29.27
C GLY B 337 -43.26 19.09 -30.57
N SER B 338 -41.96 19.02 -30.89
CA SER B 338 -41.41 19.64 -32.08
C SER B 338 -41.78 18.91 -33.37
N ILE B 339 -42.39 17.72 -33.24
CA ILE B 339 -42.78 16.92 -34.40
C ILE B 339 -44.20 17.26 -34.84
N GLY B 340 -44.85 18.21 -34.16
CA GLY B 340 -46.12 18.73 -34.63
C GLY B 340 -47.36 18.08 -34.04
N ASN B 341 -47.46 16.76 -34.11
CA ASN B 341 -48.67 16.07 -33.69
C ASN B 341 -48.93 16.25 -32.20
N PRO B 342 -50.17 16.55 -31.81
CA PRO B 342 -50.48 16.79 -30.40
C PRO B 342 -50.50 15.50 -29.62
N PRO B 343 -50.45 15.56 -28.29
CA PRO B 343 -50.65 14.35 -27.49
C PRO B 343 -52.11 13.88 -27.60
N ALA B 344 -52.29 12.58 -27.42
CA ALA B 344 -53.58 11.94 -27.57
C ALA B 344 -54.55 12.42 -26.50
N SER B 345 -55.81 12.01 -26.62
CA SER B 345 -56.82 12.42 -25.64
C SER B 345 -56.52 11.85 -24.26
N LYS B 346 -56.27 10.53 -24.20
CA LYS B 346 -56.01 9.89 -22.92
C LYS B 346 -54.73 10.42 -22.27
N THR B 347 -53.72 10.73 -23.08
CA THR B 347 -52.46 11.23 -22.53
C THR B 347 -52.69 12.50 -21.74
N MET B 348 -53.43 13.45 -22.30
CA MET B 348 -53.65 14.72 -21.61
C MET B 348 -54.71 14.57 -20.51
N LYS B 349 -55.62 13.61 -20.63
CA LYS B 349 -56.58 13.34 -19.57
C LYS B 349 -55.89 12.87 -18.30
N TRP B 350 -55.02 11.87 -18.41
CA TRP B 350 -54.28 11.39 -17.24
C TRP B 350 -53.24 12.39 -16.78
N THR B 351 -52.57 13.09 -17.69
CA THR B 351 -51.62 14.11 -17.29
C THR B 351 -52.26 15.22 -16.47
N HIS B 352 -53.56 15.44 -16.61
CA HIS B 352 -54.27 16.44 -15.83
C HIS B 352 -54.81 15.91 -14.51
N ARG B 353 -54.99 14.60 -14.37
CA ARG B 353 -55.55 14.06 -13.13
C ARG B 353 -54.49 13.49 -12.20
N ILE B 354 -53.33 13.09 -12.73
CA ILE B 354 -52.17 12.81 -11.88
C ILE B 354 -51.39 14.07 -11.57
N ALA B 355 -51.76 15.20 -12.16
CA ALA B 355 -51.14 16.49 -11.90
C ALA B 355 -51.47 17.06 -10.52
N PRO B 356 -52.68 16.89 -9.99
CA PRO B 356 -52.93 17.35 -8.61
C PRO B 356 -52.38 16.41 -7.54
N PHE B 357 -52.22 15.11 -7.83
CA PHE B 357 -51.71 14.19 -6.83
C PHE B 357 -50.25 14.46 -6.52
N VAL B 358 -49.39 14.34 -7.53
CA VAL B 358 -48.02 14.86 -7.39
C VAL B 358 -48.10 16.38 -7.37
N LEU B 359 -47.28 17.00 -6.53
CA LEU B 359 -47.43 18.43 -6.26
C LEU B 359 -46.84 19.23 -7.43
N ILE B 360 -47.64 19.34 -8.49
CA ILE B 360 -47.31 20.13 -9.66
C ILE B 360 -48.54 20.93 -10.07
N GLN B 361 -48.31 22.08 -10.69
CA GLN B 361 -49.39 22.97 -11.09
C GLN B 361 -49.13 23.50 -12.49
N MET B 362 -50.21 23.73 -13.24
CA MET B 362 -50.10 24.12 -14.64
C MET B 362 -49.63 25.57 -14.74
N PRO B 363 -48.66 25.87 -15.59
CA PRO B 363 -48.17 27.25 -15.71
C PRO B 363 -49.21 28.17 -16.30
N LEU B 364 -49.01 29.47 -16.07
CA LEU B 364 -49.97 30.47 -16.55
C LEU B 364 -50.03 30.52 -18.06
N VAL B 365 -48.89 30.36 -18.75
CA VAL B 365 -48.88 30.45 -20.20
C VAL B 365 -49.70 29.32 -20.81
N MET B 366 -49.70 28.14 -20.18
CA MET B 366 -50.53 27.05 -20.66
C MET B 366 -52.01 27.36 -20.48
N LYS B 367 -52.37 27.99 -19.35
CA LYS B 367 -53.76 28.40 -19.14
C LYS B 367 -54.18 29.44 -20.17
N GLN B 368 -53.29 30.40 -20.46
CA GLN B 368 -53.62 31.43 -21.44
C GLN B 368 -53.80 30.83 -22.83
N ALA B 369 -52.94 29.88 -23.20
CA ALA B 369 -53.09 29.21 -24.49
C ALA B 369 -54.38 28.40 -24.54
N TYR B 370 -54.73 27.73 -23.44
CA TYR B 370 -55.97 26.96 -23.40
C TYR B 370 -57.19 27.88 -23.56
N ALA B 371 -57.19 29.02 -22.86
CA ALA B 371 -58.31 29.94 -22.96
C ALA B 371 -58.38 30.57 -24.34
N LYS B 372 -57.22 30.94 -24.90
CA LYS B 372 -57.20 31.56 -26.23
C LYS B 372 -57.71 30.59 -27.29
N ARG B 373 -57.26 29.33 -27.22
CA ARG B 373 -57.68 28.34 -28.21
C ARG B 373 -59.18 28.08 -28.13
N ALA B 374 -59.70 27.94 -26.91
CA ALA B 374 -61.13 27.62 -26.75
C ALA B 374 -62.00 28.78 -27.21
N LYS B 375 -61.67 30.00 -26.78
CA LYS B 375 -62.49 31.15 -27.15
C LYS B 375 -62.41 31.44 -28.64
N GLU B 376 -61.20 31.36 -29.22
CA GLU B 376 -61.05 31.61 -30.65
C GLU B 376 -61.78 30.56 -31.48
N GLU B 377 -61.70 29.29 -31.07
CA GLU B 377 -62.41 28.23 -31.78
C GLU B 377 -63.92 28.42 -31.67
N LYS B 378 -64.40 28.78 -30.48
CA LYS B 378 -65.84 28.96 -30.29
C LYS B 378 -66.38 30.10 -31.14
N HIS B 379 -65.64 31.22 -31.20
CA HIS B 379 -66.10 32.36 -31.99
C HIS B 379 -66.06 32.06 -33.48
N ARG B 380 -64.96 31.46 -33.94
CA ARG B 380 -64.79 31.24 -35.37
C ARG B 380 -65.72 30.14 -35.89
N LYS B 381 -65.94 29.09 -35.09
CA LYS B 381 -66.83 28.03 -35.52
C LYS B 381 -68.26 28.53 -35.66
N ARG B 382 -68.72 29.33 -34.70
CA ARG B 382 -70.08 29.85 -34.75
C ARG B 382 -70.25 30.84 -35.90
N MET B 383 -69.27 31.72 -36.12
CA MET B 383 -69.37 32.69 -37.21
C MET B 383 -69.33 32.00 -38.56
N SER B 384 -68.47 30.99 -38.71
CA SER B 384 -68.32 30.25 -39.97
C SER B 384 -69.27 29.05 -40.06
N ARG B 385 -70.39 29.09 -39.37
CA ARG B 385 -71.38 28.01 -39.41
C ARG B 385 -71.85 27.73 -40.83
N ASN B 550 -47.53 26.34 -31.20
CA ASN B 550 -46.83 26.46 -29.93
C ASN B 550 -47.69 25.97 -28.78
N ILE B 551 -48.85 25.37 -29.11
CA ILE B 551 -49.67 24.73 -28.11
C ILE B 551 -49.40 23.22 -28.03
N VAL B 552 -48.98 22.60 -29.14
CA VAL B 552 -48.53 21.21 -29.06
C VAL B 552 -47.26 21.11 -28.25
N GLU B 553 -46.34 22.05 -28.44
CA GLU B 553 -45.11 22.09 -27.65
C GLU B 553 -45.44 22.31 -26.17
N LEU B 554 -46.41 23.17 -25.88
CA LEU B 554 -46.80 23.42 -24.51
C LEU B 554 -47.38 22.16 -23.86
N GLU B 555 -48.23 21.43 -24.59
CA GLU B 555 -48.83 20.22 -24.04
C GLU B 555 -47.79 19.14 -23.79
N TRP B 556 -46.84 18.96 -24.71
CA TRP B 556 -45.79 17.98 -24.50
C TRP B 556 -44.81 18.42 -23.44
N ASP B 557 -44.68 19.73 -23.22
CA ASP B 557 -43.94 20.22 -22.07
C ASP B 557 -44.61 19.82 -20.77
N TRP B 558 -45.94 19.89 -20.73
CA TRP B 558 -46.68 19.49 -19.54
C TRP B 558 -46.54 18.00 -19.26
N VAL B 559 -46.61 17.18 -20.30
CA VAL B 559 -46.51 15.73 -20.10
C VAL B 559 -45.12 15.38 -19.57
N ALA B 560 -44.08 16.00 -20.11
CA ALA B 560 -42.73 15.76 -19.61
C ALA B 560 -42.56 16.29 -18.20
N ALA B 561 -43.22 17.42 -17.89
CA ALA B 561 -43.10 17.99 -16.54
C ALA B 561 -43.74 17.09 -15.50
N VAL B 562 -44.91 16.53 -15.79
CA VAL B 562 -45.55 15.60 -14.87
C VAL B 562 -44.77 14.29 -14.80
N LEU B 563 -44.26 13.82 -15.95
CA LEU B 563 -43.46 12.61 -15.96
C LEU B 563 -42.20 12.76 -15.10
N GLU B 564 -41.61 13.95 -15.10
CA GLU B 564 -40.46 14.21 -14.24
C GLU B 564 -40.84 14.09 -12.77
N ARG B 565 -42.01 14.61 -12.40
CA ARG B 565 -42.42 14.58 -11.01
C ARG B 565 -42.74 13.16 -10.55
N VAL B 566 -43.33 12.35 -11.43
CA VAL B 566 -43.57 10.95 -11.09
C VAL B 566 -42.26 10.21 -10.87
N PHE B 567 -41.27 10.48 -11.71
CA PHE B 567 -39.96 9.86 -11.53
C PHE B 567 -39.30 10.32 -10.23
N LEU B 568 -39.44 11.60 -9.91
CA LEU B 568 -38.84 12.12 -8.68
C LEU B 568 -39.42 11.45 -7.45
N ILE B 569 -40.75 11.27 -7.42
CA ILE B 569 -41.39 10.62 -6.28
C ILE B 569 -41.04 9.13 -6.26
N PHE B 570 -41.07 8.48 -7.42
CA PHE B 570 -40.82 7.05 -7.47
C PHE B 570 -39.40 6.71 -7.05
N PHE B 571 -38.41 7.47 -7.55
CA PHE B 571 -37.02 7.16 -7.23
C PHE B 571 -36.68 7.54 -5.79
N THR B 572 -37.31 8.58 -5.26
CA THR B 572 -37.09 8.94 -3.85
C THR B 572 -37.60 7.84 -2.93
N ILE B 573 -38.79 7.30 -3.24
CA ILE B 573 -39.34 6.22 -2.42
C ILE B 573 -38.50 4.96 -2.56
N CYS B 574 -38.05 4.67 -3.79
CA CYS B 574 -37.20 3.50 -4.00
C CYS B 574 -35.87 3.63 -3.26
N PHE B 575 -35.28 4.82 -3.28
CA PHE B 575 -34.02 5.05 -2.56
C PHE B 575 -34.22 4.91 -1.06
N LEU B 576 -35.31 5.47 -0.53
CA LEU B 576 -35.55 5.40 0.91
C LEU B 576 -35.75 3.96 1.37
N PHE B 577 -36.52 3.19 0.61
CA PHE B 577 -36.74 1.79 0.98
C PHE B 577 -35.46 0.98 0.87
N SER B 578 -34.65 1.26 -0.15
CA SER B 578 -33.41 0.53 -0.35
C SER B 578 -32.40 0.81 0.76
N ALA B 579 -32.17 2.09 1.05
CA ALA B 579 -31.13 2.45 2.02
C ALA B 579 -31.54 2.08 3.43
N ILE B 580 -32.75 2.47 3.85
CA ILE B 580 -33.19 2.19 5.21
C ILE B 580 -33.48 0.70 5.37
N GLY B 581 -34.12 0.08 4.37
CA GLY B 581 -34.49 -1.31 4.50
C GLY B 581 -33.30 -2.24 4.63
N ILE B 582 -32.25 -1.98 3.85
CA ILE B 582 -31.06 -2.83 3.91
C ILE B 582 -30.32 -2.63 5.23
N ASN B 583 -30.15 -1.38 5.65
CA ASN B 583 -29.41 -1.10 6.88
C ASN B 583 -30.15 -1.61 8.11
N LEU B 584 -31.47 -1.42 8.15
CA LEU B 584 -32.23 -1.89 9.30
C LEU B 584 -32.28 -3.41 9.38
N TYR B 585 -32.21 -4.09 8.23
CA TYR B 585 -32.12 -5.54 8.25
C TYR B 585 -30.79 -6.01 8.82
N GLY B 586 -29.69 -5.36 8.42
CA GLY B 586 -28.40 -5.69 8.98
C GLY B 586 -28.31 -5.37 10.47
N TRP B 587 -28.90 -4.24 10.87
CA TRP B 587 -28.94 -3.90 12.28
C TRP B 587 -29.81 -4.86 13.06
N TYR B 588 -30.90 -5.35 12.45
CA TYR B 588 -31.74 -6.34 13.13
C TYR B 588 -30.97 -7.64 13.36
N ILE B 589 -30.24 -8.11 12.34
CA ILE B 589 -29.41 -9.30 12.50
C ILE B 589 -28.31 -9.04 13.52
N TRP B 590 -27.70 -7.86 13.46
CA TRP B 590 -26.67 -7.49 14.44
C TRP B 590 -27.24 -7.47 15.85
N TYR B 591 -28.43 -6.90 16.02
CA TYR B 591 -29.01 -6.77 17.36
C TYR B 591 -29.44 -8.11 17.93
N THR B 592 -30.14 -8.92 17.12
CA THR B 592 -30.68 -10.17 17.61
C THR B 592 -29.58 -11.12 18.07
N GLU B 593 -28.59 -11.37 17.21
CA GLU B 593 -27.51 -12.27 17.54
C GLU B 593 -26.54 -11.69 18.56
N ASN B 594 -26.66 -10.40 18.90
CA ASN B 594 -25.86 -9.82 19.98
C ASN B 594 -26.51 -10.07 21.33
N HIS B 595 -27.79 -9.75 21.46
CA HIS B 595 -28.49 -9.79 22.75
C HIS B 595 -29.22 -11.10 22.99
N PHE B 596 -29.13 -12.07 22.08
CA PHE B 596 -29.83 -13.34 22.26
C PHE B 596 -28.93 -14.55 22.06
N LEU B 597 -27.62 -14.37 21.89
CA LEU B 597 -26.69 -15.49 21.81
C LEU B 597 -25.74 -15.50 23.00
N PRO C 22 51.45 -18.10 36.73
CA PRO C 22 52.27 -18.10 35.51
C PRO C 22 51.74 -17.12 34.46
N ASP C 23 51.49 -17.62 33.25
CA ASP C 23 50.98 -16.79 32.16
C ASP C 23 49.46 -16.74 32.12
N ILE C 24 48.77 -17.55 32.92
CA ILE C 24 47.32 -17.58 32.94
C ILE C 24 46.80 -16.33 33.64
N PRO C 25 45.75 -15.70 33.15
CA PRO C 25 45.20 -14.52 33.85
C PRO C 25 44.52 -14.92 35.15
N ILE C 26 44.40 -13.94 36.05
CA ILE C 26 43.76 -14.20 37.32
C ILE C 26 42.25 -14.30 37.18
N GLN C 27 41.68 -13.71 36.13
CA GLN C 27 40.24 -13.86 35.91
C GLN C 27 39.89 -15.26 35.43
N TYR C 28 40.84 -15.95 34.80
CA TYR C 28 40.62 -17.35 34.45
C TYR C 28 40.47 -18.20 35.69
N GLU C 29 41.32 -17.98 36.69
CA GLU C 29 41.20 -18.72 37.94
C GLU C 29 39.96 -18.31 38.71
N LEU C 30 39.56 -17.04 38.61
CA LEU C 30 38.37 -16.57 39.29
C LEU C 30 37.11 -17.22 38.70
N ALA C 31 36.98 -17.18 37.38
CA ALA C 31 35.79 -17.75 36.74
C ALA C 31 35.75 -19.26 36.86
N ASN C 32 36.91 -19.91 36.94
CA ASN C 32 36.92 -21.35 37.15
C ASN C 32 36.53 -21.71 38.58
N ASN C 33 36.72 -20.80 39.53
CA ASN C 33 36.42 -21.09 40.92
C ASN C 33 34.94 -20.87 41.23
N ILE C 34 34.40 -19.71 40.87
CA ILE C 34 33.01 -19.42 41.17
C ILE C 34 32.07 -20.29 40.33
N MET C 35 32.42 -20.53 39.07
CA MET C 35 31.62 -21.39 38.21
C MET C 35 32.10 -22.83 38.26
N GLU C 36 32.26 -23.37 39.47
CA GLU C 36 32.70 -24.75 39.66
C GLU C 36 31.53 -25.67 39.97
N ASN C 37 30.79 -25.38 41.04
CA ASN C 37 29.60 -26.14 41.40
C ASN C 37 28.32 -25.39 41.05
N TYR C 38 28.43 -24.29 40.31
CA TYR C 38 27.26 -23.49 39.97
C TYR C 38 26.40 -24.21 38.95
N GLN C 39 25.08 -24.17 39.16
CA GLN C 39 24.10 -24.72 38.23
C GLN C 39 23.21 -23.58 37.78
N LYS C 40 23.32 -23.22 36.50
CA LYS C 40 22.60 -22.07 35.95
C LYS C 40 21.14 -22.36 35.67
N GLY C 41 20.72 -23.62 35.71
CA GLY C 41 19.34 -23.99 35.50
C GLY C 41 18.45 -23.89 36.73
N LEU C 42 19.01 -23.50 37.87
CA LEU C 42 18.27 -23.41 39.12
C LEU C 42 18.47 -22.03 39.74
N ILE C 43 17.46 -21.58 40.46
CA ILE C 43 17.51 -20.26 41.07
C ILE C 43 18.59 -20.24 42.16
N PRO C 44 19.51 -19.27 42.14
CA PRO C 44 20.58 -19.18 43.15
C PRO C 44 20.10 -18.56 44.47
N LYS C 45 19.34 -19.35 45.24
CA LYS C 45 18.75 -18.89 46.50
C LYS C 45 19.22 -19.82 47.60
N VAL C 46 20.37 -19.51 48.19
CA VAL C 46 20.87 -20.31 49.31
C VAL C 46 19.98 -20.13 50.53
N ARG C 47 19.64 -18.89 50.85
CA ARG C 47 18.75 -18.61 51.98
C ARG C 47 17.33 -19.02 51.63
N LYS C 48 16.62 -19.55 52.63
CA LYS C 48 15.33 -20.21 52.37
C LYS C 48 14.17 -19.22 52.37
N GLY C 49 14.10 -18.35 53.37
CA GLY C 49 12.89 -17.57 53.59
C GLY C 49 12.91 -16.14 53.07
N SER C 50 13.43 -15.93 51.86
CA SER C 50 13.42 -14.60 51.28
C SER C 50 13.53 -14.69 49.77
N PRO C 51 12.77 -13.91 49.02
CA PRO C 51 12.86 -13.97 47.56
C PRO C 51 14.11 -13.27 47.05
N ILE C 52 14.28 -13.34 45.73
CA ILE C 52 15.38 -12.66 45.05
C ILE C 52 14.87 -11.31 44.56
N ASN C 53 15.49 -10.23 45.05
CA ASN C 53 15.08 -8.89 44.67
C ASN C 53 15.74 -8.51 43.35
N VAL C 54 14.93 -8.14 42.37
CA VAL C 54 15.41 -7.71 41.06
C VAL C 54 15.02 -6.25 40.88
N THR C 55 16.00 -5.41 40.56
CA THR C 55 15.80 -3.98 40.42
C THR C 55 15.88 -3.64 38.93
N LEU C 56 14.72 -3.47 38.30
CA LEU C 56 14.65 -3.14 36.88
C LEU C 56 14.63 -1.63 36.69
N SER C 57 15.53 -1.13 35.85
CA SER C 57 15.62 0.28 35.53
C SER C 57 15.49 0.45 34.03
N LEU C 58 14.75 1.47 33.60
CA LEU C 58 14.41 1.65 32.20
C LEU C 58 14.75 3.06 31.72
N GLN C 59 15.33 3.14 30.54
CA GLN C 59 15.61 4.40 29.86
C GLN C 59 14.95 4.39 28.49
N LEU C 60 14.26 5.48 28.15
CA LEU C 60 13.65 5.62 26.84
C LEU C 60 14.65 6.29 25.90
N TYR C 61 14.91 5.64 24.78
CA TYR C 61 15.84 6.16 23.78
C TYR C 61 15.16 6.63 22.51
N GLN C 62 14.03 6.04 22.13
CA GLN C 62 13.36 6.39 20.89
C GLN C 62 11.95 5.83 20.90
N ILE C 63 11.05 6.52 20.21
CA ILE C 63 9.71 6.02 19.92
C ILE C 63 9.69 5.75 18.42
N ILE C 64 9.86 4.48 18.06
CA ILE C 64 10.01 4.12 16.65
C ILE C 64 8.70 4.30 15.89
N GLN C 65 7.60 3.83 16.47
CA GLN C 65 6.32 3.82 15.75
C GLN C 65 5.18 3.73 16.74
N VAL C 66 4.22 4.63 16.62
CA VAL C 66 2.93 4.53 17.31
C VAL C 66 1.93 4.07 16.26
N ASN C 67 1.69 2.77 16.20
CA ASN C 67 0.86 2.17 15.16
C ASN C 67 -0.59 2.13 15.64
N GLU C 68 -1.35 3.16 15.26
CA GLU C 68 -2.77 3.21 15.61
C GLU C 68 -3.59 2.04 15.07
N PRO C 69 -3.47 1.65 13.80
CA PRO C 69 -4.38 0.61 13.29
C PRO C 69 -4.25 -0.75 13.97
N GLN C 70 -3.10 -1.05 14.60
CA GLN C 70 -2.92 -2.36 15.23
C GLN C 70 -2.66 -2.25 16.72
N GLN C 71 -2.89 -1.08 17.32
CA GLN C 71 -2.82 -0.90 18.78
C GLN C 71 -1.46 -1.30 19.34
N TYR C 72 -0.38 -1.01 18.62
CA TYR C 72 0.95 -1.37 19.07
C TYR C 72 1.90 -0.18 18.94
N LEU C 73 2.72 -0.01 19.97
CA LEU C 73 3.74 1.03 20.04
C LEU C 73 5.11 0.38 20.06
N LEU C 74 6.02 0.87 19.22
CA LEU C 74 7.36 0.33 19.11
C LEU C 74 8.33 1.25 19.85
N LEU C 75 8.89 0.76 20.95
CA LEU C 75 9.80 1.53 21.77
C LEU C 75 11.21 0.97 21.69
N ASN C 76 12.19 1.84 21.92
CA ASN C 76 13.60 1.46 21.97
C ASN C 76 14.11 1.88 23.36
N ALA C 77 14.20 0.91 24.26
CA ALA C 77 14.53 1.17 25.66
C ALA C 77 15.89 0.59 26.01
N TRP C 78 16.46 1.11 27.10
CA TRP C 78 17.69 0.61 27.68
C TRP C 78 17.37 0.06 29.05
N ALA C 79 17.48 -1.25 29.22
CA ALA C 79 17.08 -1.92 30.44
C ALA C 79 18.30 -2.32 31.26
N VAL C 80 18.27 -2.00 32.54
CA VAL C 80 19.31 -2.41 33.49
C VAL C 80 18.65 -3.25 34.57
N GLU C 81 19.24 -4.41 34.85
CA GLU C 81 18.65 -5.40 35.75
C GLU C 81 19.69 -5.80 36.78
N ARG C 82 19.40 -5.58 38.05
CA ARG C 82 20.33 -5.89 39.13
C ARG C 82 19.67 -6.81 40.15
N TRP C 83 20.38 -7.87 40.52
CA TRP C 83 20.00 -8.76 41.60
C TRP C 83 21.27 -9.29 42.25
N VAL C 84 21.10 -10.15 43.25
CA VAL C 84 22.23 -10.72 43.99
C VAL C 84 22.23 -12.22 43.76
N ASP C 85 23.33 -12.75 43.25
CA ASP C 85 23.52 -14.17 43.02
C ASP C 85 24.28 -14.74 44.22
N GLN C 86 23.55 -15.44 45.10
CA GLN C 86 24.12 -15.91 46.36
C GLN C 86 25.12 -17.04 46.18
N MET C 87 25.35 -17.51 44.97
CA MET C 87 26.33 -18.57 44.72
C MET C 87 27.63 -18.09 44.11
N LEU C 88 27.61 -16.98 43.38
CA LEU C 88 28.80 -16.51 42.68
C LEU C 88 29.61 -15.52 43.53
N GLY C 89 29.92 -15.91 44.77
CA GLY C 89 30.65 -15.06 45.69
C GLY C 89 32.07 -15.59 45.87
N TRP C 90 33.03 -14.67 45.82
CA TRP C 90 34.43 -15.00 45.98
C TRP C 90 35.10 -13.97 46.89
N ASP C 91 36.20 -14.37 47.50
CA ASP C 91 36.98 -13.49 48.35
C ASP C 91 37.97 -12.71 47.49
N PRO C 92 37.87 -11.37 47.44
CA PRO C 92 38.80 -10.61 46.57
C PRO C 92 40.25 -10.83 46.91
N SER C 93 40.59 -10.98 48.19
CA SER C 93 41.99 -11.09 48.59
C SER C 93 42.67 -12.31 47.97
N GLU C 94 41.93 -13.41 47.85
CA GLU C 94 42.50 -14.63 47.28
C GLU C 94 42.86 -14.43 45.81
N PHE C 95 41.98 -13.75 45.06
CA PHE C 95 42.16 -13.63 43.61
C PHE C 95 42.72 -12.27 43.22
N ASP C 96 43.88 -11.94 43.80
CA ASP C 96 44.67 -10.79 43.39
C ASP C 96 43.89 -9.48 43.44
N ASN C 97 43.18 -9.28 44.55
CA ASN C 97 42.40 -8.08 44.87
C ASN C 97 41.21 -7.86 43.94
N GLU C 98 40.79 -8.87 43.18
CA GLU C 98 39.88 -8.61 42.08
C GLU C 98 38.45 -8.60 42.59
N THR C 99 37.75 -7.50 42.32
CA THR C 99 36.42 -7.27 42.87
C THR C 99 35.34 -7.29 41.80
N GLU C 100 35.71 -7.46 40.53
CA GLU C 100 34.75 -7.48 39.44
C GLU C 100 35.23 -8.47 38.39
N ILE C 101 34.27 -9.07 37.70
CA ILE C 101 34.53 -9.95 36.57
C ILE C 101 33.35 -9.87 35.63
N MET C 102 33.62 -9.90 34.33
CA MET C 102 32.59 -9.81 33.31
C MET C 102 32.38 -11.18 32.69
N ALA C 103 31.16 -11.70 32.80
CA ALA C 103 30.83 -13.01 32.28
C ALA C 103 29.79 -12.87 31.18
N ARG C 104 29.34 -14.01 30.66
CA ARG C 104 28.31 -14.04 29.63
C ARG C 104 26.96 -14.40 30.25
N HIS C 105 25.90 -13.87 29.65
CA HIS C 105 24.56 -14.18 30.13
C HIS C 105 24.21 -15.66 30.00
N ASP C 106 24.90 -16.37 29.10
CA ASP C 106 24.63 -17.79 28.93
C ASP C 106 25.12 -18.61 30.12
N ASP C 107 26.11 -18.09 30.85
CA ASP C 107 26.80 -18.87 31.87
C ASP C 107 26.15 -18.81 33.25
N ILE C 108 25.20 -17.91 33.48
CA ILE C 108 24.62 -17.70 34.79
C ILE C 108 23.10 -17.71 34.69
N TRP C 109 22.46 -17.85 35.85
CA TRP C 109 21.01 -17.82 35.92
C TRP C 109 20.49 -16.40 35.75
N LEU C 110 19.51 -16.23 34.88
CA LEU C 110 18.91 -14.93 34.62
C LEU C 110 17.43 -14.95 34.95
N PRO C 111 16.93 -13.92 35.66
CA PRO C 111 15.49 -13.86 35.91
C PRO C 111 14.72 -13.67 34.62
N ASP C 112 13.54 -14.30 34.55
CA ASP C 112 12.72 -14.26 33.34
C ASP C 112 11.80 -13.05 33.35
N THR C 113 12.42 -11.87 33.27
CA THR C 113 11.67 -10.63 33.18
C THR C 113 10.92 -10.58 31.85
N THR C 114 9.60 -10.46 31.92
CA THR C 114 8.74 -10.55 30.75
C THR C 114 7.89 -9.30 30.63
N LEU C 115 7.77 -8.79 29.41
CA LEU C 115 6.79 -7.75 29.11
C LEU C 115 5.45 -8.43 28.87
N TYR C 116 4.52 -8.25 29.80
CA TYR C 116 3.27 -9.01 29.75
C TYR C 116 2.47 -8.70 28.50
N ASN C 117 2.40 -7.43 28.10
CA ASN C 117 1.63 -7.01 26.94
C ASN C 117 2.49 -6.92 25.68
N SER C 118 3.58 -7.67 25.62
CA SER C 118 4.42 -7.67 24.43
C SER C 118 3.74 -8.42 23.29
N LEU C 119 3.89 -7.90 22.09
CA LEU C 119 3.34 -8.53 20.89
C LEU C 119 4.38 -9.30 20.10
N GLU C 120 5.56 -9.51 20.67
CA GLU C 120 6.63 -10.27 20.02
C GLU C 120 7.07 -11.38 20.97
N MET C 121 7.02 -12.62 20.47
CA MET C 121 7.41 -13.78 21.26
C MET C 121 8.85 -14.22 21.02
N ASP C 122 9.50 -13.71 19.98
CA ASP C 122 10.90 -14.04 19.73
C ASP C 122 11.77 -13.05 20.51
N ASP C 123 12.56 -13.57 21.44
CA ASP C 123 13.40 -12.74 22.29
C ASP C 123 14.72 -12.37 21.63
N SER C 124 14.97 -12.84 20.41
CA SER C 124 16.13 -12.43 19.63
C SER C 124 15.83 -11.23 18.75
N ALA C 125 14.58 -10.77 18.73
CA ALA C 125 14.21 -9.57 18.00
C ALA C 125 13.82 -8.42 18.91
N SER C 126 13.84 -8.63 20.22
CA SER C 126 13.52 -7.58 21.18
C SER C 126 14.53 -7.47 22.31
N LYS C 127 15.65 -8.19 22.23
CA LYS C 127 16.63 -8.21 23.30
C LYS C 127 17.99 -8.54 22.69
N LYS C 128 19.04 -7.99 23.30
CA LYS C 128 20.40 -8.20 22.83
C LYS C 128 21.31 -8.54 24.00
N LEU C 129 20.89 -9.52 24.80
CA LEU C 129 21.68 -9.99 25.94
C LEU C 129 23.04 -10.49 25.48
N THR C 130 24.10 -9.87 25.98
CA THR C 130 25.47 -10.28 25.63
C THR C 130 26.28 -10.70 26.85
N HIS C 131 26.38 -9.85 27.87
CA HIS C 131 27.31 -10.09 28.97
C HIS C 131 26.67 -9.62 30.28
N VAL C 132 27.23 -10.11 31.39
CA VAL C 132 26.83 -9.71 32.72
C VAL C 132 28.06 -9.26 33.49
N LYS C 133 27.84 -8.43 34.49
CA LYS C 133 28.90 -7.92 35.36
C LYS C 133 28.67 -8.44 36.77
N LEU C 134 29.69 -9.07 37.34
CA LEU C 134 29.61 -9.66 38.68
C LEU C 134 30.51 -8.88 39.61
N THR C 135 29.92 -8.26 40.63
CA THR C 135 30.65 -7.57 41.68
C THR C 135 30.44 -8.32 42.99
N THR C 136 31.54 -8.76 43.60
CA THR C 136 31.45 -9.62 44.78
C THR C 136 31.07 -8.80 46.02
N LEU C 137 30.26 -9.41 46.87
CA LEU C 137 29.96 -8.87 48.19
C LEU C 137 30.62 -9.67 49.31
N GLY C 138 31.38 -10.69 48.97
CA GLY C 138 31.92 -11.63 49.93
C GLY C 138 31.81 -13.06 49.41
N LYS C 139 32.57 -13.94 50.07
CA LYS C 139 32.66 -15.32 49.61
C LYS C 139 31.33 -16.04 49.75
N ASN C 140 30.72 -15.97 50.93
CA ASN C 140 29.45 -16.63 51.20
C ASN C 140 28.27 -15.67 51.16
N GLN C 141 28.47 -14.43 50.73
CA GLN C 141 27.42 -13.44 50.68
C GLN C 141 26.88 -13.18 49.28
N GLY C 142 27.51 -13.73 48.25
CA GLY C 142 26.99 -13.61 46.91
C GLY C 142 27.69 -12.55 46.07
N ALA C 143 27.03 -12.13 44.99
CA ALA C 143 27.60 -11.11 44.11
C ALA C 143 26.47 -10.34 43.45
N MET C 144 26.71 -9.04 43.24
CA MET C 144 25.75 -8.21 42.51
C MET C 144 25.91 -8.44 41.02
N VAL C 145 24.81 -8.76 40.34
CA VAL C 145 24.81 -9.01 38.91
C VAL C 145 24.09 -7.85 38.23
N GLU C 146 24.80 -7.17 37.33
CA GLU C 146 24.24 -6.10 36.52
C GLU C 146 24.05 -6.58 35.10
N LEU C 147 22.83 -6.46 34.58
CA LEU C 147 22.49 -6.94 33.25
C LEU C 147 22.02 -5.75 32.41
N LEU C 148 22.88 -5.27 31.53
CA LEU C 148 22.58 -4.16 30.63
C LEU C 148 22.32 -4.72 29.23
N TYR C 149 21.24 -4.27 28.61
CA TYR C 149 20.90 -4.75 27.28
C TYR C 149 19.94 -3.78 26.62
N PRO C 150 20.04 -3.59 25.31
CA PRO C 150 19.05 -2.77 24.61
C PRO C 150 17.84 -3.59 24.21
N THR C 151 16.68 -2.94 24.21
CA THR C 151 15.41 -3.60 23.93
C THR C 151 14.64 -2.86 22.86
N ILE C 152 13.78 -3.59 22.16
CA ILE C 152 12.80 -3.03 21.24
C ILE C 152 11.46 -3.65 21.60
N TYR C 153 10.59 -2.86 22.23
CA TYR C 153 9.35 -3.35 22.79
C TYR C 153 8.20 -3.10 21.83
N LYS C 154 7.48 -4.18 21.50
CA LYS C 154 6.22 -4.08 20.76
C LYS C 154 5.09 -4.20 21.78
N ILE C 155 4.48 -3.06 22.10
CA ILE C 155 3.63 -2.91 23.27
C ILE C 155 2.18 -2.88 22.83
N SER C 156 1.34 -3.69 23.48
CA SER C 156 -0.10 -3.66 23.24
C SER C 156 -0.71 -2.57 24.11
N CYS C 157 -1.01 -1.43 23.51
CA CYS C 157 -1.58 -0.30 24.23
C CYS C 157 -2.87 0.14 23.56
N LEU C 158 -3.85 0.51 24.36
CA LEU C 158 -5.16 0.93 23.87
C LEU C 158 -5.14 2.43 23.60
N LEU C 159 -5.61 2.82 22.41
CA LEU C 159 -5.62 4.21 21.99
C LEU C 159 -7.03 4.77 22.06
N ASN C 160 -7.17 5.94 22.68
CA ASN C 160 -8.43 6.67 22.75
C ASN C 160 -8.33 7.84 21.78
N LEU C 161 -8.67 7.60 20.53
CA LEU C 161 -8.59 8.62 19.48
C LEU C 161 -9.89 9.43 19.39
N LYS C 162 -10.34 9.94 20.53
CA LYS C 162 -11.54 10.77 20.55
C LYS C 162 -11.22 12.22 20.18
N TYR C 163 -10.06 12.72 20.59
CA TYR C 163 -9.66 14.10 20.32
C TYR C 163 -8.66 14.20 19.19
N PHE C 164 -8.63 13.22 18.29
CA PHE C 164 -7.69 13.23 17.18
C PHE C 164 -7.91 14.48 16.33
N PRO C 165 -6.84 15.17 15.90
CA PRO C 165 -5.41 14.87 16.13
C PRO C 165 -4.83 15.54 17.38
N PHE C 166 -5.66 16.04 18.29
CA PHE C 166 -5.20 16.72 19.50
C PHE C 166 -5.23 15.78 20.70
N ASP C 167 -4.95 14.51 20.47
CA ASP C 167 -5.12 13.47 21.48
C ASP C 167 -3.81 13.16 22.19
N THR C 168 -3.92 12.83 23.47
CA THR C 168 -2.81 12.31 24.26
C THR C 168 -3.09 10.85 24.58
N GLN C 169 -2.04 10.04 24.63
CA GLN C 169 -2.16 8.61 24.84
C GLN C 169 -1.26 8.16 25.98
N THR C 170 -1.77 7.24 26.80
CA THR C 170 -1.01 6.63 27.87
C THR C 170 -0.75 5.16 27.53
N CYS C 171 0.52 4.77 27.53
CA CYS C 171 0.93 3.42 27.17
C CYS C 171 1.50 2.73 28.40
N ARG C 172 0.97 1.56 28.72
CA ARG C 172 1.38 0.80 29.90
C ARG C 172 2.34 -0.30 29.51
N MET C 173 3.38 -0.47 30.33
CA MET C 173 4.38 -1.53 30.16
C MET C 173 4.39 -2.37 31.42
N THR C 174 3.86 -3.58 31.32
CA THR C 174 3.76 -4.49 32.47
C THR C 174 4.95 -5.43 32.47
N PHE C 175 5.73 -5.42 33.54
CA PHE C 175 6.93 -6.22 33.67
C PHE C 175 6.82 -7.13 34.87
N GLY C 176 7.25 -8.37 34.71
CA GLY C 176 7.24 -9.32 35.80
C GLY C 176 7.71 -10.67 35.32
N SER C 177 7.88 -11.57 36.29
CA SER C 177 8.26 -12.95 36.00
C SER C 177 7.03 -13.74 35.59
N TRP C 178 7.15 -14.52 34.51
CA TRP C 178 6.01 -15.31 34.05
C TRP C 178 5.76 -16.51 34.96
N SER C 179 6.82 -17.18 35.40
CA SER C 179 6.67 -18.43 36.15
C SER C 179 7.03 -18.31 37.62
N PHE C 180 7.67 -17.23 38.04
CA PHE C 180 8.11 -17.07 39.42
C PHE C 180 7.21 -16.06 40.13
N ASP C 181 6.73 -16.44 41.32
CA ASP C 181 5.85 -15.61 42.11
C ASP C 181 6.64 -14.80 43.14
N ASN C 182 5.91 -14.14 44.03
CA ASN C 182 6.54 -13.31 45.06
C ASN C 182 7.50 -14.08 45.95
N SER C 183 7.22 -15.36 46.20
CA SER C 183 8.07 -16.14 47.08
C SER C 183 9.42 -16.47 46.45
N LEU C 184 9.58 -16.28 45.15
CA LEU C 184 10.82 -16.59 44.46
C LEU C 184 11.53 -15.36 43.91
N ILE C 185 10.85 -14.56 43.09
CA ILE C 185 11.44 -13.37 42.48
C ILE C 185 10.56 -12.17 42.80
N ASP C 186 11.19 -11.12 43.35
CA ASP C 186 10.51 -9.87 43.67
C ASP C 186 11.10 -8.76 42.83
N TYR C 187 10.24 -7.94 42.23
CA TYR C 187 10.66 -6.88 41.33
C TYR C 187 10.46 -5.52 41.97
N PHE C 188 11.48 -4.66 41.84
CA PHE C 188 11.43 -3.30 42.35
C PHE C 188 11.89 -2.34 41.26
N PRO C 189 11.36 -1.12 41.26
CA PRO C 189 11.78 -0.13 40.26
C PRO C 189 12.92 0.74 40.74
N ARG C 190 13.78 1.13 39.80
CA ARG C 190 14.84 2.10 40.03
C ARG C 190 14.56 3.32 39.18
N THR C 191 14.28 4.44 39.84
CA THR C 191 13.87 5.67 39.16
C THR C 191 15.06 6.60 38.98
N PHE C 192 14.95 7.49 38.01
CA PHE C 192 15.99 8.46 37.71
C PHE C 192 15.66 9.81 38.33
N THR C 193 16.56 10.78 38.14
CA THR C 193 16.35 12.11 38.69
C THR C 193 15.18 12.82 38.04
N ASN C 194 15.02 12.65 36.72
CA ASN C 194 13.95 13.33 35.99
C ASN C 194 12.63 12.58 36.02
N GLY C 195 12.61 11.33 36.48
CA GLY C 195 11.39 10.56 36.53
C GLY C 195 11.64 9.06 36.52
N PRO C 196 10.56 8.28 36.54
CA PRO C 196 10.71 6.82 36.51
C PRO C 196 11.52 6.30 35.33
N ILE C 197 11.08 6.61 34.12
CA ILE C 197 11.80 6.21 32.91
C ILE C 197 12.73 7.34 32.51
N GLY C 198 14.03 7.06 32.51
CA GLY C 198 15.00 8.07 32.14
C GLY C 198 14.80 8.55 30.72
N LEU C 199 14.74 9.87 30.54
CA LEU C 199 14.57 10.45 29.21
C LEU C 199 15.70 11.41 28.87
N ALA C 200 16.83 11.32 29.58
CA ALA C 200 17.99 12.17 29.31
C ALA C 200 18.70 11.79 28.02
N ASN C 201 18.40 10.65 27.44
CA ASN C 201 18.97 10.23 26.17
C ASN C 201 17.93 10.10 25.08
N PHE C 202 16.67 10.42 25.36
CA PHE C 202 15.60 10.30 24.37
C PHE C 202 15.83 11.29 23.22
N LEU C 203 15.77 10.78 21.99
CA LEU C 203 15.86 11.61 20.81
C LEU C 203 14.45 11.88 20.30
N GLU C 204 14.17 13.14 19.97
CA GLU C 204 12.81 13.61 19.78
C GLU C 204 12.14 12.93 18.60
N ASN C 205 10.85 12.64 18.75
CA ASN C 205 10.03 12.09 17.68
C ASN C 205 9.41 13.21 16.87
N ASP C 206 9.19 12.95 15.58
CA ASP C 206 8.65 13.98 14.72
C ASP C 206 7.16 14.22 14.95
N ALA C 207 6.44 13.19 15.43
CA ALA C 207 5.00 13.28 15.57
C ALA C 207 4.48 13.17 17.00
N TRP C 208 5.32 12.80 17.96
CA TRP C 208 4.88 12.57 19.33
C TRP C 208 5.82 13.26 20.30
N SER C 209 5.24 13.72 21.41
CA SER C 209 6.00 14.36 22.48
C SER C 209 5.67 13.68 23.80
N VAL C 210 6.70 13.36 24.57
CA VAL C 210 6.52 12.70 25.86
C VAL C 210 6.29 13.76 26.94
N LEU C 211 5.15 13.69 27.62
CA LEU C 211 4.80 14.65 28.65
C LEU C 211 5.17 14.20 30.05
N GLY C 212 5.42 12.91 30.25
CA GLY C 212 5.75 12.42 31.58
C GLY C 212 5.79 10.91 31.60
N THR C 213 6.16 10.39 32.77
CA THR C 213 6.31 8.96 32.97
C THR C 213 5.86 8.61 34.38
N LYS C 214 5.44 7.36 34.56
CA LYS C 214 4.96 6.88 35.85
C LYS C 214 5.33 5.41 36.01
N VAL C 215 5.60 5.02 37.25
CA VAL C 215 5.87 3.62 37.58
C VAL C 215 5.01 3.24 38.78
N ASN C 216 4.40 2.06 38.71
CA ASN C 216 3.53 1.58 39.77
C ASN C 216 3.85 0.12 40.05
N ARG C 217 4.32 -0.17 41.25
CA ARG C 217 4.59 -1.54 41.67
C ARG C 217 3.32 -2.17 42.19
N GLU C 218 3.00 -3.37 41.68
CA GLU C 218 1.74 -4.03 41.97
C GLU C 218 2.00 -5.41 42.57
N GLU C 219 0.94 -5.99 43.14
CA GLU C 219 0.94 -7.35 43.66
C GLU C 219 -0.38 -7.98 43.27
N LYS C 220 -0.37 -8.76 42.19
CA LYS C 220 -1.59 -9.32 41.61
C LYS C 220 -1.65 -10.82 41.86
N LYS C 221 -2.83 -11.30 42.24
CA LYS C 221 -3.08 -12.73 42.39
C LYS C 221 -3.77 -13.26 41.14
N TYR C 222 -3.14 -14.23 40.49
CA TYR C 222 -3.68 -14.82 39.28
C TYR C 222 -4.37 -16.15 39.58
N THR C 223 -5.26 -16.56 38.68
CA THR C 223 -6.03 -17.78 38.91
C THR C 223 -5.15 -19.01 38.95
N CYS C 224 -4.10 -19.05 38.13
CA CYS C 224 -3.25 -20.23 38.06
C CYS C 224 -2.49 -20.45 39.36
N CYS C 225 -1.64 -19.50 39.74
CA CYS C 225 -0.78 -19.69 40.90
C CYS C 225 -1.51 -19.27 42.18
N PRO C 226 -1.36 -20.04 43.26
CA PRO C 226 -1.93 -19.66 44.55
C PRO C 226 -1.15 -18.59 45.30
N VAL C 227 -0.14 -17.99 44.68
CA VAL C 227 0.67 -16.95 45.32
C VAL C 227 0.62 -15.71 44.45
N ASN C 228 0.89 -14.56 45.07
CA ASN C 228 0.87 -13.29 44.38
C ASN C 228 1.98 -13.20 43.34
N TYR C 229 1.84 -12.26 42.43
CA TYR C 229 2.88 -11.90 41.47
C TYR C 229 3.23 -10.43 41.66
N THR C 230 4.52 -10.11 41.63
CA THR C 230 4.97 -8.73 41.71
C THR C 230 5.10 -8.17 40.30
N LEU C 231 4.45 -7.05 40.04
CA LEU C 231 4.37 -6.47 38.72
C LEU C 231 4.81 -5.01 38.75
N LEU C 232 5.47 -4.58 37.68
CA LEU C 232 5.87 -3.20 37.51
C LEU C 232 5.12 -2.62 36.31
N HIS C 233 4.37 -1.55 36.54
CA HIS C 233 3.58 -0.90 35.50
C HIS C 233 4.24 0.43 35.16
N TYR C 234 4.80 0.52 33.96
CA TYR C 234 5.46 1.73 33.47
C TYR C 234 4.50 2.42 32.52
N ASP C 235 4.07 3.62 32.87
CA ASP C 235 3.15 4.40 32.04
C ASP C 235 3.91 5.53 31.36
N VAL C 236 3.74 5.64 30.05
CA VAL C 236 4.34 6.70 29.26
C VAL C 236 3.22 7.52 28.64
N VAL C 237 3.19 8.81 28.95
CA VAL C 237 2.18 9.72 28.41
C VAL C 237 2.79 10.45 27.22
N ILE C 238 2.23 10.24 26.04
CA ILE C 238 2.73 10.82 24.82
C ILE C 238 1.60 11.63 24.17
N GLN C 239 1.93 12.85 23.77
CA GLN C 239 0.99 13.72 23.08
C GLN C 239 1.32 13.77 21.59
N ARG C 240 0.28 13.88 20.78
CA ARG C 240 0.43 14.02 19.34
C ARG C 240 0.71 15.48 19.00
N LYS C 241 1.51 15.70 17.96
CA LYS C 241 1.80 17.05 17.50
C LYS C 241 0.84 17.41 16.38
N PRO C 242 -0.20 18.21 16.66
CA PRO C 242 -1.26 18.47 15.69
C PRO C 242 -0.98 19.69 14.81
N LEU C 243 0.07 19.61 14.00
CA LEU C 243 0.36 20.64 13.03
C LEU C 243 0.34 20.11 11.61
N TYR C 244 0.63 18.83 11.40
CA TYR C 244 0.57 18.18 10.10
C TYR C 244 -0.86 17.86 9.68
N TYR C 245 -1.69 17.42 10.62
CA TYR C 245 -3.07 17.07 10.27
C TYR C 245 -3.93 18.32 10.06
N VAL C 246 -3.71 19.36 10.86
CA VAL C 246 -4.47 20.59 10.69
C VAL C 246 -4.15 21.23 9.35
N LEU C 247 -2.86 21.25 8.98
CA LEU C 247 -2.45 21.90 7.74
C LEU C 247 -2.91 21.11 6.51
N ASN C 248 -2.69 19.80 6.52
CA ASN C 248 -2.89 19.01 5.31
C ASN C 248 -4.33 18.50 5.18
N LEU C 249 -5.04 18.35 6.30
CA LEU C 249 -6.37 17.75 6.26
C LEU C 249 -7.48 18.75 6.58
N ILE C 250 -7.39 19.42 7.72
CA ILE C 250 -8.45 20.33 8.15
C ILE C 250 -8.50 21.57 7.27
N ALA C 251 -7.33 22.16 7.00
CA ALA C 251 -7.31 23.46 6.32
C ALA C 251 -7.88 23.39 4.90
N PRO C 252 -7.41 22.50 4.01
CA PRO C 252 -8.03 22.46 2.67
C PRO C 252 -9.50 22.10 2.70
N THR C 253 -9.92 21.27 3.66
CA THR C 253 -11.34 20.91 3.76
C THR C 253 -12.19 22.13 4.07
N ALA C 254 -11.73 22.98 4.99
CA ALA C 254 -12.48 24.19 5.32
C ALA C 254 -12.55 25.15 4.14
N VAL C 255 -11.44 25.29 3.41
CA VAL C 255 -11.44 26.21 2.27
C VAL C 255 -12.39 25.74 1.19
N ILE C 256 -12.38 24.44 0.88
CA ILE C 256 -13.27 23.91 -0.15
C ILE C 256 -14.72 24.10 0.26
N THR C 257 -15.03 23.87 1.54
CA THR C 257 -16.40 24.06 2.01
C THR C 257 -16.82 25.52 1.90
N PHE C 258 -15.93 26.45 2.26
CA PHE C 258 -16.27 27.87 2.17
C PHE C 258 -16.47 28.29 0.72
N ILE C 259 -15.62 27.82 -0.19
CA ILE C 259 -15.76 28.17 -1.60
C ILE C 259 -17.08 27.65 -2.15
N SER C 260 -17.44 26.41 -1.80
CA SER C 260 -18.69 25.83 -2.29
C SER C 260 -19.90 26.58 -1.76
N ILE C 261 -19.85 27.01 -0.49
CA ILE C 261 -20.99 27.72 0.09
C ILE C 261 -21.30 29.00 -0.69
N ILE C 262 -20.25 29.75 -1.04
CA ILE C 262 -20.46 30.96 -1.84
C ILE C 262 -21.02 30.61 -3.22
N GLY C 263 -20.55 29.51 -3.80
CA GLY C 263 -21.06 29.10 -5.10
C GLY C 263 -22.53 28.74 -5.07
N PHE C 264 -22.99 28.14 -3.97
CA PHE C 264 -24.38 27.74 -3.88
C PHE C 264 -25.31 28.94 -3.88
N PHE C 265 -24.94 30.01 -3.18
CA PHE C 265 -25.86 31.09 -2.86
C PHE C 265 -25.43 32.43 -3.45
N THR C 266 -24.77 32.40 -4.61
CA THR C 266 -24.44 33.61 -5.34
C THR C 266 -24.83 33.42 -6.80
N SER C 267 -25.50 34.42 -7.36
CA SER C 267 -25.94 34.40 -8.74
C SER C 267 -25.42 35.63 -9.48
N SER C 268 -25.40 35.54 -10.80
CA SER C 268 -24.90 36.63 -11.63
C SER C 268 -25.92 37.76 -11.80
N SER C 269 -27.18 37.53 -11.43
CA SER C 269 -28.21 38.55 -11.51
C SER C 269 -29.44 38.05 -10.76
N VAL C 270 -30.38 38.96 -10.53
CA VAL C 270 -31.56 38.64 -9.73
C VAL C 270 -32.77 38.25 -10.57
N HIS C 271 -32.81 38.61 -11.85
CA HIS C 271 -34.01 38.45 -12.66
C HIS C 271 -33.80 37.49 -13.84
N ASP C 272 -32.89 36.53 -13.71
CA ASP C 272 -32.75 35.45 -14.69
C ASP C 272 -32.76 34.11 -13.96
N LEU C 273 -33.20 33.08 -14.67
CA LEU C 273 -33.36 31.77 -14.06
C LEU C 273 -32.02 31.22 -13.58
N ARG C 274 -32.02 30.68 -12.36
CA ARG C 274 -30.80 30.14 -11.77
C ARG C 274 -30.50 28.76 -12.34
N GLN C 275 -29.22 28.45 -12.42
CA GLN C 275 -28.75 27.15 -12.87
C GLN C 275 -28.66 26.20 -11.69
N GLU C 276 -28.75 24.90 -11.98
CA GLU C 276 -28.65 23.89 -10.94
C GLU C 276 -27.26 23.90 -10.32
N LYS C 277 -27.23 23.81 -8.99
CA LYS C 277 -25.98 23.79 -8.24
C LYS C 277 -25.72 22.43 -7.61
N ILE C 278 -26.29 21.38 -8.21
CA ILE C 278 -26.11 20.03 -7.68
C ILE C 278 -24.83 19.40 -8.21
N THR C 279 -24.42 19.71 -9.44
CA THR C 279 -23.12 19.26 -9.92
C THR C 279 -22.00 19.86 -9.09
N LEU C 280 -22.19 21.10 -8.57
CA LEU C 280 -21.25 21.76 -7.67
C LEU C 280 -21.20 21.06 -6.32
N GLY C 281 -22.36 20.66 -5.80
CA GLY C 281 -22.38 19.94 -4.54
C GLY C 281 -21.75 18.56 -4.63
N ILE C 282 -22.04 17.84 -5.73
CA ILE C 282 -21.46 16.51 -5.91
C ILE C 282 -19.95 16.60 -6.08
N THR C 283 -19.38 17.53 -6.81
CA THR C 283 -17.92 17.67 -6.88
C THR C 283 -17.28 18.04 -5.57
N THR C 284 -17.90 18.84 -4.72
CA THR C 284 -17.37 19.15 -3.47
C THR C 284 -17.44 17.97 -2.68
N LEU C 285 -18.44 17.16 -2.73
CA LEU C 285 -18.43 15.98 -1.94
C LEU C 285 -17.40 14.96 -2.44
N LEU C 286 -17.12 14.80 -3.71
CA LEU C 286 -16.01 13.98 -4.17
C LEU C 286 -14.72 14.46 -3.61
N SER C 287 -14.40 15.70 -3.66
CA SER C 287 -13.22 16.12 -3.03
C SER C 287 -13.13 15.83 -1.54
N MET C 288 -14.19 15.95 -0.82
CA MET C 288 -14.08 15.75 0.57
C MET C 288 -13.99 14.31 0.82
N SER C 289 -14.49 13.47 -0.04
CA SER C 289 -14.27 12.08 0.12
C SER C 289 -12.86 11.85 -0.08
N ILE C 290 -12.27 12.29 -1.15
CA ILE C 290 -10.82 12.12 -1.25
C ILE C 290 -10.09 12.55 0.03
N MET C 291 -10.58 13.54 0.69
CA MET C 291 -9.89 13.91 1.89
C MET C 291 -10.10 13.04 3.06
N ILE C 292 -11.29 12.68 3.37
CA ILE C 292 -11.46 11.72 4.40
C ILE C 292 -10.76 10.43 4.03
N PHE C 293 -10.54 10.11 2.77
CA PHE C 293 -9.83 8.93 2.43
C PHE C 293 -8.45 9.07 2.87
N MET C 294 -7.85 10.20 2.61
CA MET C 294 -6.53 10.30 3.20
C MET C 294 -6.42 10.51 4.69
N VAL C 295 -7.51 10.58 5.48
CA VAL C 295 -7.47 10.62 6.94
C VAL C 295 -7.70 9.25 7.55
N SER C 296 -8.28 8.31 6.78
CA SER C 296 -8.43 6.94 7.24
C SER C 296 -7.11 6.18 7.25
N ASP C 297 -6.12 6.63 6.48
CA ASP C 297 -4.82 5.97 6.47
C ASP C 297 -4.14 6.07 7.84
N LYS C 298 -4.04 7.29 8.37
CA LYS C 298 -3.41 7.53 9.66
C LYS C 298 -4.49 7.63 10.73
N MET C 299 -5.31 6.59 10.83
CA MET C 299 -6.31 6.43 11.88
C MET C 299 -6.88 5.02 11.80
N PRO C 300 -7.17 4.38 12.93
CA PRO C 300 -7.75 3.04 12.90
C PRO C 300 -9.26 3.10 12.68
N SER C 301 -9.84 1.65 12.61
CA SER C 301 -11.29 1.52 12.46
C SER C 301 -11.98 1.74 13.79
N THR C 302 -11.83 2.95 14.33
CA THR C 302 -12.39 3.30 15.62
C THR C 302 -13.91 3.31 15.54
N SER C 303 -14.55 2.33 16.16
CA SER C 303 -16.00 2.22 16.19
C SER C 303 -16.57 2.48 17.57
N THR C 304 -15.74 2.83 18.54
CA THR C 304 -16.20 3.11 19.90
C THR C 304 -16.63 4.57 20.05
N CYS C 305 -15.82 5.50 19.57
CA CYS C 305 -16.10 6.92 19.66
C CYS C 305 -16.02 7.55 18.27
N VAL C 306 -16.45 8.80 18.19
CA VAL C 306 -16.37 9.60 16.98
C VAL C 306 -15.21 10.58 17.14
N PRO C 307 -14.13 10.43 16.39
CA PRO C 307 -13.00 11.37 16.54
C PRO C 307 -13.41 12.79 16.19
N LEU C 308 -12.65 13.74 16.76
CA LEU C 308 -12.94 15.15 16.50
C LEU C 308 -12.84 15.48 15.02
N ILE C 309 -11.88 14.87 14.31
CA ILE C 309 -11.78 15.09 12.88
C ILE C 309 -12.96 14.45 12.15
N ALA C 310 -13.50 13.35 12.69
CA ALA C 310 -14.67 12.72 12.08
C ALA C 310 -15.90 13.60 12.25
N LEU C 311 -16.05 14.23 13.42
CA LEU C 311 -17.14 15.18 13.61
C LEU C 311 -16.96 16.41 12.71
N PHE C 312 -15.72 16.79 12.44
CA PHE C 312 -15.46 17.92 11.56
C PHE C 312 -15.92 17.61 10.13
N TYR C 313 -15.53 16.45 9.60
CA TYR C 313 -15.91 16.09 8.25
C TYR C 313 -17.42 15.83 8.14
N THR C 314 -18.03 15.30 9.20
CA THR C 314 -19.47 15.11 9.21
C THR C 314 -20.20 16.43 9.09
N LEU C 315 -19.75 17.44 9.84
CA LEU C 315 -20.39 18.75 9.78
C LEU C 315 -20.20 19.42 8.43
N MET C 316 -19.00 19.30 7.86
CA MET C 316 -18.75 19.90 6.54
C MET C 316 -19.61 19.24 5.46
N ILE C 317 -19.72 17.91 5.51
CA ILE C 317 -20.55 17.20 4.54
C ILE C 317 -22.01 17.56 4.72
N THR C 318 -22.47 17.67 5.96
CA THR C 318 -23.85 18.06 6.23
C THR C 318 -24.14 19.45 5.70
N ILE C 319 -23.20 20.39 5.89
CA ILE C 319 -23.40 21.76 5.41
C ILE C 319 -23.52 21.78 3.89
N ILE C 320 -22.66 21.03 3.19
CA ILE C 320 -22.71 20.98 1.74
C ILE C 320 -24.02 20.35 1.27
N SER C 321 -24.45 19.28 1.95
CA SER C 321 -25.67 18.59 1.53
C SER C 321 -26.90 19.46 1.72
N VAL C 322 -27.05 20.10 2.89
CA VAL C 322 -28.16 21.01 3.10
C VAL C 322 -28.01 22.25 2.23
N GLY C 323 -26.79 22.71 2.02
CA GLY C 323 -26.57 23.82 1.10
C GLY C 323 -27.01 23.50 -0.31
N THR C 324 -26.78 22.27 -0.75
CA THR C 324 -27.27 21.84 -2.06
C THR C 324 -28.79 21.82 -2.09
N LEU C 325 -29.42 21.35 -1.01
CA LEU C 325 -30.87 21.34 -0.94
C LEU C 325 -31.44 22.76 -0.81
N ALA C 326 -30.72 23.63 -0.10
CA ALA C 326 -31.17 25.02 0.03
C ALA C 326 -31.07 25.75 -1.31
N ALA C 327 -30.05 25.44 -2.10
CA ALA C 327 -29.93 26.04 -3.42
C ALA C 327 -31.08 25.61 -4.33
N SER C 328 -31.47 24.35 -4.25
CA SER C 328 -32.61 23.88 -5.04
C SER C 328 -33.91 24.50 -4.56
N SER C 329 -33.96 24.86 -3.28
CA SER C 329 -35.14 25.55 -2.75
C SER C 329 -35.31 26.94 -3.36
N VAL C 330 -34.21 27.64 -3.62
CA VAL C 330 -34.30 28.95 -4.27
C VAL C 330 -34.88 28.83 -5.67
N ILE C 331 -34.50 27.79 -6.41
CA ILE C 331 -35.04 27.58 -7.75
C ILE C 331 -36.54 27.31 -7.68
N PHE C 332 -36.98 26.57 -6.66
CA PHE C 332 -38.40 26.26 -6.52
C PHE C 332 -39.22 27.52 -6.29
N VAL C 333 -38.69 28.47 -5.51
CA VAL C 333 -39.41 29.72 -5.26
C VAL C 333 -39.54 30.53 -6.54
N GLN C 334 -38.49 30.51 -7.38
CA GLN C 334 -38.55 31.26 -8.64
C GLN C 334 -39.55 30.65 -9.61
N LYS C 335 -39.69 29.33 -9.62
CA LYS C 335 -40.68 28.70 -10.49
C LYS C 335 -42.10 29.04 -10.10
N LEU C 336 -42.31 29.46 -8.84
CA LEU C 336 -43.65 29.87 -8.42
C LEU C 336 -44.13 31.08 -9.21
N GLY C 337 -43.20 31.88 -9.73
CA GLY C 337 -43.59 33.04 -10.49
C GLY C 337 -44.21 32.71 -11.83
N SER C 338 -43.92 31.53 -12.37
CA SER C 338 -44.44 31.10 -13.66
C SER C 338 -45.84 30.50 -13.56
N ILE C 339 -46.37 30.37 -12.35
CA ILE C 339 -47.69 29.80 -12.13
C ILE C 339 -48.75 30.89 -12.02
N GLY C 340 -48.35 32.15 -12.16
CA GLY C 340 -49.30 33.24 -12.27
C GLY C 340 -49.65 33.94 -10.97
N ASN C 341 -50.01 33.18 -9.93
CA ASN C 341 -50.45 33.77 -8.67
C ASN C 341 -49.34 34.58 -8.02
N PRO C 342 -49.62 35.80 -7.57
CA PRO C 342 -48.59 36.64 -6.98
C PRO C 342 -48.25 36.18 -5.57
N PRO C 343 -47.12 36.60 -5.01
CA PRO C 343 -46.85 36.32 -3.61
C PRO C 343 -47.81 37.06 -2.70
N ALA C 344 -48.03 36.48 -1.52
CA ALA C 344 -49.01 36.99 -0.58
C ALA C 344 -48.57 38.34 -0.03
N SER C 345 -49.44 38.99 0.75
CA SER C 345 -49.12 40.29 1.30
C SER C 345 -47.96 40.20 2.29
N LYS C 346 -48.06 39.27 3.25
CA LYS C 346 -47.01 39.14 4.26
C LYS C 346 -45.68 38.74 3.65
N THR C 347 -45.70 37.94 2.59
CA THR C 347 -44.46 37.52 1.94
C THR C 347 -43.68 38.73 1.44
N MET C 348 -44.36 39.68 0.79
CA MET C 348 -43.67 40.85 0.27
C MET C 348 -43.33 41.85 1.37
N LYS C 349 -44.12 41.88 2.45
CA LYS C 349 -43.79 42.75 3.58
C LYS C 349 -42.49 42.33 4.25
N TRP C 350 -42.37 41.04 4.60
CA TRP C 350 -41.13 40.54 5.17
C TRP C 350 -39.97 40.63 4.18
N THR C 351 -40.20 40.25 2.92
CA THR C 351 -39.14 40.28 1.93
C THR C 351 -38.59 41.69 1.70
N HIS C 352 -39.36 42.73 2.04
CA HIS C 352 -38.91 44.10 1.86
C HIS C 352 -38.23 44.70 3.08
N ARG C 353 -38.44 44.12 4.27
CA ARG C 353 -37.79 44.68 5.46
C ARG C 353 -36.70 43.78 6.03
N ILE C 354 -36.64 42.52 5.59
CA ILE C 354 -35.40 41.74 5.74
C ILE C 354 -34.41 42.03 4.62
N ALA C 355 -34.84 42.76 3.60
CA ALA C 355 -34.01 43.14 2.46
C ALA C 355 -32.97 44.20 2.80
N PRO C 356 -33.24 45.18 3.68
CA PRO C 356 -32.17 46.10 4.09
C PRO C 356 -31.20 45.50 5.10
N PHE C 357 -31.62 44.52 5.89
CA PHE C 357 -30.72 43.92 6.88
C PHE C 357 -29.62 43.12 6.20
N VAL C 358 -30.00 42.09 5.45
CA VAL C 358 -29.05 41.43 4.57
C VAL C 358 -28.74 42.37 3.41
N LEU C 359 -27.47 42.46 3.02
CA LEU C 359 -27.03 43.50 2.10
C LEU C 359 -27.50 43.16 0.69
N ILE C 360 -28.76 43.48 0.41
CA ILE C 360 -29.35 43.31 -0.90
C ILE C 360 -30.19 44.54 -1.22
N GLN C 361 -30.31 44.86 -2.51
CA GLN C 361 -31.05 46.02 -2.94
C GLN C 361 -31.91 45.67 -4.14
N MET C 362 -33.07 46.32 -4.23
CA MET C 362 -34.05 45.97 -5.26
C MET C 362 -33.58 46.47 -6.63
N PRO C 363 -33.68 45.65 -7.67
CA PRO C 363 -33.23 46.07 -9.00
C PRO C 363 -34.08 47.21 -9.55
N LEU C 364 -33.50 47.92 -10.52
CA LEU C 364 -34.19 49.05 -11.13
C LEU C 364 -35.44 48.62 -11.88
N VAL C 365 -35.39 47.48 -12.56
CA VAL C 365 -36.54 47.03 -13.33
C VAL C 365 -37.73 46.74 -12.40
N MET C 366 -37.46 46.24 -11.19
CA MET C 366 -38.53 46.03 -10.23
C MET C 366 -39.14 47.35 -9.77
N LYS C 367 -38.29 48.37 -9.56
CA LYS C 367 -38.81 49.69 -9.19
C LYS C 367 -39.64 50.28 -10.31
N GLN C 368 -39.18 50.13 -11.56
CA GLN C 368 -39.93 50.65 -12.69
C GLN C 368 -41.29 49.96 -12.83
N ALA C 369 -41.33 48.65 -12.62
CA ALA C 369 -42.59 47.93 -12.67
C ALA C 369 -43.52 48.37 -11.54
N TYR C 370 -42.96 48.60 -10.34
CA TYR C 370 -43.76 49.06 -9.22
C TYR C 370 -44.35 50.43 -9.51
N ALA C 371 -43.53 51.36 -10.03
CA ALA C 371 -44.02 52.70 -10.34
C ALA C 371 -45.05 52.67 -11.46
N LYS C 372 -44.80 51.86 -12.49
CA LYS C 372 -45.73 51.77 -13.62
C LYS C 372 -47.07 51.21 -13.17
N ARG C 373 -47.05 50.16 -12.35
CA ARG C 373 -48.29 49.55 -11.90
C ARG C 373 -49.10 50.51 -11.04
N ALA C 374 -48.43 51.19 -10.11
CA ALA C 374 -49.14 52.10 -9.21
C ALA C 374 -49.74 53.28 -9.96
N LYS C 375 -48.96 53.90 -10.85
CA LYS C 375 -49.44 55.06 -11.59
C LYS C 375 -50.55 54.67 -12.57
N GLU C 376 -50.38 53.56 -13.28
CA GLU C 376 -51.40 53.12 -14.22
C GLU C 376 -52.70 52.75 -13.50
N GLU C 377 -52.58 52.07 -12.36
CA GLU C 377 -53.77 51.72 -11.58
C GLU C 377 -54.48 52.97 -11.07
N LYS C 378 -53.71 53.94 -10.57
CA LYS C 378 -54.31 55.16 -10.03
C LYS C 378 -55.06 55.94 -11.10
N HIS C 379 -54.46 56.07 -12.29
CA HIS C 379 -55.12 56.82 -13.35
C HIS C 379 -56.36 56.11 -13.86
N ARG C 380 -56.26 54.79 -14.07
CA ARG C 380 -57.37 54.04 -14.65
C ARG C 380 -58.52 53.91 -13.65
N LYS C 381 -58.21 53.69 -12.38
CA LYS C 381 -59.27 53.58 -11.37
C LYS C 381 -60.05 54.88 -11.25
N ARG C 382 -59.35 56.02 -11.22
CA ARG C 382 -60.02 57.30 -11.10
C ARG C 382 -60.83 57.64 -12.35
N MET C 383 -60.29 57.34 -13.54
CA MET C 383 -61.01 57.61 -14.78
C MET C 383 -62.25 56.73 -14.90
N SER C 384 -62.12 55.45 -14.53
CA SER C 384 -63.21 54.49 -14.63
C SER C 384 -64.06 54.44 -13.36
N ARG C 385 -64.12 55.53 -12.60
CA ARG C 385 -64.92 55.60 -11.38
C ARG C 385 -66.38 55.31 -11.65
N ASN C 550 -45.70 39.88 -15.93
CA ASN C 550 -44.26 39.88 -15.71
C ASN C 550 -43.90 40.65 -14.44
N ILE C 551 -44.91 40.96 -13.63
CA ILE C 551 -44.69 41.52 -12.32
C ILE C 551 -44.80 40.46 -11.22
N VAL C 552 -45.60 39.42 -11.42
CA VAL C 552 -45.58 38.29 -10.51
C VAL C 552 -44.23 37.58 -10.60
N GLU C 553 -43.69 37.44 -11.80
CA GLU C 553 -42.37 36.84 -11.95
C GLU C 553 -41.30 37.68 -11.26
N LEU C 554 -41.36 39.01 -11.42
CA LEU C 554 -40.38 39.87 -10.79
C LEU C 554 -40.45 39.77 -9.27
N GLU C 555 -41.66 39.68 -8.71
CA GLU C 555 -41.81 39.59 -7.26
C GLU C 555 -41.24 38.27 -6.73
N TRP C 556 -41.44 37.17 -7.46
CA TRP C 556 -40.93 35.89 -7.00
C TRP C 556 -39.43 35.76 -7.18
N ASP C 557 -38.85 36.46 -8.17
CA ASP C 557 -37.39 36.56 -8.22
C ASP C 557 -36.85 37.34 -7.01
N TRP C 558 -37.57 38.36 -6.58
CA TRP C 558 -37.14 39.11 -5.40
C TRP C 558 -37.19 38.24 -4.14
N VAL C 559 -38.25 37.44 -3.99
CA VAL C 559 -38.35 36.56 -2.84
C VAL C 559 -37.22 35.53 -2.85
N ALA C 560 -36.93 34.97 -4.02
CA ALA C 560 -35.83 34.02 -4.13
C ALA C 560 -34.48 34.71 -3.92
N ALA C 561 -34.34 35.95 -4.40
CA ALA C 561 -33.07 36.66 -4.24
C ALA C 561 -32.77 36.93 -2.78
N VAL C 562 -33.77 37.35 -2.00
CA VAL C 562 -33.56 37.58 -0.57
C VAL C 562 -33.36 36.25 0.15
N LEU C 563 -34.13 35.23 -0.24
CA LEU C 563 -33.96 33.91 0.36
C LEU C 563 -32.56 33.36 0.14
N GLU C 564 -31.99 33.62 -1.04
CA GLU C 564 -30.62 33.21 -1.30
C GLU C 564 -29.64 33.92 -0.36
N ARG C 565 -29.89 35.21 -0.08
CA ARG C 565 -28.99 35.96 0.77
C ARG C 565 -29.08 35.50 2.22
N VAL C 566 -30.27 35.13 2.69
CA VAL C 566 -30.41 34.60 4.04
C VAL C 566 -29.67 33.28 4.17
N PHE C 567 -29.76 32.43 3.15
CA PHE C 567 -29.03 31.17 3.17
C PHE C 567 -27.52 31.40 3.15
N LEU C 568 -27.06 32.38 2.38
CA LEU C 568 -25.63 32.67 2.32
C LEU C 568 -25.09 33.10 3.67
N ILE C 569 -25.83 33.97 4.36
CA ILE C 569 -25.40 34.44 5.68
C ILE C 569 -25.51 33.32 6.71
N PHE C 570 -26.61 32.57 6.67
CA PHE C 570 -26.82 31.52 7.66
C PHE C 570 -25.77 30.42 7.53
N PHE C 571 -25.50 29.97 6.31
CA PHE C 571 -24.54 28.88 6.13
C PHE C 571 -23.11 29.33 6.39
N THR C 572 -22.79 30.60 6.08
CA THR C 572 -21.46 31.11 6.39
C THR C 572 -21.22 31.14 7.90
N ILE C 573 -22.22 31.59 8.66
CA ILE C 573 -22.09 31.62 10.11
C ILE C 573 -22.01 30.20 10.67
N CYS C 574 -22.81 29.28 10.13
CA CYS C 574 -22.76 27.90 10.58
C CYS C 574 -21.40 27.27 10.30
N PHE C 575 -20.85 27.54 9.11
CA PHE C 575 -19.53 27.00 8.77
C PHE C 575 -18.44 27.58 9.67
N LEU C 576 -18.51 28.88 9.92
CA LEU C 576 -17.49 29.53 10.77
C LEU C 576 -17.54 28.96 12.19
N PHE C 577 -18.74 28.82 12.75
CA PHE C 577 -18.86 28.29 14.11
C PHE C 577 -18.42 26.83 14.16
N SER C 578 -18.75 26.06 13.12
CA SER C 578 -18.39 24.64 13.10
C SER C 578 -16.88 24.44 13.00
N ALA C 579 -16.25 25.11 12.04
CA ALA C 579 -14.82 24.89 11.80
C ALA C 579 -13.97 25.45 12.93
N ILE C 580 -14.22 26.71 13.32
CA ILE C 580 -13.42 27.32 14.38
C ILE C 580 -13.77 26.71 15.73
N GLY C 581 -15.05 26.47 15.99
CA GLY C 581 -15.45 25.96 17.29
C GLY C 581 -14.89 24.57 17.58
N ILE C 582 -14.89 23.69 16.58
CA ILE C 582 -14.37 22.34 16.78
C ILE C 582 -12.86 22.36 16.96
N ASN C 583 -12.16 23.12 16.11
CA ASN C 583 -10.71 23.15 16.17
C ASN C 583 -10.21 23.80 17.45
N LEU C 584 -10.85 24.89 17.88
CA LEU C 584 -10.42 25.54 19.11
C LEU C 584 -10.70 24.70 20.34
N TYR C 585 -11.78 23.91 20.33
CA TYR C 585 -12.02 22.98 21.43
C TYR C 585 -10.93 21.92 21.50
N GLY C 586 -10.53 21.37 20.35
CA GLY C 586 -9.44 20.42 20.33
C GLY C 586 -8.12 21.05 20.76
N TRP C 587 -7.87 22.27 20.32
CA TRP C 587 -6.66 22.97 20.74
C TRP C 587 -6.71 23.30 22.23
N TYR C 588 -7.88 23.61 22.76
CA TYR C 588 -8.01 23.86 24.20
C TYR C 588 -7.70 22.62 25.01
N ILE C 589 -8.22 21.47 24.58
CA ILE C 589 -7.90 20.20 25.23
C ILE C 589 -6.42 19.89 25.10
N TRP C 590 -5.87 20.13 23.90
CA TRP C 590 -4.45 19.92 23.68
C TRP C 590 -3.60 20.82 24.58
N TYR C 591 -3.99 22.10 24.70
CA TYR C 591 -3.21 23.03 25.49
C TYR C 591 -3.30 22.73 26.98
N THR C 592 -4.50 22.45 27.48
CA THR C 592 -4.69 22.25 28.92
C THR C 592 -3.93 21.03 29.41
N GLU C 593 -4.09 19.90 28.71
CA GLU C 593 -3.40 18.68 29.12
C GLU C 593 -1.90 18.71 28.82
N ASN C 594 -1.43 19.70 28.07
CA ASN C 594 0.00 19.83 27.81
C ASN C 594 0.69 20.61 28.92
N HIS C 595 0.17 21.78 29.26
CA HIS C 595 0.83 22.69 30.20
C HIS C 595 0.34 22.52 31.64
N PHE C 596 -0.56 21.58 31.91
CA PHE C 596 -1.07 21.37 33.25
C PHE C 596 -1.02 19.93 33.71
N LEU C 597 -0.35 19.05 32.98
CA LEU C 597 -0.17 17.66 33.40
C LEU C 597 1.32 17.35 33.59
N PRO D 22 54.01 -36.01 10.57
CA PRO D 22 53.50 -37.01 9.63
C PRO D 22 52.54 -36.40 8.60
N ASP D 23 51.31 -36.92 8.56
CA ASP D 23 50.30 -36.43 7.62
C ASP D 23 49.46 -35.29 8.19
N ILE D 24 49.55 -35.02 9.48
CA ILE D 24 48.78 -33.96 10.12
C ILE D 24 49.36 -32.61 9.73
N PRO D 25 48.55 -31.64 9.33
CA PRO D 25 49.07 -30.31 8.97
C PRO D 25 49.63 -29.60 10.19
N ILE D 26 50.51 -28.64 9.93
CA ILE D 26 51.11 -27.88 11.02
C ILE D 26 50.11 -26.90 11.62
N GLN D 27 49.08 -26.51 10.86
CA GLN D 27 48.05 -25.64 11.42
C GLN D 27 47.20 -26.36 12.44
N TYR D 28 47.05 -27.68 12.30
CA TYR D 28 46.35 -28.46 13.32
C TYR D 28 47.10 -28.42 14.64
N GLU D 29 48.43 -28.57 14.58
CA GLU D 29 49.23 -28.49 15.80
C GLU D 29 49.25 -27.07 16.36
N LEU D 30 49.22 -26.07 15.47
CA LEU D 30 49.22 -24.68 15.92
C LEU D 30 47.94 -24.35 16.68
N ALA D 31 46.79 -24.70 16.10
CA ALA D 31 45.52 -24.36 16.74
C ALA D 31 45.28 -25.18 18.00
N ASN D 32 45.85 -26.38 18.08
CA ASN D 32 45.71 -27.18 19.29
C ASN D 32 46.58 -26.63 20.41
N ASN D 33 47.66 -25.92 20.06
CA ASN D 33 48.58 -25.42 21.08
C ASN D 33 48.09 -24.09 21.67
N ILE D 34 47.77 -23.12 20.81
CA ILE D 34 47.32 -21.82 21.31
C ILE D 34 45.95 -21.93 21.97
N MET D 35 45.07 -22.76 21.42
CA MET D 35 43.75 -22.98 22.01
C MET D 35 43.74 -24.17 22.95
N GLU D 36 44.69 -24.18 23.90
CA GLU D 36 44.78 -25.25 24.89
C GLU D 36 44.17 -24.84 26.22
N ASN D 37 44.68 -23.76 26.82
CA ASN D 37 44.15 -23.21 28.06
C ASN D 37 43.33 -21.96 27.84
N TYR D 38 43.02 -21.64 26.58
CA TYR D 38 42.28 -20.43 26.26
C TYR D 38 40.82 -20.56 26.68
N GLN D 39 40.30 -19.51 27.29
CA GLN D 39 38.89 -19.42 27.66
C GLN D 39 38.27 -18.25 26.92
N LYS D 40 37.37 -18.54 25.99
CA LYS D 40 36.78 -17.54 25.12
C LYS D 40 35.69 -16.72 25.80
N GLY D 41 35.23 -17.14 26.97
CA GLY D 41 34.23 -16.41 27.71
C GLY D 41 34.76 -15.30 28.59
N LEU D 42 36.08 -15.10 28.62
CA LEU D 42 36.69 -14.08 29.45
C LEU D 42 37.60 -13.20 28.61
N ILE D 43 37.73 -11.95 29.00
CA ILE D 43 38.54 -11.00 28.23
C ILE D 43 40.01 -11.41 28.30
N PRO D 44 40.70 -11.52 27.17
CA PRO D 44 42.13 -11.91 27.16
C PRO D 44 43.06 -10.74 27.49
N LYS D 45 43.13 -10.41 28.78
CA LYS D 45 43.92 -9.27 29.27
C LYS D 45 44.87 -9.79 30.33
N VAL D 46 46.04 -10.26 29.90
CA VAL D 46 47.05 -10.73 30.84
C VAL D 46 47.60 -9.57 31.66
N ARG D 47 47.94 -8.47 30.98
CA ARG D 47 48.42 -7.29 31.69
C ARG D 47 47.27 -6.60 32.42
N LYS D 48 47.57 -6.08 33.61
CA LYS D 48 46.51 -5.63 34.51
C LYS D 48 46.08 -4.19 34.22
N GLY D 49 47.03 -3.30 34.01
CA GLY D 49 46.72 -1.87 34.02
C GLY D 49 46.60 -1.19 32.68
N SER D 50 45.96 -1.85 31.70
CA SER D 50 45.75 -1.23 30.41
C SER D 50 44.57 -1.88 29.71
N PRO D 51 43.71 -1.10 29.05
CA PRO D 51 42.56 -1.68 28.36
C PRO D 51 42.98 -2.35 27.05
N ILE D 52 42.01 -3.01 26.43
CA ILE D 52 42.21 -3.63 25.12
C ILE D 52 41.83 -2.61 24.07
N ASN D 53 42.79 -2.24 23.22
CA ASN D 53 42.54 -1.27 22.15
C ASN D 53 41.90 -1.97 20.97
N VAL D 54 40.75 -1.47 20.53
CA VAL D 54 40.04 -2.01 19.37
C VAL D 54 39.99 -0.93 18.31
N THR D 55 40.48 -1.25 17.12
CA THR D 55 40.56 -0.31 16.01
C THR D 55 39.47 -0.67 14.99
N LEU D 56 38.36 0.07 15.02
CA LEU D 56 37.25 -0.18 14.13
C LEU D 56 37.39 0.66 12.86
N SER D 57 37.28 0.02 11.71
CA SER D 57 37.36 0.67 10.41
C SER D 57 36.10 0.36 9.63
N LEU D 58 35.57 1.36 8.93
CA LEU D 58 34.29 1.24 8.25
C LEU D 58 34.40 1.67 6.79
N GLN D 59 33.78 0.89 5.92
CA GLN D 59 33.64 1.22 4.51
C GLN D 59 32.17 1.24 4.14
N LEU D 60 31.75 2.26 3.42
CA LEU D 60 30.38 2.37 2.93
C LEU D 60 30.30 1.72 1.55
N TYR D 61 29.39 0.76 1.40
CA TYR D 61 29.20 0.06 0.14
C TYR D 61 27.89 0.40 -0.55
N GLN D 62 26.86 0.76 0.21
CA GLN D 62 25.55 1.04 -0.39
C GLN D 62 24.68 1.77 0.62
N ILE D 63 23.78 2.60 0.10
CA ILE D 63 22.70 3.19 0.88
C ILE D 63 21.42 2.53 0.38
N ILE D 64 20.91 1.57 1.16
CA ILE D 64 19.77 0.78 0.68
C ILE D 64 18.48 1.57 0.74
N GLN D 65 18.25 2.27 1.85
CA GLN D 65 16.97 2.94 2.05
C GLN D 65 17.13 4.07 3.05
N VAL D 66 16.70 5.27 2.67
CA VAL D 66 16.54 6.38 3.61
C VAL D 66 15.05 6.49 3.88
N ASN D 67 14.59 5.85 4.95
CA ASN D 67 13.17 5.74 5.25
C ASN D 67 12.75 6.96 6.08
N GLU D 68 12.30 8.01 5.38
CA GLU D 68 11.81 9.19 6.06
C GLU D 68 10.63 8.92 7.01
N PRO D 69 9.62 8.12 6.65
CA PRO D 69 8.49 7.94 7.58
C PRO D 69 8.85 7.32 8.93
N GLN D 70 9.98 6.59 9.03
CA GLN D 70 10.29 5.87 10.26
C GLN D 70 11.66 6.24 10.84
N GLN D 71 12.28 7.32 10.36
CA GLN D 71 13.53 7.84 10.93
C GLN D 71 14.65 6.79 10.90
N TYR D 72 14.69 5.95 9.87
CA TYR D 72 15.72 4.92 9.80
C TYR D 72 16.37 4.88 8.43
N LEU D 73 17.69 4.74 8.44
CA LEU D 73 18.50 4.63 7.23
C LEU D 73 19.15 3.25 7.19
N LEU D 74 19.07 2.59 6.05
CA LEU D 74 19.60 1.24 5.87
C LEU D 74 20.91 1.33 5.11
N LEU D 75 22.02 0.99 5.78
CA LEU D 75 23.35 1.06 5.21
C LEU D 75 23.92 -0.34 5.04
N ASN D 76 24.79 -0.50 4.04
CA ASN D 76 25.53 -1.72 3.78
C ASN D 76 27.01 -1.38 3.92
N ALA D 77 27.59 -1.74 5.05
CA ALA D 77 28.95 -1.34 5.39
C ALA D 77 29.88 -2.55 5.45
N TRP D 78 31.17 -2.27 5.42
CA TRP D 78 32.22 -3.26 5.56
C TRP D 78 33.05 -2.89 6.78
N ALA D 79 32.92 -3.65 7.86
CA ALA D 79 33.57 -3.34 9.12
C ALA D 79 34.80 -4.22 9.31
N VAL D 80 35.92 -3.59 9.68
CA VAL D 80 37.15 -4.28 10.01
C VAL D 80 37.51 -3.94 11.45
N GLU D 81 37.82 -4.97 12.23
CA GLU D 81 38.03 -4.83 13.67
C GLU D 81 39.34 -5.47 14.04
N ARG D 82 40.26 -4.70 14.62
CA ARG D 82 41.57 -5.20 15.01
C ARG D 82 41.83 -4.93 16.49
N TRP D 83 42.29 -5.96 17.19
CA TRP D 83 42.77 -5.84 18.56
C TRP D 83 43.87 -6.86 18.76
N VAL D 84 44.42 -6.91 19.96
CA VAL D 84 45.52 -7.82 20.30
C VAL D 84 45.00 -8.79 21.36
N ASP D 85 45.08 -10.08 21.05
CA ASP D 85 44.68 -11.14 21.97
C ASP D 85 45.94 -11.64 22.68
N GLN D 86 46.12 -11.23 23.93
CA GLN D 86 47.35 -11.50 24.65
C GLN D 86 47.53 -12.97 25.03
N MET D 87 46.50 -13.80 24.85
CA MET D 87 46.59 -15.23 25.15
C MET D 87 46.93 -16.09 23.95
N LEU D 88 46.58 -15.67 22.75
CA LEU D 88 46.77 -16.48 21.54
C LEU D 88 48.09 -16.19 20.85
N GLY D 89 49.19 -16.24 21.60
CA GLY D 89 50.52 -15.97 21.06
C GLY D 89 51.33 -17.24 20.97
N TRP D 90 52.01 -17.41 19.83
CA TRP D 90 52.85 -18.57 19.60
C TRP D 90 54.17 -18.14 18.99
N ASP D 91 55.19 -18.98 19.17
CA ASP D 91 56.49 -18.76 18.57
C ASP D 91 56.51 -19.34 17.16
N PRO D 92 56.68 -18.52 16.12
CA PRO D 92 56.62 -19.07 14.75
C PRO D 92 57.65 -20.16 14.50
N SER D 93 58.86 -20.04 15.05
CA SER D 93 59.92 -20.99 14.74
C SER D 93 59.55 -22.42 15.14
N GLU D 94 58.79 -22.56 16.22
CA GLU D 94 58.41 -23.89 16.68
C GLU D 94 57.45 -24.56 15.70
N PHE D 95 56.44 -23.81 15.24
CA PHE D 95 55.39 -24.39 14.41
C PHE D 95 55.66 -24.18 12.92
N ASP D 96 56.82 -24.70 12.50
CA ASP D 96 57.24 -24.70 11.11
C ASP D 96 57.21 -23.31 10.49
N ASN D 97 57.56 -22.29 11.28
CA ASN D 97 57.82 -20.95 10.77
C ASN D 97 56.59 -20.36 10.08
N GLU D 98 55.42 -20.61 10.67
CA GLU D 98 54.16 -20.04 10.22
C GLU D 98 53.82 -18.83 11.09
N THR D 99 53.39 -17.76 10.44
CA THR D 99 53.12 -16.49 11.14
C THR D 99 51.66 -16.10 11.14
N GLU D 100 50.79 -16.92 10.54
CA GLU D 100 49.38 -16.59 10.46
C GLU D 100 48.55 -17.86 10.54
N ILE D 101 47.31 -17.71 11.03
CA ILE D 101 46.36 -18.80 11.08
C ILE D 101 44.95 -18.20 11.06
N MET D 102 44.04 -18.88 10.38
CA MET D 102 42.65 -18.45 10.30
C MET D 102 41.79 -19.34 11.18
N ALA D 103 41.08 -18.73 12.12
CA ALA D 103 40.20 -19.45 13.02
C ALA D 103 38.77 -18.97 12.79
N ARG D 104 37.85 -19.46 13.62
CA ARG D 104 36.45 -19.07 13.56
C ARG D 104 36.16 -18.07 14.67
N HIS D 105 35.17 -17.20 14.42
CA HIS D 105 34.77 -16.23 15.43
C HIS D 105 34.17 -16.89 16.65
N ASP D 106 33.68 -18.13 16.52
CA ASP D 106 33.11 -18.83 17.66
C ASP D 106 34.18 -19.30 18.65
N ASP D 107 35.41 -19.46 18.19
CA ASP D 107 36.46 -20.06 18.99
C ASP D 107 37.26 -19.06 19.82
N ILE D 108 37.08 -17.76 19.62
CA ILE D 108 37.88 -16.75 20.29
C ILE D 108 36.96 -15.70 20.91
N TRP D 109 37.53 -14.93 21.83
CA TRP D 109 36.80 -13.84 22.46
C TRP D 109 36.65 -12.67 21.49
N LEU D 110 35.43 -12.18 21.35
CA LEU D 110 35.13 -11.08 20.44
C LEU D 110 34.61 -9.88 21.22
N PRO D 111 35.15 -8.69 20.98
CA PRO D 111 34.60 -7.49 21.61
C PRO D 111 33.17 -7.25 21.17
N ASP D 112 32.34 -6.80 22.11
CA ASP D 112 30.92 -6.60 21.85
C ASP D 112 30.68 -5.19 21.27
N THR D 113 31.21 -4.98 20.07
CA THR D 113 31.00 -3.72 19.37
C THR D 113 29.54 -3.59 18.99
N THR D 114 28.90 -2.54 19.49
CA THR D 114 27.46 -2.34 19.32
C THR D 114 27.21 -0.99 18.66
N LEU D 115 26.26 -0.97 17.73
CA LEU D 115 25.75 0.28 17.18
C LEU D 115 24.64 0.75 18.12
N TYR D 116 24.90 1.85 18.83
CA TYR D 116 24.01 2.25 19.92
C TYR D 116 22.61 2.59 19.40
N ASN D 117 22.53 3.27 18.26
CA ASN D 117 21.25 3.68 17.69
C ASN D 117 20.72 2.70 16.66
N SER D 118 21.03 1.42 16.81
CA SER D 118 20.53 0.40 15.88
C SER D 118 19.07 0.09 16.18
N LEU D 119 18.29 -0.12 15.13
CA LEU D 119 16.89 -0.48 15.26
C LEU D 119 16.66 -1.98 15.08
N GLU D 120 17.72 -2.77 15.05
CA GLU D 120 17.63 -4.22 14.90
C GLU D 120 18.37 -4.88 16.04
N MET D 121 17.68 -5.75 16.78
CA MET D 121 18.30 -6.46 17.91
C MET D 121 18.82 -7.83 17.53
N ASP D 122 18.48 -8.35 16.35
CA ASP D 122 18.99 -9.64 15.90
C ASP D 122 20.28 -9.41 15.15
N ASP D 123 21.37 -9.99 15.66
CA ASP D 123 22.68 -9.84 15.05
C ASP D 123 22.92 -10.83 13.92
N SER D 124 21.96 -11.70 13.63
CA SER D 124 22.02 -12.58 12.48
C SER D 124 21.43 -11.93 11.23
N ALA D 125 20.82 -10.76 11.37
CA ALA D 125 20.29 -10.01 10.23
C ALA D 125 21.09 -8.74 9.95
N SER D 126 22.11 -8.45 10.74
CA SER D 126 22.93 -7.27 10.53
C SER D 126 24.42 -7.56 10.55
N LYS D 127 24.82 -8.83 10.58
CA LYS D 127 26.22 -9.19 10.72
C LYS D 127 26.42 -10.59 10.14
N LYS D 128 27.60 -10.82 9.58
CA LYS D 128 27.92 -12.09 8.93
C LYS D 128 29.30 -12.57 9.39
N LEU D 129 29.50 -12.60 10.71
CA LEU D 129 30.75 -13.07 11.29
C LEU D 129 31.02 -14.52 10.89
N THR D 130 32.14 -14.75 10.22
CA THR D 130 32.51 -16.11 9.82
C THR D 130 33.87 -16.53 10.40
N HIS D 131 34.92 -15.76 10.17
CA HIS D 131 36.27 -16.19 10.50
C HIS D 131 37.07 -15.01 11.05
N VAL D 132 38.16 -15.33 11.73
CA VAL D 132 39.11 -14.35 12.22
C VAL D 132 40.50 -14.73 11.74
N LYS D 133 41.37 -13.72 11.67
CA LYS D 133 42.76 -13.91 11.24
C LYS D 133 43.68 -13.60 12.40
N LEU D 134 44.57 -14.53 12.71
CA LEU D 134 45.47 -14.42 13.86
C LEU D 134 46.90 -14.28 13.36
N THR D 135 47.51 -13.13 13.63
CA THR D 135 48.90 -12.86 13.31
C THR D 135 49.69 -12.71 14.60
N THR D 136 50.70 -13.55 14.79
CA THR D 136 51.41 -13.60 16.05
C THR D 136 52.41 -12.46 16.16
N LEU D 137 52.53 -11.91 17.37
CA LEU D 137 53.56 -10.93 17.70
C LEU D 137 54.63 -11.51 18.61
N GLY D 138 54.57 -12.79 18.92
CA GLY D 138 55.43 -13.43 19.90
C GLY D 138 54.67 -14.39 20.77
N LYS D 139 55.43 -15.21 21.50
CA LYS D 139 54.82 -16.24 22.33
C LYS D 139 54.01 -15.63 23.46
N ASN D 140 54.63 -14.75 24.24
CA ASN D 140 53.97 -14.14 25.39
C ASN D 140 53.45 -12.74 25.10
N GLN D 141 53.61 -12.26 23.86
CA GLN D 141 53.17 -10.92 23.49
C GLN D 141 51.79 -10.89 22.84
N GLY D 142 51.19 -12.05 22.57
CA GLY D 142 49.85 -12.09 22.03
C GLY D 142 49.80 -12.20 20.52
N ALA D 143 48.67 -11.83 19.92
CA ALA D 143 48.53 -11.91 18.47
C ALA D 143 47.50 -10.88 18.01
N MET D 144 47.76 -10.30 16.84
CA MET D 144 46.80 -9.39 16.23
C MET D 144 45.64 -10.17 15.65
N VAL D 145 44.42 -9.73 15.95
CA VAL D 145 43.21 -10.38 15.46
C VAL D 145 42.51 -9.41 14.53
N GLU D 146 42.30 -9.84 13.28
CA GLU D 146 41.57 -9.07 12.29
C GLU D 146 40.21 -9.70 12.07
N LEU D 147 39.16 -8.91 12.20
CA LEU D 147 37.78 -9.39 12.07
C LEU D 147 37.11 -8.62 10.93
N LEU D 148 36.93 -9.28 9.81
CA LEU D 148 36.27 -8.72 8.64
C LEU D 148 34.88 -9.32 8.51
N TYR D 149 33.87 -8.47 8.30
CA TYR D 149 32.50 -8.95 8.18
C TYR D 149 31.66 -7.89 7.50
N PRO D 150 30.66 -8.29 6.71
CA PRO D 150 29.72 -7.31 6.14
C PRO D 150 28.55 -7.07 7.07
N THR D 151 28.07 -5.83 7.06
CA THR D 151 27.00 -5.40 7.97
C THR D 151 25.88 -4.73 7.19
N ILE D 152 24.68 -4.80 7.76
CA ILE D 152 23.54 -4.02 7.29
C ILE D 152 23.00 -3.29 8.50
N TYR D 153 23.16 -1.96 8.52
CA TYR D 153 22.85 -1.16 9.68
C TYR D 153 21.48 -0.49 9.52
N LYS D 154 20.60 -0.70 10.50
CA LYS D 154 19.34 0.02 10.60
C LYS D 154 19.56 1.13 11.63
N ILE D 155 19.74 2.35 11.15
CA ILE D 155 20.25 3.46 11.95
C ILE D 155 19.10 4.38 12.29
N SER D 156 18.99 4.73 13.57
CA SER D 156 18.01 5.71 14.03
C SER D 156 18.61 7.10 13.85
N CYS D 157 18.18 7.81 12.82
CA CYS D 157 18.69 9.13 12.50
C CYS D 157 17.53 10.11 12.38
N LEU D 158 17.75 11.33 12.86
CA LEU D 158 16.74 12.37 12.83
C LEU D 158 16.84 13.15 11.52
N LEU D 159 15.71 13.31 10.85
CA LEU D 159 15.65 14.00 9.55
C LEU D 159 15.04 15.39 9.74
N ASN D 160 15.73 16.40 9.23
CA ASN D 160 15.25 17.77 9.23
C ASN D 160 14.80 18.10 7.81
N LEU D 161 13.55 17.78 7.51
CA LEU D 161 13.00 17.99 6.16
C LEU D 161 12.40 19.38 6.01
N LYS D 162 13.18 20.40 6.38
CA LYS D 162 12.73 21.77 6.23
C LYS D 162 12.89 22.28 4.80
N TYR D 163 13.93 21.84 4.10
CA TYR D 163 14.21 22.27 2.73
C TYR D 163 13.85 21.22 1.70
N PHE D 164 12.92 20.33 2.03
CA PHE D 164 12.53 19.27 1.10
C PHE D 164 12.01 19.88 -0.20
N PRO D 165 12.39 19.34 -1.37
CA PRO D 165 13.28 18.20 -1.60
C PRO D 165 14.76 18.58 -1.76
N PHE D 166 15.16 19.78 -1.37
CA PHE D 166 16.55 20.24 -1.49
C PHE D 166 17.29 20.09 -0.17
N ASP D 167 16.98 19.04 0.59
CA ASP D 167 17.44 18.89 1.95
C ASP D 167 18.69 18.00 2.02
N THR D 168 19.56 18.32 2.97
CA THR D 168 20.73 17.52 3.29
C THR D 168 20.60 17.00 4.71
N GLN D 169 20.88 15.71 4.89
CA GLN D 169 20.72 15.05 6.18
C GLN D 169 22.05 14.51 6.66
N THR D 170 22.26 14.58 7.97
CA THR D 170 23.43 14.02 8.62
C THR D 170 22.99 12.84 9.50
N CYS D 171 23.63 11.69 9.29
CA CYS D 171 23.29 10.46 10.00
C CYS D 171 24.44 10.05 10.89
N ARG D 172 24.15 9.84 12.17
CA ARG D 172 25.17 9.51 13.17
C ARG D 172 25.14 8.01 13.46
N MET D 173 26.33 7.44 13.62
CA MET D 173 26.50 6.03 13.96
C MET D 173 27.37 5.96 15.21
N THR D 174 26.76 5.63 16.35
CA THR D 174 27.48 5.53 17.61
C THR D 174 27.92 4.09 17.82
N PHE D 175 29.22 3.89 17.96
CA PHE D 175 29.80 2.56 18.13
C PHE D 175 30.54 2.49 19.46
N GLY D 176 30.28 1.43 20.21
CA GLY D 176 30.98 1.23 21.47
C GLY D 176 30.56 -0.08 22.08
N SER D 177 31.23 -0.42 23.18
CA SER D 177 30.91 -1.63 23.93
C SER D 177 29.75 -1.35 24.87
N TRP D 178 28.76 -2.25 24.88
CA TRP D 178 27.60 -2.04 25.73
C TRP D 178 27.94 -2.28 27.20
N SER D 179 28.65 -3.36 27.50
CA SER D 179 28.91 -3.74 28.88
C SER D 179 30.32 -3.44 29.36
N PHE D 180 31.28 -3.23 28.46
CA PHE D 180 32.66 -2.96 28.84
C PHE D 180 32.92 -1.46 28.78
N ASP D 181 33.50 -0.92 29.85
CA ASP D 181 33.77 0.50 29.95
C ASP D 181 35.18 0.80 29.44
N ASN D 182 35.61 2.05 29.64
CA ASN D 182 36.88 2.51 29.10
C ASN D 182 38.06 1.77 29.71
N SER D 183 37.94 1.27 30.94
CA SER D 183 39.03 0.57 31.59
C SER D 183 39.25 -0.84 31.06
N LEU D 184 38.30 -1.37 30.28
CA LEU D 184 38.40 -2.71 29.74
C LEU D 184 38.61 -2.72 28.23
N ILE D 185 37.74 -2.07 27.47
CA ILE D 185 37.82 -2.02 26.02
C ILE D 185 37.86 -0.56 25.58
N ASP D 186 38.87 -0.21 24.79
CA ASP D 186 39.03 1.14 24.26
C ASP D 186 38.93 1.10 22.74
N TYR D 187 38.15 2.01 22.18
CA TYR D 187 37.87 2.03 20.75
C TYR D 187 38.58 3.21 20.09
N PHE D 188 39.20 2.94 18.94
CA PHE D 188 39.90 3.95 18.16
C PHE D 188 39.49 3.85 16.71
N PRO D 189 39.42 4.97 16.00
CA PRO D 189 39.06 4.94 14.58
C PRO D 189 40.26 4.71 13.67
N ARG D 190 40.01 3.99 12.57
CA ARG D 190 40.98 3.83 11.50
C ARG D 190 40.39 4.49 10.25
N THR D 191 41.01 5.57 9.81
CA THR D 191 40.50 6.36 8.70
C THR D 191 41.22 6.00 7.40
N PHE D 192 40.55 6.28 6.29
CA PHE D 192 41.08 6.00 4.97
C PHE D 192 41.70 7.26 4.37
N THR D 193 42.24 7.11 3.15
CA THR D 193 42.86 8.24 2.48
C THR D 193 41.83 9.29 2.07
N ASN D 194 40.65 8.86 1.64
CA ASN D 194 39.61 9.79 1.20
C ASN D 194 38.75 10.32 2.34
N GLY D 195 38.87 9.77 3.54
CA GLY D 195 38.08 10.22 4.67
C GLY D 195 37.91 9.15 5.72
N PRO D 196 37.13 9.47 6.76
CA PRO D 196 36.90 8.48 7.84
C PRO D 196 36.26 7.20 7.35
N ILE D 197 35.10 7.30 6.71
CA ILE D 197 34.42 6.13 6.15
C ILE D 197 34.84 5.99 4.69
N GLY D 198 35.43 4.85 4.36
CA GLY D 198 35.90 4.64 3.00
C GLY D 198 34.74 4.62 2.01
N LEU D 199 34.91 5.34 0.91
CA LEU D 199 33.89 5.40 -0.13
C LEU D 199 34.44 5.00 -1.50
N ALA D 200 35.59 4.33 -1.53
CA ALA D 200 36.19 3.89 -2.78
C ALA D 200 35.43 2.74 -3.42
N ASN D 201 34.55 2.07 -2.68
CA ASN D 201 33.73 0.99 -3.22
C ASN D 201 32.25 1.32 -3.20
N PHE D 202 31.87 2.52 -2.77
CA PHE D 202 30.47 2.90 -2.72
C PHE D 202 29.85 2.90 -4.11
N LEU D 203 28.69 2.26 -4.24
CA LEU D 203 27.94 2.25 -5.48
C LEU D 203 26.85 3.30 -5.41
N GLU D 204 26.69 4.06 -6.50
CA GLU D 204 25.89 5.27 -6.47
C GLU D 204 24.42 4.96 -6.16
N ASN D 205 23.81 5.84 -5.37
CA ASN D 205 22.39 5.75 -5.05
C ASN D 205 21.61 6.64 -6.00
N ASP D 206 20.39 6.22 -6.34
CA ASP D 206 19.60 6.95 -7.33
C ASP D 206 19.07 8.25 -6.76
N ALA D 207 18.81 8.33 -5.46
CA ALA D 207 18.15 9.48 -4.87
C ALA D 207 19.00 10.26 -3.87
N TRP D 208 20.16 9.75 -3.47
CA TRP D 208 20.98 10.39 -2.46
C TRP D 208 22.43 10.45 -2.92
N SER D 209 23.12 11.51 -2.49
CA SER D 209 24.53 11.71 -2.81
C SER D 209 25.30 12.01 -1.53
N VAL D 210 26.41 11.31 -1.33
CA VAL D 210 27.22 11.49 -0.13
C VAL D 210 28.18 12.65 -0.36
N LEU D 211 28.11 13.66 0.50
CA LEU D 211 28.97 14.82 0.38
C LEU D 211 30.21 14.74 1.26
N GLY D 212 30.21 13.91 2.29
CA GLY D 212 31.37 13.81 3.15
C GLY D 212 31.10 12.87 4.31
N THR D 213 32.14 12.66 5.10
CA THR D 213 32.09 11.77 6.25
C THR D 213 32.90 12.36 7.39
N LYS D 214 32.55 11.98 8.60
CA LYS D 214 33.22 12.49 9.80
C LYS D 214 33.25 11.40 10.86
N VAL D 215 34.31 11.40 11.66
CA VAL D 215 34.44 10.49 12.79
C VAL D 215 34.85 11.28 14.02
N ASN D 216 34.23 10.98 15.16
CA ASN D 216 34.49 11.69 16.40
C ASN D 216 34.60 10.68 17.53
N ARG D 217 35.77 10.62 18.16
CA ARG D 217 35.99 9.76 19.31
C ARG D 217 35.58 10.47 20.58
N GLU D 218 34.72 9.84 21.37
CA GLU D 218 34.14 10.45 22.55
C GLU D 218 34.48 9.64 23.80
N GLU D 219 34.20 10.25 24.95
CA GLU D 219 34.35 9.60 26.25
C GLU D 219 33.17 10.06 27.11
N LYS D 220 32.13 9.24 27.19
CA LYS D 220 30.89 9.62 27.85
C LYS D 220 30.73 8.86 29.15
N LYS D 221 30.30 9.56 30.19
CA LYS D 221 29.98 8.96 31.47
C LYS D 221 28.47 8.72 31.54
N TYR D 222 28.07 7.47 31.72
CA TYR D 222 26.67 7.11 31.82
C TYR D 222 26.27 6.92 33.28
N THR D 223 24.96 7.02 33.53
CA THR D 223 24.46 6.93 34.90
C THR D 223 24.71 5.57 35.52
N CYS D 224 24.65 4.49 34.71
CA CYS D 224 24.80 3.15 35.25
C CYS D 224 26.23 2.90 35.73
N CYS D 225 27.20 2.99 34.83
CA CYS D 225 28.56 2.65 35.19
C CYS D 225 29.31 3.86 35.75
N PRO D 226 30.12 3.66 36.80
CA PRO D 226 30.93 4.75 37.33
C PRO D 226 32.20 5.04 36.53
N VAL D 227 32.36 4.44 35.36
CA VAL D 227 33.54 4.64 34.53
C VAL D 227 33.10 5.11 33.15
N ASN D 228 33.99 5.81 32.47
CA ASN D 228 33.69 6.38 31.16
C ASN D 228 33.49 5.28 30.12
N TYR D 229 32.84 5.66 29.02
CA TYR D 229 32.66 4.80 27.86
C TYR D 229 33.27 5.48 26.64
N THR D 230 34.09 4.74 25.90
CA THR D 230 34.68 5.26 24.68
C THR D 230 33.75 4.96 23.50
N LEU D 231 33.30 6.00 22.82
CA LEU D 231 32.35 5.89 21.72
C LEU D 231 32.96 6.48 20.46
N LEU D 232 32.57 5.90 19.32
CA LEU D 232 32.96 6.40 18.00
C LEU D 232 31.71 6.88 17.29
N HIS D 233 31.70 8.15 16.89
CA HIS D 233 30.56 8.76 16.21
C HIS D 233 30.92 8.95 14.75
N TYR D 234 30.24 8.21 13.88
CA TYR D 234 30.48 8.27 12.44
C TYR D 234 29.32 9.05 11.82
N ASP D 235 29.62 10.23 11.29
CA ASP D 235 28.62 11.08 10.67
C ASP D 235 28.72 10.95 9.15
N VAL D 236 27.58 10.70 8.51
CA VAL D 236 27.49 10.61 7.06
C VAL D 236 26.57 11.74 6.59
N VAL D 237 27.08 12.60 5.73
CA VAL D 237 26.32 13.72 5.18
C VAL D 237 25.84 13.33 3.79
N ILE D 238 24.53 13.22 3.62
CA ILE D 238 23.93 12.80 2.37
C ILE D 238 22.97 13.88 1.90
N GLN D 239 23.08 14.27 0.64
CA GLN D 239 22.19 15.22 0.02
C GLN D 239 21.17 14.51 -0.87
N ARG D 240 19.98 15.08 -0.96
CA ARG D 240 18.94 14.54 -1.82
C ARG D 240 19.13 15.07 -3.23
N LYS D 241 18.74 14.26 -4.21
CA LYS D 241 18.80 14.67 -5.61
C LYS D 241 17.43 15.21 -6.01
N PRO D 242 17.28 16.54 -6.09
CA PRO D 242 15.95 17.16 -6.27
C PRO D 242 15.61 17.39 -7.74
N LEU D 243 15.55 16.30 -8.52
CA LEU D 243 15.15 16.38 -9.91
C LEU D 243 13.86 15.60 -10.15
N TYR D 244 13.59 14.57 -9.37
CA TYR D 244 12.36 13.79 -9.48
C TYR D 244 11.17 14.48 -8.84
N TYR D 245 11.36 15.15 -7.69
CA TYR D 245 10.26 15.83 -7.04
C TYR D 245 9.91 17.13 -7.75
N VAL D 246 10.92 17.85 -8.23
CA VAL D 246 10.67 19.10 -8.96
C VAL D 246 9.89 18.82 -10.23
N LEU D 247 10.25 17.74 -10.94
CA LEU D 247 9.58 17.43 -12.19
C LEU D 247 8.18 16.86 -11.96
N ASN D 248 8.09 15.83 -11.12
CA ASN D 248 6.83 15.10 -11.00
C ASN D 248 5.81 15.83 -10.14
N LEU D 249 6.25 16.67 -9.21
CA LEU D 249 5.34 17.27 -8.24
C LEU D 249 5.21 18.79 -8.41
N ILE D 250 6.34 19.51 -8.40
CA ILE D 250 6.29 20.97 -8.45
C ILE D 250 5.82 21.45 -9.82
N ALA D 251 6.37 20.86 -10.88
CA ALA D 251 6.09 21.39 -12.23
C ALA D 251 4.62 21.28 -12.61
N PRO D 252 3.95 20.12 -12.51
CA PRO D 252 2.52 20.10 -12.87
C PRO D 252 1.66 20.97 -11.97
N THR D 253 2.02 21.10 -10.70
CA THR D 253 1.25 21.94 -9.79
C THR D 253 1.31 23.41 -10.21
N ALA D 254 2.49 23.88 -10.61
CA ALA D 254 2.62 25.26 -11.06
C ALA D 254 1.87 25.49 -12.36
N VAL D 255 1.91 24.52 -13.27
CA VAL D 255 1.21 24.67 -14.55
C VAL D 255 -0.29 24.74 -14.32
N ILE D 256 -0.82 23.87 -13.47
CA ILE D 256 -2.26 23.87 -13.20
C ILE D 256 -2.68 25.19 -12.57
N THR D 257 -1.87 25.71 -11.63
CA THR D 257 -2.18 26.98 -11.01
C THR D 257 -2.20 28.11 -12.03
N PHE D 258 -1.23 28.13 -12.94
CA PHE D 258 -1.20 29.17 -13.97
C PHE D 258 -2.41 29.09 -14.89
N ILE D 259 -2.80 27.87 -15.28
CA ILE D 259 -3.95 27.70 -16.15
C ILE D 259 -5.22 28.17 -15.47
N SER D 260 -5.37 27.84 -14.18
CA SER D 260 -6.56 28.24 -13.44
C SER D 260 -6.63 29.76 -13.29
N ILE D 261 -5.49 30.41 -13.07
CA ILE D 261 -5.47 31.86 -12.87
C ILE D 261 -5.99 32.57 -14.12
N ILE D 262 -5.56 32.13 -15.30
CA ILE D 262 -6.06 32.72 -16.53
C ILE D 262 -7.55 32.45 -16.69
N GLY D 263 -8.00 31.26 -16.31
CA GLY D 263 -9.42 30.95 -16.41
C GLY D 263 -10.28 31.81 -15.51
N PHE D 264 -9.76 32.16 -14.34
CA PHE D 264 -10.53 32.98 -13.40
C PHE D 264 -10.80 34.37 -13.96
N PHE D 265 -9.80 34.97 -14.61
CA PHE D 265 -9.83 36.40 -14.92
C PHE D 265 -9.77 36.67 -16.42
N THR D 266 -10.35 35.78 -17.23
CA THR D 266 -10.51 36.02 -18.65
C THR D 266 -11.95 35.69 -19.04
N SER D 267 -12.57 36.61 -19.78
CA SER D 267 -13.93 36.44 -20.26
C SER D 267 -13.97 36.53 -21.77
N SER D 268 -15.07 36.04 -22.35
CA SER D 268 -15.23 36.05 -23.80
C SER D 268 -15.69 37.39 -24.34
N SER D 269 -16.12 38.31 -23.46
CA SER D 269 -16.54 39.64 -23.88
C SER D 269 -16.70 40.50 -22.64
N VAL D 270 -16.81 41.81 -22.85
CA VAL D 270 -16.88 42.76 -21.75
C VAL D 270 -18.31 43.11 -21.34
N HIS D 271 -19.28 42.94 -22.23
CA HIS D 271 -20.64 43.42 -22.00
C HIS D 271 -21.67 42.32 -21.91
N ASP D 272 -21.28 41.13 -21.45
CA ASP D 272 -22.21 40.05 -21.15
C ASP D 272 -21.92 39.50 -19.76
N LEU D 273 -22.96 38.98 -19.12
CA LEU D 273 -22.84 38.52 -17.74
C LEU D 273 -21.84 37.38 -17.64
N ARG D 274 -20.97 37.47 -16.63
CA ARG D 274 -19.96 36.45 -16.42
C ARG D 274 -20.56 35.23 -15.74
N GLN D 275 -20.00 34.06 -16.04
CA GLN D 275 -20.40 32.82 -15.42
C GLN D 275 -19.59 32.58 -14.15
N GLU D 276 -20.14 31.75 -13.27
CA GLU D 276 -19.45 31.43 -12.04
C GLU D 276 -18.16 30.67 -12.32
N LYS D 277 -17.09 31.03 -11.60
CA LYS D 277 -15.80 30.38 -11.74
C LYS D 277 -15.44 29.60 -10.48
N ILE D 278 -16.46 29.16 -9.74
CA ILE D 278 -16.22 28.41 -8.51
C ILE D 278 -16.10 26.91 -8.80
N THR D 279 -16.80 26.41 -9.81
CA THR D 279 -16.58 25.03 -10.25
C THR D 279 -15.17 24.85 -10.76
N LEU D 280 -14.55 25.87 -11.40
CA LEU D 280 -13.17 25.88 -11.87
C LEU D 280 -12.20 25.88 -10.70
N GLY D 281 -12.49 26.67 -9.66
CA GLY D 281 -11.64 26.68 -8.49
C GLY D 281 -11.67 25.36 -7.73
N ILE D 282 -12.86 24.78 -7.57
CA ILE D 282 -12.98 23.51 -6.86
C ILE D 282 -12.28 22.40 -7.63
N THR D 283 -12.36 22.29 -8.93
CA THR D 283 -11.59 21.28 -9.67
C THR D 283 -10.10 21.48 -9.60
N THR D 284 -9.59 22.68 -9.55
CA THR D 284 -8.21 22.91 -9.41
C THR D 284 -7.87 22.51 -8.09
N LEU D 285 -8.62 22.75 -7.08
CA LEU D 285 -8.22 22.31 -5.78
C LEU D 285 -8.28 20.79 -5.65
N LEU D 286 -9.19 20.06 -6.25
CA LEU D 286 -9.13 18.61 -6.30
C LEU D 286 -7.88 18.13 -6.94
N SER D 287 -7.48 18.62 -8.03
CA SER D 287 -6.24 18.22 -8.54
C SER D 287 -5.05 18.48 -7.64
N MET D 288 -5.01 19.57 -6.95
CA MET D 288 -3.86 19.84 -6.19
C MET D 288 -3.91 19.01 -4.98
N SER D 289 -5.07 18.58 -4.54
CA SER D 289 -5.11 17.65 -3.47
C SER D 289 -4.55 16.42 -3.97
N ILE D 290 -5.00 15.89 -5.06
CA ILE D 290 -4.33 14.69 -5.58
C ILE D 290 -2.81 14.84 -5.59
N MET D 291 -2.33 16.00 -5.85
CA MET D 291 -0.90 16.12 -5.84
C MET D 291 -0.25 16.16 -4.52
N ILE D 292 -0.73 16.92 -3.61
CA ILE D 292 -0.18 16.82 -2.30
C ILE D 292 -0.39 15.42 -1.75
N PHE D 293 -1.35 14.65 -2.20
CA PHE D 293 -1.49 13.31 -1.74
C PHE D 293 -0.35 12.53 -2.21
N MET D 294 0.01 12.68 -3.45
CA MET D 294 1.22 11.96 -3.79
C MET D 294 2.55 12.52 -3.28
N VAL D 295 2.60 13.62 -2.51
CA VAL D 295 3.81 14.10 -1.86
C VAL D 295 3.88 13.65 -0.41
N SER D 296 2.75 13.27 0.19
CA SER D 296 2.76 12.72 1.54
C SER D 296 3.31 11.31 1.59
N ASP D 297 3.32 10.59 0.47
CA ASP D 297 3.89 9.25 0.44
C ASP D 297 5.39 9.27 0.74
N LYS D 298 6.14 10.09 0.00
CA LYS D 298 7.58 10.21 0.18
C LYS D 298 7.88 11.42 1.06
N MET D 299 7.29 11.44 2.25
CA MET D 299 7.56 12.43 3.29
C MET D 299 6.88 11.98 4.58
N PRO D 300 7.50 12.19 5.74
CA PRO D 300 6.87 11.81 7.00
C PRO D 300 5.89 12.87 7.47
N SER D 301 5.18 12.45 8.77
CA SER D 301 4.26 13.39 9.39
C SER D 301 5.04 14.46 10.16
N THR D 302 5.79 15.26 9.41
CA THR D 302 6.62 16.29 10.00
C THR D 302 5.74 17.40 10.58
N SER D 303 5.65 17.44 11.91
CA SER D 303 4.86 18.44 12.61
C SER D 303 5.72 19.47 13.33
N THR D 304 7.03 19.42 13.13
CA THR D 304 7.94 20.37 13.76
C THR D 304 8.17 21.60 12.89
N CYS D 305 8.40 21.39 11.60
CA CYS D 305 8.65 22.47 10.65
C CYS D 305 7.70 22.35 9.47
N VAL D 306 7.70 23.37 8.63
CA VAL D 306 6.92 23.40 7.40
C VAL D 306 7.90 23.19 6.24
N PRO D 307 7.84 22.05 5.54
CA PRO D 307 8.76 21.82 4.44
C PRO D 307 8.55 22.83 3.32
N LEU D 308 9.62 23.05 2.55
CA LEU D 308 9.54 24.00 1.44
C LEU D 308 8.44 23.63 0.45
N ILE D 309 8.28 22.34 0.19
CA ILE D 309 7.21 21.91 -0.70
C ILE D 309 5.85 22.14 -0.06
N ALA D 310 5.76 22.08 1.26
CA ALA D 310 4.49 22.36 1.94
C ALA D 310 4.14 23.85 1.83
N LEU D 311 5.14 24.72 1.94
CA LEU D 311 4.90 26.14 1.74
C LEU D 311 4.54 26.43 0.29
N PHE D 312 5.09 25.65 -0.65
CA PHE D 312 4.74 25.82 -2.05
C PHE D 312 3.27 25.50 -2.30
N TYR D 313 2.81 24.34 -1.82
CA TYR D 313 1.41 23.97 -2.03
C TYR D 313 0.46 24.87 -1.26
N THR D 314 0.90 25.37 -0.09
CA THR D 314 0.07 26.31 0.65
C THR D 314 -0.16 27.59 -0.13
N LEU D 315 0.90 28.11 -0.76
CA LEU D 315 0.77 29.37 -1.51
C LEU D 315 -0.08 29.18 -2.76
N MET D 316 0.08 28.06 -3.47
CA MET D 316 -0.73 27.82 -4.66
C MET D 316 -2.20 27.66 -4.30
N ILE D 317 -2.50 26.95 -3.22
CA ILE D 317 -3.89 26.78 -2.78
C ILE D 317 -4.47 28.13 -2.36
N THR D 318 -3.67 28.94 -1.66
CA THR D 318 -4.13 30.27 -1.27
C THR D 318 -4.42 31.14 -2.49
N ILE D 319 -3.56 31.05 -3.51
CA ILE D 319 -3.76 31.84 -4.72
C ILE D 319 -5.05 31.43 -5.42
N ILE D 320 -5.30 30.12 -5.52
CA ILE D 320 -6.52 29.65 -6.16
C ILE D 320 -7.75 30.07 -5.37
N SER D 321 -7.68 29.98 -4.04
CA SER D 321 -8.82 30.31 -3.20
C SER D 321 -9.16 31.80 -3.28
N VAL D 322 -8.16 32.66 -3.15
CA VAL D 322 -8.40 34.09 -3.31
C VAL D 322 -8.76 34.42 -4.74
N GLY D 323 -8.16 33.72 -5.71
CA GLY D 323 -8.54 33.92 -7.10
C GLY D 323 -10.00 33.56 -7.35
N THR D 324 -10.48 32.52 -6.69
CA THR D 324 -11.90 32.19 -6.77
C THR D 324 -12.76 33.29 -6.14
N LEU D 325 -12.31 33.84 -5.01
CA LEU D 325 -13.05 34.92 -4.37
C LEU D 325 -12.98 36.20 -5.18
N ALA D 326 -11.82 36.46 -5.79
CA ALA D 326 -11.68 37.67 -6.62
C ALA D 326 -12.55 37.58 -7.86
N ALA D 327 -12.70 36.38 -8.42
CA ALA D 327 -13.58 36.21 -9.57
C ALA D 327 -15.03 36.49 -9.20
N SER D 328 -15.46 36.03 -8.02
CA SER D 328 -16.82 36.31 -7.57
C SER D 328 -17.00 37.80 -7.28
N SER D 329 -15.92 38.49 -6.91
CA SER D 329 -15.99 39.94 -6.72
C SER D 329 -16.28 40.68 -8.01
N VAL D 330 -15.76 40.19 -9.14
CA VAL D 330 -16.03 40.82 -10.43
C VAL D 330 -17.50 40.71 -10.79
N ILE D 331 -18.13 39.56 -10.48
CA ILE D 331 -19.56 39.41 -10.76
C ILE D 331 -20.38 40.35 -9.88
N PHE D 332 -19.94 40.57 -8.64
CA PHE D 332 -20.65 41.47 -7.76
C PHE D 332 -20.64 42.91 -8.30
N VAL D 333 -19.50 43.35 -8.85
CA VAL D 333 -19.43 44.69 -9.41
C VAL D 333 -20.35 44.82 -10.62
N GLN D 334 -20.46 43.75 -11.41
CA GLN D 334 -21.35 43.78 -12.58
C GLN D 334 -22.81 43.84 -12.17
N LYS D 335 -23.18 43.19 -11.06
CA LYS D 335 -24.56 43.25 -10.59
C LYS D 335 -24.95 44.63 -10.10
N LEU D 336 -23.96 45.47 -9.76
CA LEU D 336 -24.25 46.83 -9.33
C LEU D 336 -24.90 47.62 -10.46
N GLY D 337 -24.66 47.23 -11.70
CA GLY D 337 -25.25 47.92 -12.83
C GLY D 337 -26.75 47.79 -12.90
N SER D 338 -27.29 46.65 -12.45
CA SER D 338 -28.72 46.37 -12.52
C SER D 338 -29.51 47.06 -11.43
N ILE D 339 -28.84 47.73 -10.50
CA ILE D 339 -29.49 48.45 -9.42
C ILE D 339 -29.77 49.90 -9.81
N GLY D 340 -29.34 50.31 -11.01
CA GLY D 340 -29.71 51.60 -11.54
C GLY D 340 -28.72 52.73 -11.30
N ASN D 341 -28.26 52.89 -10.08
CA ASN D 341 -27.37 54.00 -9.74
C ASN D 341 -26.06 53.90 -10.50
N PRO D 342 -25.58 55.00 -11.08
CA PRO D 342 -24.35 54.96 -11.88
C PRO D 342 -23.13 54.91 -10.97
N PRO D 343 -21.98 54.50 -11.51
CA PRO D 343 -20.74 54.58 -10.73
C PRO D 343 -20.34 56.03 -10.49
N ALA D 344 -19.64 56.23 -9.38
CA ALA D 344 -19.27 57.56 -8.92
C ALA D 344 -18.29 58.21 -9.91
N SER D 345 -18.08 59.51 -9.76
CA SER D 345 -17.17 60.23 -10.65
C SER D 345 -15.75 59.71 -10.51
N LYS D 346 -15.29 59.52 -9.27
CA LYS D 346 -13.94 59.02 -9.05
C LYS D 346 -13.76 57.61 -9.59
N THR D 347 -14.80 56.77 -9.48
CA THR D 347 -14.70 55.40 -9.97
C THR D 347 -14.39 55.37 -11.47
N MET D 348 -15.14 56.15 -12.25
CA MET D 348 -14.89 56.17 -13.69
C MET D 348 -13.64 56.96 -14.05
N LYS D 349 -13.26 57.92 -13.20
CA LYS D 349 -12.01 58.66 -13.44
C LYS D 349 -10.80 57.74 -13.32
N TRP D 350 -10.74 56.95 -12.24
CA TRP D 350 -9.67 55.96 -12.09
C TRP D 350 -9.80 54.84 -13.11
N THR D 351 -11.01 54.33 -13.35
CA THR D 351 -11.20 53.23 -14.29
C THR D 351 -10.77 53.57 -15.70
N HIS D 352 -10.72 54.85 -16.05
CA HIS D 352 -10.32 55.27 -17.39
C HIS D 352 -8.83 55.54 -17.53
N ARG D 353 -8.10 55.75 -16.43
CA ARG D 353 -6.67 55.99 -16.53
C ARG D 353 -5.82 54.81 -16.09
N ILE D 354 -6.39 53.86 -15.32
CA ILE D 354 -5.76 52.55 -15.18
C ILE D 354 -6.11 51.62 -16.33
N ALA D 355 -7.00 52.05 -17.23
CA ALA D 355 -7.40 51.29 -18.41
C ALA D 355 -6.33 51.26 -19.50
N PRO D 356 -5.54 52.34 -19.72
CA PRO D 356 -4.44 52.23 -20.68
C PRO D 356 -3.21 51.54 -20.12
N PHE D 357 -3.02 51.51 -18.80
CA PHE D 357 -1.84 50.85 -18.23
C PHE D 357 -1.95 49.33 -18.37
N VAL D 358 -2.97 48.74 -17.77
CA VAL D 358 -3.32 47.36 -18.08
C VAL D 358 -3.88 47.31 -19.50
N LEU D 359 -3.48 46.31 -20.27
CA LEU D 359 -3.76 46.31 -21.70
C LEU D 359 -5.24 45.97 -21.94
N ILE D 360 -6.08 46.97 -21.76
CA ILE D 360 -7.51 46.86 -22.04
C ILE D 360 -7.95 48.10 -22.80
N GLN D 361 -9.00 47.95 -23.60
CA GLN D 361 -9.51 49.04 -24.43
C GLN D 361 -11.03 49.06 -24.36
N MET D 362 -11.59 50.26 -24.45
CA MET D 362 -13.03 50.43 -24.27
C MET D 362 -13.78 49.93 -25.50
N PRO D 363 -14.86 49.16 -25.33
CA PRO D 363 -15.58 48.63 -26.49
C PRO D 363 -16.26 49.74 -27.28
N LEU D 364 -16.60 49.41 -28.54
CA LEU D 364 -17.23 50.38 -29.42
C LEU D 364 -18.61 50.78 -28.92
N VAL D 365 -19.38 49.84 -28.37
CA VAL D 365 -20.73 50.16 -27.92
C VAL D 365 -20.68 51.16 -26.77
N MET D 366 -19.66 51.07 -25.91
CA MET D 366 -19.50 52.06 -24.84
C MET D 366 -19.17 53.43 -25.41
N LYS D 367 -18.33 53.48 -26.46
CA LYS D 367 -18.02 54.74 -27.10
C LYS D 367 -19.26 55.35 -27.75
N GLN D 368 -20.07 54.51 -28.40
CA GLN D 368 -21.29 55.00 -29.03
C GLN D 368 -22.28 55.55 -28.01
N ALA D 369 -22.42 54.86 -26.88
CA ALA D 369 -23.30 55.35 -25.83
C ALA D 369 -22.79 56.67 -25.23
N TYR D 370 -21.47 56.78 -25.07
CA TYR D 370 -20.90 58.02 -24.57
C TYR D 370 -21.16 59.17 -25.53
N ALA D 371 -20.94 58.95 -26.82
CA ALA D 371 -21.18 59.99 -27.82
C ALA D 371 -22.65 60.34 -27.91
N LYS D 372 -23.53 59.33 -27.87
CA LYS D 372 -24.96 59.59 -27.96
C LYS D 372 -25.45 60.39 -26.76
N ARG D 373 -24.99 60.02 -25.56
CA ARG D 373 -25.43 60.73 -24.35
C ARG D 373 -24.96 62.18 -24.35
N ALA D 374 -23.71 62.42 -24.75
CA ALA D 374 -23.17 63.77 -24.74
C ALA D 374 -23.87 64.66 -25.76
N LYS D 375 -24.02 64.16 -26.99
CA LYS D 375 -24.64 64.97 -28.04
C LYS D 375 -26.11 65.21 -27.75
N GLU D 376 -26.84 64.17 -27.29
CA GLU D 376 -28.25 64.34 -26.98
C GLU D 376 -28.45 65.31 -25.82
N GLU D 377 -27.61 65.22 -24.79
CA GLU D 377 -27.70 66.15 -23.68
C GLU D 377 -27.39 67.57 -24.13
N LYS D 378 -26.37 67.73 -24.97
CA LYS D 378 -25.99 69.06 -25.43
C LYS D 378 -27.11 69.71 -26.24
N HIS D 379 -27.72 68.95 -27.15
CA HIS D 379 -28.78 69.50 -27.98
C HIS D 379 -30.02 69.83 -27.15
N ARG D 380 -30.39 68.93 -26.22
CA ARG D 380 -31.62 69.13 -25.47
C ARG D 380 -31.48 70.26 -24.44
N LYS D 381 -30.29 70.41 -23.85
CA LYS D 381 -30.10 71.46 -22.86
C LYS D 381 -30.17 72.85 -23.49
N ARG D 382 -29.68 72.98 -24.73
CA ARG D 382 -29.71 74.27 -25.40
C ARG D 382 -31.10 74.63 -25.87
N MET D 383 -31.84 73.65 -26.41
CA MET D 383 -33.21 73.92 -26.86
C MET D 383 -34.13 74.22 -25.69
N SER D 384 -33.98 73.48 -24.59
CA SER D 384 -34.81 73.66 -23.40
C SER D 384 -34.22 74.66 -22.42
N ARG D 385 -33.42 75.61 -22.90
CA ARG D 385 -32.82 76.63 -22.04
C ARG D 385 -33.89 77.45 -21.32
N ASN D 550 -29.33 51.69 -19.91
CA ASN D 550 -28.37 50.69 -20.38
C ASN D 550 -26.98 51.30 -20.49
N ILE D 551 -26.81 52.52 -19.99
CA ILE D 551 -25.50 53.14 -19.87
C ILE D 551 -24.90 52.94 -18.49
N VAL D 552 -25.72 52.84 -17.45
CA VAL D 552 -25.21 52.47 -16.13
C VAL D 552 -24.70 51.04 -16.15
N GLU D 553 -25.43 50.15 -16.81
CA GLU D 553 -24.96 48.77 -16.97
C GLU D 553 -23.66 48.71 -17.75
N LEU D 554 -23.55 49.54 -18.80
CA LEU D 554 -22.32 49.59 -19.58
C LEU D 554 -21.15 50.07 -18.74
N GLU D 555 -21.36 51.10 -17.92
CA GLU D 555 -20.27 51.63 -17.10
C GLU D 555 -19.81 50.62 -16.05
N TRP D 556 -20.74 49.93 -15.43
CA TRP D 556 -20.36 48.91 -14.45
C TRP D 556 -19.74 47.70 -15.12
N ASP D 557 -20.06 47.45 -16.39
CA ASP D 557 -19.34 46.44 -17.16
C ASP D 557 -17.89 46.83 -17.33
N TRP D 558 -17.63 48.12 -17.61
CA TRP D 558 -16.25 48.59 -17.75
C TRP D 558 -15.48 48.48 -16.44
N VAL D 559 -16.12 48.81 -15.32
CA VAL D 559 -15.44 48.75 -14.03
C VAL D 559 -15.05 47.31 -13.71
N ALA D 560 -15.96 46.37 -13.95
CA ALA D 560 -15.64 44.97 -13.72
C ALA D 560 -14.61 44.46 -14.72
N ALA D 561 -14.64 44.95 -15.95
CA ALA D 561 -13.68 44.51 -16.96
C ALA D 561 -12.26 44.95 -16.60
N VAL D 562 -12.11 46.19 -16.14
CA VAL D 562 -10.80 46.67 -15.72
C VAL D 562 -10.37 45.99 -14.43
N LEU D 563 -11.31 45.80 -13.50
CA LEU D 563 -10.98 45.11 -12.25
C LEU D 563 -10.53 43.69 -12.50
N GLU D 564 -11.12 43.02 -13.51
CA GLU D 564 -10.66 41.69 -13.87
C GLU D 564 -9.22 41.71 -14.36
N ARG D 565 -8.86 42.71 -15.16
CA ARG D 565 -7.51 42.78 -15.70
C ARG D 565 -6.48 43.09 -14.61
N VAL D 566 -6.87 43.90 -13.62
CA VAL D 566 -5.97 44.15 -12.49
C VAL D 566 -5.73 42.87 -11.71
N PHE D 567 -6.79 42.08 -11.49
CA PHE D 567 -6.63 40.81 -10.80
C PHE D 567 -5.76 39.85 -11.60
N LEU D 568 -5.94 39.81 -12.92
CA LEU D 568 -5.14 38.90 -13.75
C LEU D 568 -3.66 39.24 -13.67
N ILE D 569 -3.32 40.53 -13.71
CA ILE D 569 -1.93 40.93 -13.62
C ILE D 569 -1.39 40.69 -12.21
N PHE D 570 -2.18 41.03 -11.20
CA PHE D 570 -1.74 40.89 -9.81
C PHE D 570 -1.48 39.44 -9.45
N PHE D 571 -2.41 38.55 -9.81
CA PHE D 571 -2.26 37.14 -9.45
C PHE D 571 -1.17 36.46 -10.26
N THR D 572 -0.97 36.88 -11.51
CA THR D 572 0.12 36.31 -12.31
C THR D 572 1.47 36.68 -11.70
N ILE D 573 1.63 37.93 -11.28
CA ILE D 573 2.89 38.35 -10.66
C ILE D 573 3.09 37.63 -9.33
N CYS D 574 2.01 37.50 -8.54
CA CYS D 574 2.12 36.78 -7.27
C CYS D 574 2.49 35.32 -7.48
N PHE D 575 1.88 34.68 -8.48
CA PHE D 575 2.20 33.28 -8.75
C PHE D 575 3.65 33.12 -9.22
N LEU D 576 4.12 34.01 -10.09
CA LEU D 576 5.49 33.91 -10.58
C LEU D 576 6.49 34.10 -9.45
N PHE D 577 6.25 35.09 -8.59
CA PHE D 577 7.16 35.32 -7.46
C PHE D 577 7.13 34.15 -6.49
N SER D 578 5.95 33.58 -6.27
CA SER D 578 5.81 32.47 -5.33
C SER D 578 6.52 31.22 -5.83
N ALA D 579 6.25 30.83 -7.08
CA ALA D 579 6.80 29.58 -7.59
C ALA D 579 8.30 29.68 -7.83
N ILE D 580 8.74 30.72 -8.53
CA ILE D 580 10.16 30.86 -8.82
C ILE D 580 10.94 31.23 -7.56
N GLY D 581 10.38 32.10 -6.72
CA GLY D 581 11.10 32.53 -5.54
C GLY D 581 11.36 31.41 -4.55
N ILE D 582 10.37 30.54 -4.35
CA ILE D 582 10.53 29.43 -3.41
C ILE D 582 11.51 28.40 -3.96
N ASN D 583 11.36 28.06 -5.25
CA ASN D 583 12.20 27.02 -5.83
C ASN D 583 13.66 27.48 -5.93
N LEU D 584 13.89 28.73 -6.31
CA LEU D 584 15.27 29.22 -6.41
C LEU D 584 15.92 29.33 -5.04
N TYR D 585 15.14 29.62 -4.00
CA TYR D 585 15.70 29.61 -2.65
C TYR D 585 16.12 28.20 -2.25
N GLY D 586 15.30 27.20 -2.55
CA GLY D 586 15.69 25.82 -2.27
C GLY D 586 16.88 25.39 -3.08
N TRP D 587 16.93 25.79 -4.36
CA TRP D 587 18.08 25.49 -5.19
C TRP D 587 19.33 26.20 -4.71
N TYR D 588 19.19 27.43 -4.20
CA TYR D 588 20.34 28.14 -3.66
C TYR D 588 20.89 27.44 -2.43
N ILE D 589 20.01 27.00 -1.53
CA ILE D 589 20.45 26.24 -0.36
C ILE D 589 21.06 24.92 -0.79
N TRP D 590 20.44 24.26 -1.77
CA TRP D 590 21.00 23.02 -2.30
C TRP D 590 22.38 23.24 -2.91
N TYR D 591 22.53 24.32 -3.69
CA TYR D 591 23.80 24.57 -4.37
C TYR D 591 24.90 24.95 -3.40
N THR D 592 24.60 25.86 -2.46
CA THR D 592 25.64 26.37 -1.57
C THR D 592 26.21 25.26 -0.69
N GLU D 593 25.34 24.49 -0.05
CA GLU D 593 25.79 23.42 0.83
C GLU D 593 26.31 22.20 0.07
N ASN D 594 26.16 22.17 -1.25
CA ASN D 594 26.75 21.11 -2.06
C ASN D 594 28.20 21.44 -2.41
N HIS D 595 28.44 22.63 -2.95
CA HIS D 595 29.75 23.00 -3.47
C HIS D 595 30.61 23.74 -2.46
N PHE D 596 30.15 23.94 -1.24
CA PHE D 596 30.93 24.64 -0.22
C PHE D 596 31.03 23.90 1.10
N LEU D 597 30.60 22.64 1.17
CA LEU D 597 30.77 21.84 2.37
C LEU D 597 31.66 20.63 2.10
N PRO E 22 30.36 -57.26 10.86
CA PRO E 22 29.09 -57.78 11.38
C PRO E 22 27.89 -57.03 10.82
N ASP E 23 27.01 -56.57 11.71
CA ASP E 23 25.82 -55.84 11.32
C ASP E 23 26.09 -54.37 11.03
N ILE E 24 27.24 -53.84 11.43
CA ILE E 24 27.59 -52.44 11.24
C ILE E 24 27.85 -52.19 9.75
N PRO E 25 27.30 -51.12 9.18
CA PRO E 25 27.58 -50.83 7.76
C PRO E 25 29.02 -50.41 7.55
N ILE E 26 29.49 -50.61 6.31
CA ILE E 26 30.86 -50.23 5.98
C ILE E 26 31.04 -48.73 5.89
N GLN E 27 29.97 -47.96 5.64
CA GLN E 27 30.10 -46.52 5.65
C GLN E 27 30.26 -45.98 7.06
N TYR E 28 29.78 -46.71 8.06
CA TYR E 28 30.03 -46.32 9.45
C TYR E 28 31.52 -46.40 9.78
N GLU E 29 32.18 -47.46 9.31
CA GLU E 29 33.62 -47.59 9.53
C GLU E 29 34.39 -46.59 8.68
N LEU E 30 33.86 -46.26 7.50
CA LEU E 30 34.51 -45.28 6.64
C LEU E 30 34.48 -43.90 7.26
N ALA E 31 33.30 -43.46 7.72
CA ALA E 31 33.18 -42.12 8.27
C ALA E 31 33.91 -41.98 9.61
N ASN E 32 34.05 -43.09 10.34
CA ASN E 32 34.81 -43.02 11.59
C ASN E 32 36.31 -42.96 11.33
N ASN E 33 36.76 -43.48 10.20
CA ASN E 33 38.20 -43.52 9.91
C ASN E 33 38.68 -42.19 9.36
N ILE E 34 38.01 -41.67 8.33
CA ILE E 34 38.46 -40.42 7.73
C ILE E 34 38.24 -39.25 8.69
N MET E 35 37.13 -39.26 9.41
CA MET E 35 36.84 -38.21 10.39
C MET E 35 37.32 -38.58 11.79
N GLU E 36 38.59 -38.97 11.89
CA GLU E 36 39.18 -39.35 13.17
C GLU E 36 40.03 -38.23 13.74
N ASN E 37 41.04 -37.78 12.99
CA ASN E 37 41.87 -36.66 13.39
C ASN E 37 41.51 -35.38 12.64
N TYR E 38 40.42 -35.41 11.88
CA TYR E 38 40.02 -34.25 11.10
C TYR E 38 39.53 -33.13 12.01
N GLN E 39 39.91 -31.89 11.68
CA GLN E 39 39.46 -30.71 12.37
C GLN E 39 38.78 -29.79 11.36
N LYS E 40 37.47 -29.61 11.53
CA LYS E 40 36.66 -28.86 10.58
C LYS E 40 36.80 -27.36 10.73
N GLY E 41 37.42 -26.89 11.81
CA GLY E 41 37.64 -25.47 12.03
C GLY E 41 38.88 -24.91 11.36
N LEU E 42 39.65 -25.73 10.65
CA LEU E 42 40.89 -25.30 10.02
C LEU E 42 40.89 -25.74 8.57
N ILE E 43 41.57 -24.96 7.74
CA ILE E 43 41.59 -25.24 6.30
C ILE E 43 42.35 -26.53 6.04
N PRO E 44 41.80 -27.48 5.28
CA PRO E 44 42.48 -28.75 5.00
C PRO E 44 43.51 -28.63 3.87
N LYS E 45 44.65 -28.03 4.20
CA LYS E 45 45.71 -27.78 3.23
C LYS E 45 46.99 -28.42 3.76
N VAL E 46 47.18 -29.69 3.44
CA VAL E 46 48.39 -30.39 3.85
C VAL E 46 49.60 -29.82 3.11
N ARG E 47 49.49 -29.67 1.79
CA ARG E 47 50.55 -29.09 0.99
C ARG E 47 50.68 -27.60 1.29
N LYS E 48 51.92 -27.11 1.30
CA LYS E 48 52.20 -25.77 1.80
C LYS E 48 52.01 -24.69 0.75
N GLY E 49 52.58 -24.89 -0.44
CA GLY E 49 52.69 -23.81 -1.40
C GLY E 49 51.67 -23.79 -2.52
N SER E 50 50.40 -24.03 -2.20
CA SER E 50 49.36 -23.96 -3.22
C SER E 50 48.01 -23.73 -2.54
N PRO E 51 47.17 -22.85 -3.09
CA PRO E 51 45.86 -22.61 -2.49
C PRO E 51 44.89 -23.74 -2.78
N ILE E 52 43.69 -23.63 -2.22
CA ILE E 52 42.62 -24.58 -2.44
C ILE E 52 41.76 -24.05 -3.58
N ASN E 53 41.69 -24.80 -4.68
CA ASN E 53 40.89 -24.40 -5.83
C ASN E 53 39.43 -24.75 -5.58
N VAL E 54 38.55 -23.77 -5.73
CA VAL E 54 37.12 -23.96 -5.57
C VAL E 54 36.44 -23.63 -6.89
N THR E 55 35.65 -24.57 -7.39
CA THR E 55 35.00 -24.44 -8.70
C THR E 55 33.51 -24.21 -8.46
N LEU E 56 33.08 -22.96 -8.55
CA LEU E 56 31.69 -22.59 -8.35
C LEU E 56 30.93 -22.61 -9.67
N SER E 57 29.82 -23.34 -9.70
CA SER E 57 28.97 -23.45 -10.87
C SER E 57 27.57 -22.99 -10.50
N LEU E 58 26.94 -22.21 -11.37
CA LEU E 58 25.66 -21.59 -11.08
C LEU E 58 24.63 -21.92 -12.16
N GLN E 59 23.42 -22.23 -11.72
CA GLN E 59 22.27 -22.40 -12.60
C GLN E 59 21.18 -21.43 -12.18
N LEU E 60 20.56 -20.78 -13.16
CA LEU E 60 19.45 -19.88 -12.91
C LEU E 60 18.15 -20.65 -13.02
N TYR E 61 17.31 -20.57 -11.98
CA TYR E 61 16.04 -21.25 -11.95
C TYR E 61 14.84 -20.32 -12.01
N GLN E 62 14.95 -19.10 -11.48
CA GLN E 62 13.82 -18.19 -11.45
C GLN E 62 14.32 -16.79 -11.15
N ILE E 63 13.61 -15.80 -11.70
CA ILE E 63 13.80 -14.40 -11.35
C ILE E 63 12.56 -14.00 -10.56
N ILE E 64 12.68 -14.02 -9.23
CA ILE E 64 11.52 -13.83 -8.37
C ILE E 64 11.01 -12.40 -8.44
N GLN E 65 11.92 -11.42 -8.39
CA GLN E 65 11.51 -10.02 -8.31
C GLN E 65 12.66 -9.13 -8.75
N VAL E 66 12.38 -8.20 -9.65
CA VAL E 66 13.29 -7.13 -9.99
C VAL E 66 12.73 -5.87 -9.35
N ASN E 67 13.21 -5.55 -8.14
CA ASN E 67 12.66 -4.47 -7.35
C ASN E 67 13.38 -3.17 -7.71
N GLU E 68 12.80 -2.44 -8.66
CA GLU E 68 13.36 -1.15 -9.05
C GLU E 68 13.42 -0.13 -7.91
N PRO E 69 12.40 0.04 -7.05
CA PRO E 69 12.49 1.07 -6.01
C PRO E 69 13.63 0.89 -5.02
N GLN E 70 14.13 -0.34 -4.82
CA GLN E 70 15.16 -0.58 -3.82
C GLN E 70 16.44 -1.18 -4.39
N GLN E 71 16.60 -1.16 -5.72
CA GLN E 71 17.86 -1.55 -6.37
C GLN E 71 18.24 -2.99 -6.07
N TYR E 72 17.24 -3.86 -5.86
CA TYR E 72 17.53 -5.24 -5.50
C TYR E 72 16.78 -6.20 -6.41
N LEU E 73 17.49 -7.26 -6.82
CA LEU E 73 16.96 -8.32 -7.65
C LEU E 73 16.97 -9.62 -6.86
N LEU E 74 15.85 -10.36 -6.90
CA LEU E 74 15.71 -11.61 -6.17
C LEU E 74 15.83 -12.77 -7.15
N LEU E 75 16.88 -13.56 -7.00
CA LEU E 75 17.15 -14.69 -7.88
C LEU E 75 17.02 -16.00 -7.11
N ASN E 76 16.74 -17.07 -7.85
CA ASN E 76 16.66 -18.43 -7.32
C ASN E 76 17.66 -19.26 -8.13
N ALA E 77 18.83 -19.50 -7.56
CA ALA E 77 19.92 -20.15 -8.25
C ALA E 77 20.21 -21.52 -7.67
N TRP E 78 20.93 -22.33 -8.45
CA TRP E 78 21.40 -23.65 -8.03
C TRP E 78 22.92 -23.62 -8.08
N ALA E 79 23.55 -23.63 -6.91
CA ALA E 79 25.00 -23.48 -6.81
C ALA E 79 25.64 -24.83 -6.54
N VAL E 80 26.68 -25.15 -7.31
CA VAL E 80 27.47 -26.36 -7.12
C VAL E 80 28.91 -25.94 -6.84
N GLU E 81 29.50 -26.53 -5.80
CA GLU E 81 30.80 -26.11 -5.30
C GLU E 81 31.68 -27.34 -5.15
N ARG E 82 32.80 -27.36 -5.86
CA ARG E 82 33.73 -28.49 -5.83
C ARG E 82 35.12 -28.02 -5.44
N TRP E 83 35.72 -28.72 -4.48
CA TRP E 83 37.13 -28.53 -4.12
C TRP E 83 37.68 -29.87 -3.68
N VAL E 84 38.94 -29.88 -3.28
CA VAL E 84 39.62 -31.10 -2.85
C VAL E 84 40.00 -30.94 -1.38
N ASP E 85 39.53 -31.87 -0.55
CA ASP E 85 39.85 -31.89 0.88
C ASP E 85 41.00 -32.87 1.08
N GLN E 86 42.21 -32.32 1.29
CA GLN E 86 43.41 -33.14 1.33
C GLN E 86 43.51 -34.00 2.59
N MET E 87 42.59 -33.86 3.54
CA MET E 87 42.59 -34.68 4.74
C MET E 87 41.60 -35.83 4.70
N LEU E 88 40.51 -35.71 3.95
CA LEU E 88 39.45 -36.70 3.96
C LEU E 88 39.64 -37.76 2.88
N GLY E 89 40.83 -38.34 2.81
CA GLY E 89 41.16 -39.34 1.80
C GLY E 89 41.27 -40.72 2.42
N TRP E 90 40.72 -41.71 1.71
CA TRP E 90 40.75 -43.09 2.15
C TRP E 90 41.05 -44.00 0.97
N ASP E 91 41.50 -45.22 1.29
CA ASP E 91 41.76 -46.23 0.28
C ASP E 91 40.49 -47.04 0.04
N PRO E 92 39.95 -47.04 -1.18
CA PRO E 92 38.71 -47.81 -1.42
C PRO E 92 38.86 -49.29 -1.10
N SER E 93 40.01 -49.88 -1.39
CA SER E 93 40.18 -51.32 -1.23
C SER E 93 39.96 -51.75 0.22
N GLU E 94 40.45 -50.96 1.17
CA GLU E 94 40.30 -51.32 2.58
C GLU E 94 38.84 -51.31 3.00
N PHE E 95 38.10 -50.25 2.66
CA PHE E 95 36.73 -50.07 3.12
C PHE E 95 35.73 -50.63 2.12
N ASP E 96 35.88 -51.94 1.89
CA ASP E 96 34.99 -52.71 1.03
C ASP E 96 34.75 -52.03 -0.31
N ASN E 97 35.79 -51.43 -0.90
CA ASN E 97 35.75 -51.07 -2.32
C ASN E 97 34.61 -50.10 -2.64
N GLU E 98 34.37 -49.19 -1.67
CA GLU E 98 33.48 -48.04 -1.79
C GLU E 98 34.30 -46.81 -2.16
N THR E 99 33.81 -46.02 -3.12
CA THR E 99 34.50 -44.82 -3.57
C THR E 99 33.77 -43.53 -3.25
N GLU E 100 32.61 -43.60 -2.60
CA GLU E 100 31.84 -42.39 -2.33
C GLU E 100 31.16 -42.52 -0.97
N ILE E 101 31.09 -41.41 -0.24
CA ILE E 101 30.36 -41.35 1.02
C ILE E 101 29.68 -39.99 1.12
N MET E 102 28.46 -39.98 1.65
CA MET E 102 27.66 -38.77 1.75
C MET E 102 27.66 -38.31 3.20
N ALA E 103 28.22 -37.13 3.44
CA ALA E 103 28.35 -36.58 4.79
C ALA E 103 27.50 -35.31 4.92
N ARG E 104 27.58 -34.68 6.07
CA ARG E 104 26.85 -33.44 6.35
C ARG E 104 27.79 -32.25 6.24
N HIS E 105 27.24 -31.12 5.82
CA HIS E 105 28.02 -29.89 5.72
C HIS E 105 28.52 -29.42 7.08
N ASP E 106 27.88 -29.84 8.17
CA ASP E 106 28.32 -29.44 9.49
C ASP E 106 29.61 -30.14 9.89
N ASP E 107 29.88 -31.32 9.34
CA ASP E 107 30.99 -32.14 9.80
C ASP E 107 32.32 -31.81 9.14
N ILE E 108 32.32 -31.05 8.04
CA ILE E 108 33.53 -30.80 7.27
C ILE E 108 33.74 -29.30 7.10
N TRP E 109 34.96 -28.94 6.73
CA TRP E 109 35.29 -27.55 6.47
C TRP E 109 34.70 -27.10 5.14
N LEU E 110 34.01 -25.96 5.17
CA LEU E 110 33.39 -25.41 3.98
C LEU E 110 33.98 -24.04 3.65
N PRO E 111 34.34 -23.80 2.39
CA PRO E 111 34.82 -22.47 2.02
C PRO E 111 33.74 -21.42 2.21
N ASP E 112 34.14 -20.23 2.64
CA ASP E 112 33.19 -19.16 2.93
C ASP E 112 32.90 -18.35 1.66
N THR E 113 32.23 -19.01 0.72
CA THR E 113 31.82 -18.36 -0.51
C THR E 113 30.75 -17.32 -0.21
N THR E 114 31.05 -16.06 -0.50
CA THR E 114 30.19 -14.94 -0.16
C THR E 114 29.79 -14.19 -1.42
N LEU E 115 28.53 -13.80 -1.51
CA LEU E 115 28.07 -12.87 -2.53
C LEU E 115 28.31 -11.46 -2.00
N TYR E 116 29.26 -10.76 -2.61
CA TYR E 116 29.73 -9.49 -2.03
C TYR E 116 28.61 -8.46 -1.98
N ASN E 117 27.80 -8.38 -3.04
CA ASN E 117 26.72 -7.40 -3.12
C ASN E 117 25.40 -7.96 -2.63
N SER E 118 25.42 -8.91 -1.70
CA SER E 118 24.19 -9.45 -1.14
C SER E 118 23.58 -8.47 -0.16
N LEU E 119 22.24 -8.37 -0.17
CA LEU E 119 21.50 -7.52 0.75
C LEU E 119 20.90 -8.30 1.90
N GLU E 120 21.27 -9.57 2.06
CA GLU E 120 20.78 -10.41 3.15
C GLU E 120 21.97 -10.99 3.90
N MET E 121 21.98 -10.79 5.22
CA MET E 121 23.06 -11.28 6.05
C MET E 121 22.75 -12.60 6.75
N ASP E 122 21.49 -13.00 6.82
CA ASP E 122 21.11 -14.29 7.39
C ASP E 122 21.27 -15.36 6.32
N ASP E 123 22.18 -16.30 6.55
CA ASP E 123 22.46 -17.35 5.60
C ASP E 123 21.47 -18.52 5.69
N SER E 124 20.52 -18.44 6.63
CA SER E 124 19.44 -19.41 6.71
C SER E 124 18.24 -19.00 5.86
N ALA E 125 18.27 -17.80 5.30
CA ALA E 125 17.22 -17.35 4.39
C ALA E 125 17.69 -17.26 2.95
N SER E 126 18.94 -17.62 2.66
CA SER E 126 19.47 -17.57 1.31
C SER E 126 20.25 -18.82 0.93
N LYS E 127 20.24 -19.85 1.77
CA LYS E 127 21.05 -21.05 1.52
C LYS E 127 20.39 -22.22 2.24
N LYS E 128 20.52 -23.40 1.64
CA LYS E 128 19.91 -24.61 2.18
C LYS E 128 20.93 -25.73 2.22
N LEU E 129 22.10 -25.45 2.80
CA LEU E 129 23.16 -26.44 2.95
C LEU E 129 22.67 -27.61 3.79
N THR E 130 22.66 -28.81 3.20
CA THR E 130 22.25 -30.02 3.90
C THR E 130 23.37 -31.05 3.98
N HIS E 131 23.94 -31.45 2.84
CA HIS E 131 24.88 -32.56 2.79
C HIS E 131 25.99 -32.26 1.80
N VAL E 132 27.07 -33.03 1.91
CA VAL E 132 28.18 -32.97 0.98
C VAL E 132 28.45 -34.39 0.46
N LYS E 133 29.08 -34.45 -0.71
CA LYS E 133 29.45 -35.71 -1.33
C LYS E 133 30.97 -35.83 -1.38
N LEU E 134 31.50 -36.94 -0.88
CA LEU E 134 32.94 -37.15 -0.78
C LEU E 134 33.34 -38.27 -1.73
N THR E 135 34.14 -37.93 -2.73
CA THR E 135 34.70 -38.90 -3.66
C THR E 135 36.20 -38.95 -3.47
N THR E 136 36.71 -40.15 -3.16
CA THR E 136 38.12 -40.29 -2.80
C THR E 136 39.01 -40.28 -4.04
N LEU E 137 40.19 -39.67 -3.90
CA LEU E 137 41.23 -39.72 -4.91
C LEU E 137 42.42 -40.56 -4.47
N GLY E 138 42.35 -41.17 -3.30
CA GLY E 138 43.46 -41.87 -2.70
C GLY E 138 43.57 -41.58 -1.23
N LYS E 139 44.44 -42.36 -0.57
CA LYS E 139 44.58 -42.23 0.88
C LYS E 139 45.17 -40.88 1.27
N ASN E 140 46.36 -40.57 0.75
CA ASN E 140 47.04 -39.33 1.08
C ASN E 140 46.84 -38.24 0.03
N GLN E 141 45.97 -38.46 -0.95
CA GLN E 141 45.73 -37.51 -2.01
C GLN E 141 44.46 -36.67 -1.79
N GLY E 142 43.63 -37.02 -0.82
CA GLY E 142 42.47 -36.21 -0.51
C GLY E 142 41.17 -36.75 -1.08
N ALA E 143 40.16 -35.89 -1.20
CA ALA E 143 38.89 -36.30 -1.74
C ALA E 143 38.19 -35.11 -2.38
N MET E 144 37.49 -35.37 -3.47
CA MET E 144 36.66 -34.34 -4.09
C MET E 144 35.38 -34.14 -3.30
N VAL E 145 35.08 -32.90 -2.96
CA VAL E 145 33.88 -32.56 -2.20
C VAL E 145 32.95 -31.78 -3.12
N GLU E 146 31.74 -32.29 -3.30
CA GLU E 146 30.70 -31.63 -4.08
C GLU E 146 29.65 -31.09 -3.13
N LEU E 147 29.35 -29.79 -3.25
CA LEU E 147 28.39 -29.13 -2.39
C LEU E 147 27.27 -28.55 -3.25
N LEU E 148 26.12 -29.22 -3.24
CA LEU E 148 24.94 -28.79 -3.98
C LEU E 148 23.95 -28.18 -3.00
N TYR E 149 23.40 -27.01 -3.35
CA TYR E 149 22.46 -26.34 -2.47
C TYR E 149 21.67 -25.32 -3.27
N PRO E 150 20.39 -25.12 -2.94
CA PRO E 150 19.63 -24.04 -3.59
C PRO E 150 19.82 -22.72 -2.87
N THR E 151 19.83 -21.64 -3.64
CA THR E 151 20.08 -20.31 -3.11
C THR E 151 18.97 -19.36 -3.52
N ILE E 152 18.77 -18.33 -2.71
CA ILE E 152 17.91 -17.20 -3.04
C ILE E 152 18.73 -15.94 -2.79
N TYR E 153 19.14 -15.29 -3.88
CA TYR E 153 20.07 -14.17 -3.81
C TYR E 153 19.32 -12.85 -3.83
N LYS E 154 19.61 -11.99 -2.86
CA LYS E 154 19.13 -10.61 -2.85
C LYS E 154 20.29 -9.74 -3.31
N ILE E 155 20.27 -9.35 -4.58
CA ILE E 155 21.42 -8.78 -5.26
C ILE E 155 21.24 -7.27 -5.35
N SER E 156 22.27 -6.53 -4.96
CA SER E 156 22.27 -5.07 -5.11
C SER E 156 22.81 -4.73 -6.49
N CYS E 157 21.91 -4.39 -7.42
CA CYS E 157 22.28 -4.07 -8.78
C CYS E 157 21.75 -2.70 -9.15
N LEU E 158 22.55 -1.95 -9.90
CA LEU E 158 22.18 -0.60 -10.32
C LEU E 158 21.35 -0.67 -11.59
N LEU E 159 20.23 0.06 -11.60
CA LEU E 159 19.31 0.08 -12.72
C LEU E 159 19.42 1.39 -13.46
N ASN E 160 19.55 1.32 -14.78
CA ASN E 160 19.58 2.51 -15.64
C ASN E 160 18.24 2.55 -16.38
N LEU E 161 17.25 3.16 -15.75
CA LEU E 161 15.90 3.25 -16.31
C LEU E 161 15.74 4.47 -17.19
N LYS E 162 16.64 4.64 -18.14
CA LYS E 162 16.56 5.75 -19.08
C LYS E 162 15.62 5.44 -20.24
N TYR E 163 15.56 4.17 -20.66
CA TYR E 163 14.73 3.75 -21.77
C TYR E 163 13.45 3.04 -21.31
N PHE E 164 13.03 3.27 -20.07
CA PHE E 164 11.84 2.61 -19.55
C PHE E 164 10.64 2.94 -20.41
N PRO E 165 9.77 1.97 -20.73
CA PRO E 165 9.80 0.56 -20.34
C PRO E 165 10.57 -0.34 -21.30
N PHE E 166 11.37 0.21 -22.21
CA PHE E 166 12.13 -0.56 -23.20
C PHE E 166 13.58 -0.75 -22.75
N ASP E 167 13.80 -0.90 -21.45
CA ASP E 167 15.13 -0.90 -20.88
C ASP E 167 15.65 -2.31 -20.69
N THR E 168 16.98 -2.45 -20.79
CA THR E 168 17.69 -3.69 -20.51
C THR E 168 18.68 -3.44 -19.38
N GLN E 169 18.67 -4.33 -18.39
CA GLN E 169 19.48 -4.17 -17.20
C GLN E 169 20.50 -5.30 -17.08
N THR E 170 21.70 -4.97 -16.63
CA THR E 170 22.76 -5.93 -16.37
C THR E 170 22.98 -6.01 -14.87
N CYS E 171 22.92 -7.22 -14.32
CA CYS E 171 23.04 -7.44 -12.89
C CYS E 171 24.31 -8.24 -12.60
N ARG E 172 25.14 -7.71 -11.71
CA ARG E 172 26.42 -8.32 -11.38
C ARG E 172 26.33 -9.09 -10.07
N MET E 173 26.95 -10.27 -10.03
CA MET E 173 27.05 -11.09 -8.84
C MET E 173 28.53 -11.32 -8.55
N THR E 174 29.04 -10.71 -7.49
CA THR E 174 30.44 -10.86 -7.11
C THR E 174 30.54 -11.99 -6.08
N PHE E 175 31.36 -12.99 -6.38
CA PHE E 175 31.52 -14.16 -5.54
C PHE E 175 32.97 -14.32 -5.14
N GLY E 176 33.21 -14.55 -3.85
CA GLY E 176 34.56 -14.73 -3.37
C GLY E 176 34.54 -15.04 -1.89
N SER E 177 35.74 -15.22 -1.34
CA SER E 177 35.90 -15.48 0.08
C SER E 177 36.11 -14.16 0.80
N TRP E 178 35.38 -13.97 1.91
CA TRP E 178 35.48 -12.72 2.64
C TRP E 178 36.81 -12.61 3.39
N SER E 179 37.21 -13.69 4.07
CA SER E 179 38.39 -13.65 4.92
C SER E 179 39.60 -14.36 4.35
N PHE E 180 39.43 -15.18 3.31
CA PHE E 180 40.53 -15.93 2.72
C PHE E 180 40.96 -15.27 1.42
N ASP E 181 42.25 -15.04 1.28
CA ASP E 181 42.80 -14.35 0.12
C ASP E 181 43.25 -15.38 -0.93
N ASN E 182 43.89 -14.88 -1.98
CA ASN E 182 44.28 -15.72 -3.11
C ASN E 182 45.28 -16.80 -2.71
N SER E 183 46.07 -16.58 -1.66
CA SER E 183 47.06 -17.56 -1.24
C SER E 183 46.44 -18.73 -0.50
N LEU E 184 45.18 -18.63 -0.08
CA LEU E 184 44.50 -19.69 0.65
C LEU E 184 43.40 -20.36 -0.16
N ILE E 185 42.46 -19.59 -0.68
CA ILE E 185 41.34 -20.11 -1.46
C ILE E 185 41.32 -19.42 -2.81
N ASP E 186 41.27 -20.20 -3.88
CA ASP E 186 41.21 -19.69 -5.24
C ASP E 186 39.90 -20.15 -5.89
N TYR E 187 39.20 -19.22 -6.52
CA TYR E 187 37.89 -19.49 -7.11
C TYR E 187 37.99 -19.54 -8.63
N PHE E 188 37.35 -20.55 -9.22
CA PHE E 188 37.32 -20.74 -10.66
C PHE E 188 35.89 -20.97 -11.13
N PRO E 189 35.56 -20.51 -12.33
CA PRO E 189 34.20 -20.73 -12.85
C PRO E 189 34.06 -22.05 -13.58
N ARG E 190 32.87 -22.64 -13.48
CA ARG E 190 32.49 -23.81 -14.26
C ARG E 190 31.30 -23.43 -15.12
N THR E 191 31.52 -23.36 -16.43
CA THR E 191 30.51 -22.90 -17.37
C THR E 191 29.78 -24.08 -18.00
N PHE E 192 28.57 -23.81 -18.48
CA PHE E 192 27.73 -24.82 -19.09
C PHE E 192 27.86 -24.75 -20.61
N THR E 193 27.08 -25.61 -21.29
CA THR E 193 27.12 -25.63 -22.76
C THR E 193 26.45 -24.40 -23.36
N ASN E 194 25.37 -23.91 -22.75
CA ASN E 194 24.65 -22.76 -23.26
C ASN E 194 25.23 -21.43 -22.79
N GLY E 195 26.15 -21.44 -21.83
CA GLY E 195 26.71 -20.21 -21.32
C GLY E 195 27.26 -20.37 -19.91
N PRO E 196 27.74 -19.27 -19.33
CA PRO E 196 28.28 -19.33 -17.96
C PRO E 196 27.27 -19.79 -16.93
N ILE E 197 26.13 -19.11 -16.85
CA ILE E 197 25.07 -19.48 -15.92
C ILE E 197 24.09 -20.37 -16.66
N GLY E 198 23.88 -21.59 -16.14
CA GLY E 198 22.98 -22.52 -16.79
C GLY E 198 21.55 -21.98 -16.82
N LEU E 199 20.91 -22.08 -17.98
CA LEU E 199 19.54 -21.61 -18.15
C LEU E 199 18.63 -22.71 -18.68
N ALA E 200 19.10 -23.95 -18.69
CA ALA E 200 18.31 -25.07 -19.19
C ALA E 200 17.14 -25.43 -18.28
N ASN E 201 17.13 -24.92 -17.05
CA ASN E 201 16.02 -25.15 -16.14
C ASN E 201 15.28 -23.86 -15.77
N PHE E 202 15.66 -22.73 -16.35
CA PHE E 202 15.02 -21.46 -16.04
C PHE E 202 13.56 -21.49 -16.47
N LEU E 203 12.68 -21.05 -15.57
CA LEU E 203 11.26 -20.94 -15.87
C LEU E 203 10.95 -19.48 -16.21
N GLU E 204 10.14 -19.28 -17.24
CA GLU E 204 9.97 -17.96 -17.83
C GLU E 204 9.37 -16.98 -16.84
N ASN E 205 9.88 -15.75 -16.87
CA ASN E 205 9.36 -14.66 -16.07
C ASN E 205 8.34 -13.87 -16.89
N ASP E 206 7.30 -13.37 -16.22
CA ASP E 206 6.23 -12.69 -16.92
C ASP E 206 6.67 -11.33 -17.46
N ALA E 207 7.61 -10.67 -16.79
CA ALA E 207 7.97 -9.30 -17.12
C ALA E 207 9.40 -9.12 -17.61
N TRP E 208 10.25 -10.15 -17.51
CA TRP E 208 11.65 -10.02 -17.88
C TRP E 208 12.09 -11.22 -18.72
N SER E 209 13.02 -10.96 -19.64
CA SER E 209 13.58 -11.98 -20.51
C SER E 209 15.10 -11.93 -20.40
N VAL E 210 15.72 -13.09 -20.22
CA VAL E 210 17.18 -13.17 -20.10
C VAL E 210 17.78 -13.27 -21.49
N LEU E 211 18.61 -12.28 -21.85
CA LEU E 211 19.24 -12.26 -23.16
C LEU E 211 20.62 -12.90 -23.18
N GLY E 212 21.20 -13.20 -22.04
CA GLY E 212 22.52 -13.80 -22.01
C GLY E 212 23.13 -13.71 -20.63
N THR E 213 24.33 -14.28 -20.53
CA THR E 213 25.04 -14.35 -19.26
C THR E 213 26.54 -14.22 -19.53
N LYS E 214 27.27 -13.78 -18.51
CA LYS E 214 28.71 -13.61 -18.63
C LYS E 214 29.35 -13.90 -17.28
N VAL E 215 30.59 -14.41 -17.33
CA VAL E 215 31.39 -14.67 -16.13
C VAL E 215 32.77 -14.08 -16.33
N ASN E 216 33.30 -13.43 -15.29
CA ASN E 216 34.59 -12.79 -15.36
C ASN E 216 35.35 -13.07 -14.08
N ARG E 217 36.48 -13.78 -14.19
CA ARG E 217 37.34 -14.04 -13.04
C ARG E 217 38.28 -12.86 -12.84
N GLU E 218 38.36 -12.38 -11.61
CA GLU E 218 39.13 -11.18 -11.28
C GLU E 218 40.14 -11.49 -10.18
N GLU E 219 41.07 -10.56 -10.00
CA GLU E 219 42.08 -10.61 -8.94
C GLU E 219 42.21 -9.19 -8.41
N LYS E 220 41.51 -8.90 -7.32
CA LYS E 220 41.43 -7.54 -6.78
C LYS E 220 42.25 -7.44 -5.51
N LYS E 221 43.00 -6.34 -5.38
CA LYS E 221 43.75 -6.05 -4.16
C LYS E 221 42.96 -5.05 -3.33
N TYR E 222 42.64 -5.43 -2.09
CA TYR E 222 41.88 -4.58 -1.19
C TYR E 222 42.80 -3.90 -0.19
N THR E 223 42.29 -2.82 0.41
CA THR E 223 43.10 -2.03 1.32
C THR E 223 43.47 -2.81 2.58
N CYS E 224 42.56 -3.65 3.08
CA CYS E 224 42.82 -4.38 4.32
C CYS E 224 43.93 -5.40 4.15
N CYS E 225 43.72 -6.38 3.26
CA CYS E 225 44.68 -7.48 3.11
C CYS E 225 45.78 -7.08 2.14
N PRO E 226 47.03 -7.48 2.42
CA PRO E 226 48.13 -7.24 1.48
C PRO E 226 48.25 -8.28 0.38
N VAL E 227 47.27 -9.17 0.23
CA VAL E 227 47.28 -10.21 -0.79
C VAL E 227 46.01 -10.06 -1.62
N ASN E 228 46.10 -10.49 -2.88
CA ASN E 228 45.00 -10.38 -3.82
C ASN E 228 43.82 -11.24 -3.38
N TYR E 229 42.63 -10.89 -3.89
CA TYR E 229 41.42 -11.66 -3.71
C TYR E 229 40.92 -12.11 -5.08
N THR E 230 40.60 -13.40 -5.21
CA THR E 230 40.05 -13.93 -6.45
C THR E 230 38.53 -13.84 -6.41
N LEU E 231 37.95 -13.11 -7.37
CA LEU E 231 36.52 -12.87 -7.40
C LEU E 231 35.94 -13.39 -8.72
N LEU E 232 34.68 -13.82 -8.66
CA LEU E 232 33.93 -14.24 -9.83
C LEU E 232 32.77 -13.27 -10.03
N HIS E 233 32.72 -12.65 -11.20
CA HIS E 233 31.68 -11.68 -11.55
C HIS E 233 30.73 -12.33 -12.53
N TYR E 234 29.49 -12.58 -12.10
CA TYR E 234 28.47 -13.20 -12.93
C TYR E 234 27.50 -12.11 -13.36
N ASP E 235 27.48 -11.81 -14.66
CA ASP E 235 26.61 -10.79 -15.21
C ASP E 235 25.41 -11.45 -15.88
N VAL E 236 24.22 -10.97 -15.55
CA VAL E 236 22.97 -11.44 -16.15
C VAL E 236 22.32 -10.26 -16.84
N VAL E 237 22.08 -10.40 -18.14
CA VAL E 237 21.46 -9.36 -18.95
C VAL E 237 19.99 -9.71 -19.10
N ILE E 238 19.12 -8.87 -18.55
CA ILE E 238 17.68 -9.09 -18.56
C ILE E 238 17.00 -7.91 -19.24
N GLN E 239 16.12 -8.20 -20.19
CA GLN E 239 15.33 -7.19 -20.87
C GLN E 239 13.91 -7.18 -20.34
N ARG E 240 13.32 -5.99 -20.29
CA ARG E 240 11.94 -5.84 -19.86
C ARG E 240 11.00 -6.06 -21.03
N LYS E 241 9.86 -6.68 -20.75
CA LYS E 241 8.84 -6.92 -21.77
C LYS E 241 7.89 -5.73 -21.82
N PRO E 242 8.01 -4.85 -22.82
CA PRO E 242 7.26 -3.59 -22.84
C PRO E 242 5.92 -3.69 -23.57
N LEU E 243 5.05 -4.56 -23.08
CA LEU E 243 3.70 -4.67 -23.63
C LEU E 243 2.63 -4.29 -22.62
N TYR E 244 2.88 -4.48 -21.33
CA TYR E 244 1.97 -4.06 -20.28
C TYR E 244 1.98 -2.57 -20.04
N TYR E 245 3.16 -1.94 -20.09
CA TYR E 245 3.24 -0.50 -19.85
C TYR E 245 2.75 0.28 -21.07
N VAL E 246 3.05 -0.20 -22.28
CA VAL E 246 2.59 0.49 -23.49
C VAL E 246 1.06 0.47 -23.55
N LEU E 247 0.46 -0.67 -23.22
CA LEU E 247 -1.00 -0.79 -23.30
C LEU E 247 -1.68 -0.01 -22.18
N ASN E 248 -1.29 -0.27 -20.93
CA ASN E 248 -2.02 0.27 -19.79
C ASN E 248 -1.69 1.74 -19.54
N LEU E 249 -0.47 2.17 -19.86
CA LEU E 249 -0.03 3.52 -19.51
C LEU E 249 0.06 4.45 -20.71
N ILE E 250 0.81 4.07 -21.74
CA ILE E 250 1.05 4.98 -22.86
C ILE E 250 -0.22 5.15 -23.70
N ALA E 251 -0.92 4.04 -23.99
CA ALA E 251 -2.03 4.12 -24.94
C ALA E 251 -3.17 5.02 -24.46
N PRO E 252 -3.71 4.86 -23.25
CA PRO E 252 -4.78 5.78 -22.83
C PRO E 252 -4.34 7.23 -22.73
N THR E 253 -3.08 7.47 -22.35
CA THR E 253 -2.58 8.83 -22.27
C THR E 253 -2.57 9.49 -23.64
N ALA E 254 -2.14 8.77 -24.67
CA ALA E 254 -2.15 9.32 -26.02
C ALA E 254 -3.57 9.58 -26.50
N VAL E 255 -4.49 8.66 -26.20
CA VAL E 255 -5.88 8.83 -26.63
C VAL E 255 -6.50 10.05 -25.96
N ILE E 256 -6.29 10.20 -24.65
CA ILE E 256 -6.84 11.34 -23.93
C ILE E 256 -6.29 12.65 -24.48
N THR E 257 -4.99 12.68 -24.78
CA THR E 257 -4.38 13.89 -25.34
C THR E 257 -4.99 14.23 -26.70
N PHE E 258 -5.20 13.22 -27.55
CA PHE E 258 -5.80 13.48 -28.85
C PHE E 258 -7.22 14.00 -28.72
N ILE E 259 -8.02 13.41 -27.82
CA ILE E 259 -9.39 13.85 -27.64
C ILE E 259 -9.43 15.29 -27.14
N SER E 260 -8.55 15.63 -26.20
CA SER E 260 -8.51 16.99 -25.67
C SER E 260 -8.11 18.00 -26.73
N ILE E 261 -7.16 17.63 -27.60
CA ILE E 261 -6.68 18.55 -28.64
C ILE E 261 -7.82 18.93 -29.57
N ILE E 262 -8.64 17.96 -29.96
CA ILE E 262 -9.80 18.26 -30.81
C ILE E 262 -10.78 19.16 -30.08
N GLY E 263 -10.96 18.94 -28.78
CA GLY E 263 -11.88 19.77 -28.01
C GLY E 263 -11.42 21.22 -27.91
N PHE E 264 -10.11 21.43 -27.82
CA PHE E 264 -9.58 22.79 -27.70
C PHE E 264 -9.87 23.61 -28.95
N PHE E 265 -9.74 23.01 -30.13
CA PHE E 265 -9.66 23.75 -31.37
C PHE E 265 -10.79 23.40 -32.33
N THR E 266 -11.96 23.05 -31.79
CA THR E 266 -13.16 22.83 -32.59
C THR E 266 -14.32 23.56 -31.93
N SER E 267 -15.10 24.27 -32.73
CA SER E 267 -16.27 24.99 -32.27
C SER E 267 -17.49 24.54 -33.07
N SER E 268 -18.68 24.84 -32.54
CA SER E 268 -19.91 24.48 -33.20
C SER E 268 -20.33 25.48 -34.27
N SER E 269 -19.67 26.62 -34.36
CA SER E 269 -19.99 27.64 -35.35
C SER E 269 -18.85 28.63 -35.43
N VAL E 270 -18.85 29.43 -36.50
CA VAL E 270 -17.78 30.40 -36.72
C VAL E 270 -18.11 31.79 -36.20
N HIS E 271 -19.41 32.15 -36.11
CA HIS E 271 -19.81 33.51 -35.81
C HIS E 271 -20.54 33.63 -34.47
N ASP E 272 -20.28 32.72 -33.54
CA ASP E 272 -20.77 32.85 -32.17
C ASP E 272 -19.59 32.82 -31.21
N LEU E 273 -19.78 33.45 -30.05
CA LEU E 273 -18.70 33.57 -29.08
C LEU E 273 -18.28 32.20 -28.56
N ARG E 274 -16.98 31.98 -28.49
CA ARG E 274 -16.44 30.72 -28.02
C ARG E 274 -16.49 30.64 -26.50
N GLN E 275 -16.65 29.44 -25.98
CA GLN E 275 -16.64 29.18 -24.55
C GLN E 275 -15.23 28.86 -24.09
N GLU E 276 -14.98 29.08 -22.81
CA GLU E 276 -13.67 28.80 -22.23
C GLU E 276 -13.38 27.31 -22.28
N LYS E 277 -12.15 26.97 -22.65
CA LYS E 277 -11.70 25.59 -22.72
C LYS E 277 -10.65 25.30 -21.65
N ILE E 278 -10.66 26.09 -20.58
CA ILE E 278 -9.71 25.88 -19.50
C ILE E 278 -10.19 24.80 -18.53
N THR E 279 -11.50 24.69 -18.32
CA THR E 279 -12.03 23.58 -17.54
C THR E 279 -11.74 22.25 -18.21
N LEU E 280 -11.67 22.16 -19.59
CA LEU E 280 -11.30 21.00 -20.38
C LEU E 280 -9.82 20.68 -20.22
N GLY E 281 -8.97 21.72 -20.21
CA GLY E 281 -7.55 21.50 -20.01
C GLY E 281 -7.22 20.99 -18.61
N ILE E 282 -7.87 21.57 -17.60
CA ILE E 282 -7.63 21.14 -16.22
C ILE E 282 -8.11 19.71 -16.02
N THR E 283 -9.23 19.26 -16.52
CA THR E 283 -9.64 17.85 -16.41
C THR E 283 -8.71 16.91 -17.14
N THR E 284 -8.14 17.26 -18.26
CA THR E 284 -7.23 16.44 -18.92
C THR E 284 -6.05 16.40 -18.13
N LEU E 285 -5.59 17.43 -17.52
CA LEU E 285 -4.42 17.31 -16.72
C LEU E 285 -4.67 16.50 -15.45
N LEU E 286 -5.81 16.53 -14.80
CA LEU E 286 -6.12 15.61 -13.72
C LEU E 286 -6.05 14.19 -14.17
N SER E 287 -6.63 13.82 -15.24
CA SER E 287 -6.45 12.50 -15.69
C SER E 287 -5.01 12.09 -15.94
N MET E 288 -4.21 12.94 -16.48
CA MET E 288 -2.90 12.52 -16.78
C MET E 288 -2.13 12.47 -15.54
N SER E 289 -2.49 13.21 -14.52
CA SER E 289 -1.84 13.06 -13.27
C SER E 289 -2.21 11.74 -12.79
N ILE E 290 -3.45 11.38 -12.71
CA ILE E 290 -3.76 10.02 -12.30
C ILE E 290 -2.90 8.98 -13.05
N MET E 291 -2.60 9.23 -14.27
CA MET E 291 -1.79 8.27 -14.95
C MET E 291 -0.36 8.26 -14.61
N ILE E 292 0.29 9.36 -14.57
CA ILE E 292 1.62 9.35 -14.08
C ILE E 292 1.65 8.85 -12.65
N PHE E 293 0.60 8.94 -11.87
CA PHE E 293 0.62 8.40 -10.55
C PHE E 293 0.69 6.95 -10.64
N MET E 294 -0.08 6.36 -11.50
CA MET E 294 0.15 4.94 -11.60
C MET E 294 1.40 4.47 -12.33
N VAL E 295 2.29 5.34 -12.83
CA VAL E 295 3.57 4.95 -13.40
C VAL E 295 4.70 5.13 -12.38
N SER E 296 4.48 5.93 -11.34
CA SER E 296 5.46 6.06 -10.26
C SER E 296 5.51 4.83 -9.37
N ASP E 297 4.45 4.01 -9.36
CA ASP E 297 4.45 2.80 -8.56
C ASP E 297 5.52 1.81 -9.05
N LYS E 298 5.50 1.52 -10.34
CA LYS E 298 6.46 0.58 -10.95
C LYS E 298 7.59 1.38 -11.59
N MET E 299 8.24 2.22 -10.78
CA MET E 299 9.44 2.96 -11.16
C MET E 299 10.02 3.62 -9.93
N PRO E 300 11.34 3.68 -9.79
CA PRO E 300 11.95 4.34 -8.62
C PRO E 300 12.01 5.85 -8.83
N SER E 301 12.60 6.48 -7.64
CA SER E 301 12.80 7.92 -7.65
C SER E 301 14.09 8.27 -8.40
N THR E 302 14.08 7.96 -9.70
CA THR E 302 15.25 8.20 -10.54
C THR E 302 15.43 9.70 -10.74
N SER E 303 16.47 10.25 -10.11
CA SER E 303 16.81 11.66 -10.25
C SER E 303 18.08 11.88 -11.07
N THR E 304 18.62 10.83 -11.67
CA THR E 304 19.83 10.94 -12.47
C THR E 304 19.52 11.18 -13.94
N CYS E 305 18.53 10.47 -14.48
CA CYS E 305 18.14 10.60 -15.87
C CYS E 305 16.63 10.84 -15.96
N VAL E 306 16.19 11.17 -17.16
CA VAL E 306 14.77 11.35 -17.46
C VAL E 306 14.32 10.13 -18.26
N PRO E 307 13.48 9.26 -17.70
CA PRO E 307 13.05 8.06 -18.43
C PRO E 307 12.24 8.44 -19.67
N LEU E 308 12.22 7.51 -20.64
CA LEU E 308 11.49 7.75 -21.87
C LEU E 308 10.01 8.01 -21.61
N ILE E 309 9.43 7.27 -20.67
CA ILE E 309 8.03 7.49 -20.32
C ILE E 309 7.85 8.84 -19.64
N ALA E 310 8.85 9.31 -18.90
CA ALA E 310 8.78 10.63 -18.30
C ALA E 310 8.81 11.72 -19.36
N LEU E 311 9.62 11.56 -20.40
CA LEU E 311 9.62 12.50 -21.51
C LEU E 311 8.30 12.45 -22.26
N PHE E 312 7.68 11.27 -22.32
CA PHE E 312 6.38 11.15 -22.96
C PHE E 312 5.32 11.98 -22.23
N TYR E 313 5.22 11.80 -20.91
CA TYR E 313 4.21 12.53 -20.15
C TYR E 313 4.51 14.02 -20.09
N THR E 314 5.80 14.38 -20.11
CA THR E 314 6.16 15.80 -20.15
C THR E 314 5.68 16.44 -21.43
N LEU E 315 5.85 15.77 -22.57
CA LEU E 315 5.41 16.33 -23.84
C LEU E 315 3.89 16.43 -23.93
N MET E 316 3.19 15.40 -23.45
CA MET E 316 1.72 15.44 -23.48
C MET E 316 1.18 16.56 -22.59
N ILE E 317 1.76 16.73 -21.41
CA ILE E 317 1.32 17.80 -20.52
C ILE E 317 1.64 19.17 -21.11
N THR E 318 2.81 19.29 -21.75
CA THR E 318 3.16 20.55 -22.41
C THR E 318 2.19 20.87 -23.54
N ILE E 319 1.82 19.85 -24.32
CA ILE E 319 0.90 20.06 -25.44
C ILE E 319 -0.47 20.52 -24.93
N ILE E 320 -0.96 19.89 -23.85
CA ILE E 320 -2.26 20.28 -23.29
C ILE E 320 -2.18 21.69 -22.73
N SER E 321 -1.08 22.03 -22.05
CA SER E 321 -0.95 23.35 -21.44
C SER E 321 -0.90 24.43 -22.49
N VAL E 322 -0.07 24.25 -23.52
CA VAL E 322 -0.02 25.23 -24.61
C VAL E 322 -1.33 25.20 -25.41
N GLY E 323 -1.93 24.03 -25.58
CA GLY E 323 -3.22 23.96 -26.22
C GLY E 323 -4.29 24.74 -25.49
N THR E 324 -4.24 24.69 -24.14
CA THR E 324 -5.15 25.51 -23.36
C THR E 324 -4.85 27.00 -23.55
N LEU E 325 -3.58 27.36 -23.63
CA LEU E 325 -3.21 28.76 -23.84
C LEU E 325 -3.55 29.20 -25.26
N ALA E 326 -3.40 28.31 -26.24
CA ALA E 326 -3.73 28.65 -27.62
C ALA E 326 -5.24 28.82 -27.79
N ALA E 327 -6.04 28.03 -27.06
CA ALA E 327 -7.47 28.20 -27.13
C ALA E 327 -7.91 29.55 -26.58
N SER E 328 -7.28 30.00 -25.49
CA SER E 328 -7.59 31.31 -24.95
C SER E 328 -7.14 32.42 -25.89
N SER E 329 -6.10 32.17 -26.70
CA SER E 329 -5.68 33.14 -27.70
C SER E 329 -6.73 33.35 -28.77
N VAL E 330 -7.47 32.30 -29.14
CA VAL E 330 -8.53 32.44 -30.13
C VAL E 330 -9.65 33.33 -29.60
N ILE E 331 -9.99 33.21 -28.31
CA ILE E 331 -11.01 34.07 -27.73
C ILE E 331 -10.56 35.52 -27.71
N PHE E 332 -9.27 35.75 -27.46
CA PHE E 332 -8.74 37.11 -27.46
C PHE E 332 -8.87 37.76 -28.83
N VAL E 333 -8.63 37.00 -29.89
CA VAL E 333 -8.74 37.54 -31.25
C VAL E 333 -10.19 37.91 -31.55
N GLN E 334 -11.14 37.09 -31.11
CA GLN E 334 -12.54 37.39 -31.34
C GLN E 334 -12.99 38.63 -30.56
N LYS E 335 -12.43 38.86 -29.38
CA LYS E 335 -12.77 40.05 -28.62
C LYS E 335 -12.27 41.32 -29.28
N LEU E 336 -11.29 41.20 -30.18
CA LEU E 336 -10.82 42.38 -30.91
C LEU E 336 -11.91 42.95 -31.81
N GLY E 337 -12.89 42.12 -32.18
CA GLY E 337 -13.97 42.58 -33.03
C GLY E 337 -14.91 43.56 -32.35
N SER E 338 -15.02 43.46 -31.02
CA SER E 338 -15.93 44.31 -30.26
C SER E 338 -15.33 45.67 -29.93
N ILE E 339 -14.08 45.90 -30.32
CA ILE E 339 -13.39 47.16 -30.07
C ILE E 339 -13.53 48.11 -31.26
N GLY E 340 -14.21 47.67 -32.31
CA GLY E 340 -14.54 48.56 -33.42
C GLY E 340 -13.57 48.55 -34.59
N ASN E 341 -12.28 48.71 -34.33
CA ASN E 341 -11.29 48.80 -35.40
C ASN E 341 -11.24 47.50 -36.20
N PRO E 342 -11.23 47.59 -37.53
CA PRO E 342 -11.21 46.40 -38.37
C PRO E 342 -9.83 45.78 -38.42
N PRO E 343 -9.71 44.53 -38.87
CA PRO E 343 -8.39 43.95 -39.07
C PRO E 343 -7.64 44.65 -40.19
N ALA E 344 -6.32 44.62 -40.09
CA ALA E 344 -5.44 45.29 -41.03
C ALA E 344 -5.56 44.64 -42.41
N SER E 345 -5.01 45.32 -43.43
CA SER E 345 -5.09 44.80 -44.79
C SER E 345 -4.37 43.46 -44.92
N LYS E 346 -3.13 43.39 -44.41
CA LYS E 346 -2.36 42.16 -44.51
C LYS E 346 -3.01 41.02 -43.73
N THR E 347 -3.63 41.34 -42.60
CA THR E 347 -4.27 40.29 -41.79
C THR E 347 -5.34 39.56 -42.57
N MET E 348 -6.21 40.30 -43.27
CA MET E 348 -7.28 39.65 -44.01
C MET E 348 -6.77 39.04 -45.31
N LYS E 349 -5.68 39.58 -45.88
CA LYS E 349 -5.09 38.97 -47.07
C LYS E 349 -4.54 37.59 -46.76
N TRP E 350 -3.76 37.46 -45.68
CA TRP E 350 -3.23 36.15 -45.30
C TRP E 350 -4.32 35.23 -44.77
N THR E 351 -5.29 35.77 -44.04
CA THR E 351 -6.40 34.96 -43.57
C THR E 351 -7.23 34.37 -44.71
N HIS E 352 -7.21 35.01 -45.88
CA HIS E 352 -7.94 34.52 -47.04
C HIS E 352 -7.14 33.56 -47.91
N ARG E 353 -5.82 33.58 -47.83
CA ARG E 353 -5.01 32.71 -48.68
C ARG E 353 -4.51 31.47 -47.95
N ILE E 354 -4.45 31.52 -46.62
CA ILE E 354 -4.21 30.30 -45.83
C ILE E 354 -5.51 29.61 -45.46
N ALA E 355 -6.66 30.20 -45.81
CA ALA E 355 -7.98 29.63 -45.60
C ALA E 355 -8.29 28.47 -46.55
N PRO E 356 -7.83 28.48 -47.81
CA PRO E 356 -8.02 27.28 -48.65
C PRO E 356 -7.06 26.14 -48.33
N PHE E 357 -5.88 26.42 -47.79
CA PHE E 357 -4.95 25.35 -47.48
C PHE E 357 -5.45 24.50 -46.32
N VAL E 358 -5.65 25.09 -45.15
CA VAL E 358 -6.38 24.43 -44.09
C VAL E 358 -7.85 24.35 -44.50
N LEU E 359 -8.49 23.22 -44.22
CA LEU E 359 -9.82 22.94 -44.78
C LEU E 359 -10.86 23.75 -44.02
N ILE E 360 -10.97 25.03 -44.39
CA ILE E 360 -11.99 25.93 -43.85
C ILE E 360 -12.59 26.71 -45.00
N GLN E 361 -13.85 27.13 -44.83
CA GLN E 361 -14.56 27.86 -45.88
C GLN E 361 -15.35 29.00 -45.24
N MET E 362 -15.43 30.11 -45.96
CA MET E 362 -16.08 31.31 -45.44
C MET E 362 -17.58 31.10 -45.33
N PRO E 363 -18.20 31.49 -44.22
CA PRO E 363 -19.65 31.30 -44.07
C PRO E 363 -20.43 32.20 -45.01
N LEU E 364 -21.71 31.84 -45.19
CA LEU E 364 -22.57 32.60 -46.11
C LEU E 364 -22.79 34.03 -45.63
N VAL E 365 -22.96 34.23 -44.32
CA VAL E 365 -23.25 35.56 -43.80
C VAL E 365 -22.08 36.50 -44.07
N MET E 366 -20.85 35.99 -43.99
CA MET E 366 -19.69 36.80 -44.32
C MET E 366 -19.69 37.20 -45.79
N LYS E 367 -20.06 36.27 -46.68
CA LYS E 367 -20.14 36.59 -48.10
C LYS E 367 -21.23 37.62 -48.37
N GLN E 368 -22.38 37.49 -47.69
CA GLN E 368 -23.46 38.44 -47.88
C GLN E 368 -23.05 39.83 -47.41
N ALA E 369 -22.35 39.91 -46.28
CA ALA E 369 -21.87 41.21 -45.81
C ALA E 369 -20.85 41.80 -46.77
N TYR E 370 -19.98 40.97 -47.33
CA TYR E 370 -18.99 41.44 -48.30
C TYR E 370 -19.68 41.99 -49.54
N ALA E 371 -20.67 41.26 -50.06
CA ALA E 371 -21.40 41.73 -51.24
C ALA E 371 -22.19 43.00 -50.94
N LYS E 372 -22.83 43.06 -49.77
CA LYS E 372 -23.61 44.23 -49.41
C LYS E 372 -22.72 45.46 -49.26
N ARG E 373 -21.57 45.31 -48.61
CA ARG E 373 -20.68 46.45 -48.40
C ARG E 373 -20.14 46.97 -49.72
N ALA E 374 -19.70 46.08 -50.60
CA ALA E 374 -19.11 46.50 -51.88
C ALA E 374 -20.14 47.19 -52.75
N LYS E 375 -21.33 46.58 -52.89
CA LYS E 375 -22.35 47.16 -53.75
C LYS E 375 -22.88 48.48 -53.20
N GLU E 376 -23.10 48.55 -51.88
CA GLU E 376 -23.57 49.79 -51.28
C GLU E 376 -22.54 50.90 -51.39
N GLU E 377 -21.26 50.57 -51.17
CA GLU E 377 -20.21 51.57 -51.31
C GLU E 377 -20.09 52.04 -52.75
N LYS E 378 -20.19 51.12 -53.71
CA LYS E 378 -20.04 51.47 -55.12
C LYS E 378 -21.15 52.43 -55.56
N HIS E 379 -22.38 52.16 -55.14
CA HIS E 379 -23.50 52.99 -55.56
C HIS E 379 -23.46 54.35 -54.89
N ARG E 380 -23.19 54.37 -53.58
CA ARG E 380 -23.18 55.64 -52.86
C ARG E 380 -22.02 56.53 -53.28
N LYS E 381 -20.84 55.94 -53.50
CA LYS E 381 -19.69 56.73 -53.93
C LYS E 381 -19.94 57.37 -55.30
N ARG E 382 -20.49 56.60 -56.23
CA ARG E 382 -20.78 57.14 -57.55
C ARG E 382 -21.87 58.20 -57.50
N MET E 383 -22.92 57.97 -56.71
CA MET E 383 -24.00 58.95 -56.60
C MET E 383 -23.52 60.23 -55.94
N SER E 384 -22.71 60.11 -54.88
CA SER E 384 -22.21 61.26 -54.13
C SER E 384 -20.89 61.79 -54.68
N ARG E 385 -20.63 61.58 -55.97
CA ARG E 385 -19.40 62.08 -56.60
C ARG E 385 -19.26 63.58 -56.46
N ASN E 550 -21.16 45.39 -37.65
CA ASN E 550 -21.22 43.95 -37.51
C ASN E 550 -20.41 43.27 -38.60
N ILE E 551 -19.68 44.07 -39.38
CA ILE E 551 -18.72 43.53 -40.34
C ILE E 551 -17.31 43.48 -39.77
N VAL E 552 -16.95 44.39 -38.88
CA VAL E 552 -15.69 44.27 -38.16
C VAL E 552 -15.71 43.02 -37.28
N GLU E 553 -16.84 42.78 -36.60
CA GLU E 553 -16.97 41.55 -35.82
C GLU E 553 -16.89 40.32 -36.72
N LEU E 554 -17.56 40.35 -37.86
CA LEU E 554 -17.56 39.20 -38.75
C LEU E 554 -16.14 38.87 -39.23
N GLU E 555 -15.34 39.90 -39.50
CA GLU E 555 -13.97 39.67 -39.96
C GLU E 555 -13.10 39.06 -38.86
N TRP E 556 -13.29 39.50 -37.61
CA TRP E 556 -12.46 38.99 -36.53
C TRP E 556 -12.84 37.57 -36.12
N ASP E 557 -14.10 37.17 -36.31
CA ASP E 557 -14.46 35.76 -36.18
C ASP E 557 -13.78 34.92 -37.26
N TRP E 558 -13.64 35.47 -38.46
CA TRP E 558 -12.94 34.75 -39.52
C TRP E 558 -11.47 34.55 -39.17
N VAL E 559 -10.82 35.59 -38.64
CA VAL E 559 -9.42 35.45 -38.25
C VAL E 559 -9.28 34.43 -37.13
N ALA E 560 -10.18 34.48 -36.15
CA ALA E 560 -10.16 33.50 -35.07
C ALA E 560 -10.47 32.09 -35.58
N ALA E 561 -11.41 31.99 -36.52
CA ALA E 561 -11.76 30.67 -37.05
C ALA E 561 -10.60 30.05 -37.80
N VAL E 562 -9.88 30.83 -38.60
CA VAL E 562 -8.72 30.32 -39.31
C VAL E 562 -7.58 30.04 -38.33
N LEU E 563 -7.39 30.92 -37.35
CA LEU E 563 -6.36 30.69 -36.35
C LEU E 563 -6.61 29.42 -35.56
N GLU E 564 -7.88 29.11 -35.29
CA GLU E 564 -8.21 27.85 -34.63
C GLU E 564 -7.81 26.66 -35.48
N ARG E 565 -8.03 26.74 -36.79
CA ARG E 565 -7.71 25.62 -37.67
C ARG E 565 -6.21 25.39 -37.77
N VAL E 566 -5.43 26.48 -37.79
CA VAL E 566 -3.97 26.34 -37.80
C VAL E 566 -3.50 25.68 -36.53
N PHE E 567 -4.07 26.06 -35.39
CA PHE E 567 -3.71 25.42 -34.12
C PHE E 567 -4.10 23.95 -34.10
N LEU E 568 -5.26 23.61 -34.66
CA LEU E 568 -5.70 22.23 -34.69
C LEU E 568 -4.75 21.36 -35.51
N ILE E 569 -4.31 21.87 -36.66
CA ILE E 569 -3.38 21.11 -37.51
C ILE E 569 -2.01 21.06 -36.86
N PHE E 570 -1.55 22.17 -36.31
CA PHE E 570 -0.22 22.22 -35.71
C PHE E 570 -0.10 21.27 -34.52
N PHE E 571 -1.07 21.34 -33.59
CA PHE E 571 -0.98 20.51 -32.40
C PHE E 571 -1.20 19.04 -32.71
N THR E 572 -2.02 18.72 -33.72
CA THR E 572 -2.19 17.32 -34.12
C THR E 572 -0.89 16.75 -34.66
N ILE E 573 -0.18 17.52 -35.49
CA ILE E 573 1.10 17.05 -36.03
C ILE E 573 2.13 16.94 -34.91
N CYS E 574 2.15 17.90 -33.99
CA CYS E 574 3.09 17.85 -32.87
C CYS E 574 2.82 16.64 -31.98
N PHE E 575 1.53 16.36 -31.71
CA PHE E 575 1.20 15.20 -30.90
C PHE E 575 1.58 13.90 -31.60
N LEU E 576 1.31 13.81 -32.91
CA LEU E 576 1.64 12.60 -33.65
C LEU E 576 3.14 12.35 -33.67
N PHE E 577 3.93 13.40 -33.89
CA PHE E 577 5.38 13.24 -33.90
C PHE E 577 5.91 12.88 -32.52
N SER E 578 5.33 13.47 -31.48
CA SER E 578 5.80 13.21 -30.11
C SER E 578 5.48 11.78 -29.69
N ALA E 579 4.24 11.35 -29.87
CA ALA E 579 3.83 10.04 -29.38
C ALA E 579 4.48 8.92 -30.19
N ILE E 580 4.40 8.99 -31.52
CA ILE E 580 4.96 7.94 -32.35
C ILE E 580 6.49 7.99 -32.33
N GLY E 581 7.05 9.20 -32.38
CA GLY E 581 8.51 9.32 -32.43
C GLY E 581 9.20 8.79 -31.19
N ILE E 582 8.63 9.07 -30.02
CA ILE E 582 9.24 8.62 -28.77
C ILE E 582 9.11 7.11 -28.63
N ASN E 583 7.92 6.58 -28.91
CA ASN E 583 7.69 5.14 -28.75
C ASN E 583 8.51 4.32 -29.74
N LEU E 584 8.59 4.78 -31.00
CA LEU E 584 9.37 4.04 -31.98
C LEU E 584 10.85 4.08 -31.69
N TYR E 585 11.35 5.17 -31.10
CA TYR E 585 12.75 5.21 -30.69
C TYR E 585 13.01 4.21 -29.56
N GLY E 586 12.09 4.11 -28.61
CA GLY E 586 12.23 3.11 -27.57
C GLY E 586 12.12 1.70 -28.11
N TRP E 587 11.21 1.48 -29.06
CA TRP E 587 11.11 0.18 -29.70
C TRP E 587 12.33 -0.12 -30.55
N TYR E 588 12.96 0.91 -31.13
CA TYR E 588 14.19 0.71 -31.87
C TYR E 588 15.31 0.23 -30.95
N ILE E 589 15.46 0.90 -29.79
CA ILE E 589 16.48 0.49 -28.83
C ILE E 589 16.17 -0.91 -28.30
N TRP E 590 14.89 -1.16 -28.03
CA TRP E 590 14.48 -2.49 -27.56
C TRP E 590 14.79 -3.57 -28.60
N TYR E 591 14.49 -3.29 -29.87
CA TYR E 591 14.68 -4.30 -30.90
C TYR E 591 16.15 -4.55 -31.19
N THR E 592 16.94 -3.49 -31.31
CA THR E 592 18.34 -3.64 -31.71
C THR E 592 19.12 -4.42 -30.66
N GLU E 593 19.00 -4.03 -29.39
CA GLU E 593 19.72 -4.70 -28.32
C GLU E 593 19.12 -6.05 -27.96
N ASN E 594 17.96 -6.41 -28.52
CA ASN E 594 17.40 -7.74 -28.33
C ASN E 594 17.97 -8.73 -29.35
N HIS E 595 17.95 -8.36 -30.63
CA HIS E 595 18.32 -9.28 -31.70
C HIS E 595 19.77 -9.12 -32.15
N PHE E 596 20.55 -8.25 -31.51
CA PHE E 596 21.94 -8.06 -31.88
C PHE E 596 22.91 -8.14 -30.72
N LEU E 597 22.46 -8.55 -29.53
CA LEU E 597 23.36 -8.74 -28.40
C LEU E 597 23.36 -10.21 -27.96
#